data_2LTM
#
_entry.id   2LTM
#
_entity_poly.entity_id   1
_entity_poly.type   'polypeptide(L)'
_entity_poly.pdbx_seq_one_letter_code
;MGHHHHHHSHMFIQTQDTPNPNSLKFIPGKPVLETRTMDFPTPAAAFRSPLARQLFRIEGVKSVFFGPDSITVTKENEEL
DWNLLKPDIYATIMDFFASGLPLVTEE
;
_entity_poly.pdbx_strand_id   A
#
# COMPACT_ATOMS: atom_id res chain seq x y z
N MET A 1 24.34 1.17 6.76
CA MET A 1 24.20 2.42 7.56
C MET A 1 22.85 2.42 8.29
N GLY A 2 22.87 2.84 9.57
CA GLY A 2 21.66 2.84 10.41
C GLY A 2 20.59 3.80 9.90
N HIS A 3 20.97 5.08 9.77
CA HIS A 3 20.10 6.13 9.25
C HIS A 3 19.98 6.04 7.72
N HIS A 4 18.81 6.42 7.19
CA HIS A 4 18.49 6.34 5.74
C HIS A 4 18.66 7.70 5.06
N HIS A 5 18.83 7.67 3.74
CA HIS A 5 18.94 8.88 2.89
C HIS A 5 17.52 9.41 2.56
N HIS A 6 16.85 9.87 3.63
CA HIS A 6 15.42 10.25 3.63
C HIS A 6 15.18 11.63 2.99
N HIS A 7 16.25 12.45 2.95
CA HIS A 7 16.22 13.83 2.39
C HIS A 7 15.68 13.85 0.94
N HIS A 8 15.91 12.75 0.21
CA HIS A 8 15.32 12.53 -1.11
C HIS A 8 15.28 11.01 -1.38
N SER A 9 14.35 10.31 -0.71
CA SER A 9 14.08 8.88 -0.96
C SER A 9 13.08 8.72 -2.12
N HIS A 10 12.20 9.73 -2.28
CA HIS A 10 11.05 9.70 -3.22
C HIS A 10 10.10 8.52 -2.86
N MET A 11 10.03 8.24 -1.55
CA MET A 11 9.24 7.12 -0.99
C MET A 11 7.90 7.64 -0.39
N PHE A 12 7.61 8.92 -0.66
CA PHE A 12 6.43 9.62 -0.16
C PHE A 12 5.24 9.33 -1.07
N ILE A 13 4.14 8.89 -0.46
CA ILE A 13 2.98 8.36 -1.18
C ILE A 13 1.97 9.49 -1.42
N GLN A 14 1.53 9.62 -2.68
CA GLN A 14 0.45 10.54 -3.07
C GLN A 14 -0.84 9.73 -3.25
N THR A 15 -1.96 10.29 -2.80
CA THR A 15 -3.27 9.64 -2.91
C THR A 15 -4.03 10.23 -4.09
N GLN A 16 -4.56 9.34 -4.95
CA GLN A 16 -5.33 9.70 -6.15
C GLN A 16 -6.71 9.04 -6.05
N ASP A 17 -7.77 9.85 -6.19
CA ASP A 17 -9.16 9.42 -5.99
C ASP A 17 -9.67 8.62 -7.21
N THR A 18 -10.61 7.71 -6.97
CA THR A 18 -11.03 6.67 -7.93
C THR A 18 -12.56 6.76 -8.17
N PRO A 19 -13.13 6.03 -9.20
CA PRO A 19 -14.61 5.91 -9.35
C PRO A 19 -15.26 4.91 -8.34
N ASN A 20 -14.67 4.78 -7.14
CA ASN A 20 -15.19 3.90 -6.08
C ASN A 20 -15.06 4.64 -4.73
N PRO A 21 -16.20 4.93 -4.00
CA PRO A 21 -16.14 5.61 -2.67
C PRO A 21 -15.45 4.76 -1.59
N ASN A 22 -15.48 3.43 -1.76
CA ASN A 22 -14.88 2.48 -0.80
C ASN A 22 -13.40 2.21 -1.08
N SER A 23 -12.88 2.62 -2.24
CA SER A 23 -11.48 2.31 -2.62
C SER A 23 -10.69 3.59 -2.91
N LEU A 24 -9.40 3.62 -2.50
CA LEU A 24 -8.47 4.75 -2.76
C LEU A 24 -7.15 4.18 -3.32
N LYS A 25 -6.54 4.93 -4.25
CA LYS A 25 -5.31 4.50 -4.96
C LYS A 25 -4.09 5.26 -4.36
N PHE A 26 -3.05 4.50 -3.99
CA PHE A 26 -1.84 5.03 -3.29
C PHE A 26 -0.59 4.85 -4.19
N ILE A 27 -0.10 5.94 -4.80
CA ILE A 27 1.10 5.91 -5.67
C ILE A 27 2.33 6.24 -4.79
N PRO A 28 3.21 5.24 -4.46
CA PRO A 28 4.39 5.45 -3.57
C PRO A 28 5.55 6.24 -4.21
N GLY A 29 5.51 6.39 -5.54
CA GLY A 29 6.58 7.07 -6.29
C GLY A 29 7.58 6.09 -6.88
N LYS A 30 7.48 4.81 -6.46
CA LYS A 30 8.37 3.71 -6.89
C LYS A 30 7.49 2.52 -7.36
N PRO A 31 7.78 1.93 -8.57
CA PRO A 31 6.97 0.82 -9.13
C PRO A 31 6.98 -0.44 -8.23
N VAL A 32 5.91 -0.62 -7.44
CA VAL A 32 5.74 -1.80 -6.57
C VAL A 32 5.64 -3.09 -7.41
N LEU A 33 4.81 -3.05 -8.48
CA LEU A 33 4.72 -4.13 -9.47
C LEU A 33 4.66 -3.54 -10.88
N GLU A 34 5.85 -3.24 -11.44
CA GLU A 34 6.01 -2.87 -12.85
C GLU A 34 5.90 -4.16 -13.70
N THR A 35 6.52 -5.23 -13.18
CA THR A 35 6.60 -6.56 -13.83
C THR A 35 5.20 -7.19 -14.06
N ARG A 36 4.26 -7.00 -13.09
CA ARG A 36 2.92 -7.62 -13.14
C ARG A 36 1.90 -6.83 -12.29
N THR A 37 0.73 -7.44 -12.03
CA THR A 37 -0.27 -6.97 -11.06
C THR A 37 -0.70 -8.18 -10.20
N MET A 38 -1.03 -7.95 -8.91
CA MET A 38 -1.43 -9.04 -7.97
C MET A 38 -2.56 -8.56 -7.05
N ASP A 39 -3.64 -9.35 -7.01
CA ASP A 39 -4.84 -9.07 -6.22
C ASP A 39 -4.79 -9.82 -4.88
N PHE A 40 -5.30 -9.17 -3.83
CA PHE A 40 -5.46 -9.77 -2.49
C PHE A 40 -6.89 -9.45 -2.00
N PRO A 41 -7.93 -10.23 -2.45
CA PRO A 41 -9.34 -10.00 -2.07
C PRO A 41 -9.59 -10.35 -0.59
N THR A 42 -8.89 -11.39 -0.13
CA THR A 42 -9.05 -11.98 1.20
C THR A 42 -7.77 -11.80 2.04
N PRO A 43 -7.87 -11.74 3.41
CA PRO A 43 -6.70 -11.67 4.32
C PRO A 43 -5.76 -12.88 4.19
N ALA A 44 -6.31 -14.02 3.72
CA ALA A 44 -5.55 -15.26 3.50
C ALA A 44 -4.65 -15.12 2.26
N ALA A 45 -5.22 -14.59 1.15
CA ALA A 45 -4.51 -14.42 -0.15
C ALA A 45 -3.29 -13.49 -0.04
N ALA A 46 -3.29 -12.66 1.02
CA ALA A 46 -2.24 -11.69 1.32
C ALA A 46 -0.86 -12.33 1.55
N PHE A 47 -0.79 -13.68 1.76
CA PHE A 47 0.48 -14.40 2.04
C PHE A 47 1.54 -14.17 0.95
N ARG A 48 1.07 -13.88 -0.27
CA ARG A 48 1.91 -13.70 -1.46
C ARG A 48 2.69 -12.37 -1.47
N SER A 49 2.51 -11.56 -0.42
CA SER A 49 3.23 -10.31 -0.22
C SER A 49 3.32 -10.01 1.28
N PRO A 50 4.54 -9.70 1.83
CA PRO A 50 4.69 -9.26 3.23
C PRO A 50 3.99 -7.91 3.46
N LEU A 51 4.01 -7.05 2.42
CA LEU A 51 3.38 -5.72 2.47
C LEU A 51 1.86 -5.84 2.57
N ALA A 52 1.28 -6.77 1.77
CA ALA A 52 -0.18 -7.00 1.75
C ALA A 52 -0.67 -7.47 3.13
N ARG A 53 0.11 -8.39 3.75
CA ARG A 53 -0.13 -8.89 5.11
C ARG A 53 -0.13 -7.75 6.15
N GLN A 54 0.84 -6.83 6.01
CA GLN A 54 0.99 -5.68 6.92
C GLN A 54 -0.12 -4.63 6.69
N LEU A 55 -0.64 -4.56 5.45
CA LEU A 55 -1.76 -3.66 5.11
C LEU A 55 -3.09 -4.19 5.65
N PHE A 56 -3.28 -5.54 5.67
CA PHE A 56 -4.48 -6.17 6.28
C PHE A 56 -4.48 -6.07 7.83
N ARG A 57 -3.33 -5.66 8.41
CA ARG A 57 -3.21 -5.35 9.86
C ARG A 57 -3.82 -3.98 10.21
N ILE A 58 -4.06 -3.14 9.20
CA ILE A 58 -4.53 -1.76 9.38
C ILE A 58 -6.07 -1.75 9.54
N GLU A 59 -6.56 -1.00 10.54
CA GLU A 59 -7.99 -0.88 10.88
C GLU A 59 -8.81 -0.32 9.69
N GLY A 60 -9.50 -1.21 8.97
CA GLY A 60 -10.42 -0.80 7.90
C GLY A 60 -10.13 -1.43 6.55
N VAL A 61 -9.02 -2.16 6.41
CA VAL A 61 -8.62 -2.74 5.11
C VAL A 61 -9.41 -4.04 4.80
N LYS A 62 -10.30 -3.93 3.81
CA LYS A 62 -11.10 -5.04 3.29
C LYS A 62 -10.28 -5.90 2.32
N SER A 63 -9.56 -5.22 1.42
CA SER A 63 -8.77 -5.86 0.37
C SER A 63 -7.65 -4.92 -0.08
N VAL A 64 -6.57 -5.52 -0.63
CA VAL A 64 -5.42 -4.79 -1.19
C VAL A 64 -5.19 -5.26 -2.64
N PHE A 65 -4.85 -4.33 -3.52
CA PHE A 65 -4.45 -4.63 -4.91
C PHE A 65 -3.13 -3.89 -5.20
N PHE A 66 -2.19 -4.58 -5.85
CA PHE A 66 -0.92 -3.99 -6.30
C PHE A 66 -0.89 -3.88 -7.82
N GLY A 67 -0.39 -2.73 -8.29
CA GLY A 67 -0.30 -2.38 -9.70
C GLY A 67 0.97 -1.56 -9.98
N PRO A 68 1.22 -1.16 -11.27
CA PRO A 68 2.45 -0.39 -11.63
C PRO A 68 2.52 0.97 -10.92
N ASP A 69 3.33 1.02 -9.84
CA ASP A 69 3.53 2.22 -9.01
C ASP A 69 2.18 2.70 -8.44
N SER A 70 1.42 1.74 -7.90
CA SER A 70 0.09 1.99 -7.35
C SER A 70 -0.35 0.84 -6.43
N ILE A 71 -0.96 1.21 -5.30
CA ILE A 71 -1.55 0.27 -4.34
C ILE A 71 -3.00 0.71 -4.09
N THR A 72 -3.97 -0.03 -4.66
CA THR A 72 -5.38 0.33 -4.57
C THR A 72 -6.01 -0.49 -3.42
N VAL A 73 -6.39 0.18 -2.33
CA VAL A 73 -6.91 -0.47 -1.10
C VAL A 73 -8.42 -0.17 -1.00
N THR A 74 -9.20 -1.14 -0.52
CA THR A 74 -10.64 -0.99 -0.30
C THR A 74 -10.93 -1.07 1.22
N LYS A 75 -11.95 -0.30 1.68
CA LYS A 75 -12.37 -0.26 3.09
C LYS A 75 -13.50 -1.28 3.33
N GLU A 76 -13.62 -1.76 4.58
CA GLU A 76 -14.60 -2.81 4.96
C GLU A 76 -16.05 -2.34 4.77
N ASN A 77 -16.29 -1.08 5.15
CA ASN A 77 -17.62 -0.44 5.10
C ASN A 77 -17.46 1.08 4.92
N GLU A 78 -18.54 1.73 4.48
CA GLU A 78 -18.55 3.16 4.11
C GLU A 78 -18.44 4.08 5.33
N GLU A 79 -18.64 3.52 6.54
CA GLU A 79 -18.57 4.28 7.81
C GLU A 79 -17.11 4.65 8.14
N LEU A 80 -16.17 3.96 7.48
CA LEU A 80 -14.74 4.16 7.64
C LEU A 80 -14.25 5.28 6.73
N ASP A 81 -13.64 6.29 7.33
CA ASP A 81 -12.96 7.36 6.59
C ASP A 81 -11.49 6.95 6.39
N TRP A 82 -10.88 7.34 5.26
CA TRP A 82 -9.50 6.94 4.92
C TRP A 82 -8.46 7.56 5.87
N ASN A 83 -8.79 8.70 6.51
CA ASN A 83 -7.89 9.40 7.47
C ASN A 83 -7.57 8.53 8.70
N LEU A 84 -8.43 7.53 8.99
CA LEU A 84 -8.21 6.55 10.06
C LEU A 84 -7.00 5.66 9.69
N LEU A 85 -6.96 5.26 8.40
CA LEU A 85 -5.98 4.31 7.87
C LEU A 85 -4.67 4.99 7.43
N LYS A 86 -4.79 6.17 6.74
CA LYS A 86 -3.68 6.86 6.02
C LYS A 86 -2.35 6.94 6.82
N PRO A 87 -2.30 7.44 8.12
CA PRO A 87 -1.03 7.48 8.91
C PRO A 87 -0.34 6.11 9.03
N ASP A 88 -1.15 5.05 9.22
CA ASP A 88 -0.64 3.68 9.37
C ASP A 88 -0.18 3.15 7.98
N ILE A 89 -0.91 3.54 6.91
CA ILE A 89 -0.59 3.13 5.52
C ILE A 89 0.77 3.70 5.08
N TYR A 90 0.97 5.02 5.30
CA TYR A 90 2.24 5.69 4.97
C TYR A 90 3.40 5.07 5.76
N ALA A 91 3.20 4.94 7.09
CA ALA A 91 4.20 4.39 8.03
C ALA A 91 4.65 2.98 7.62
N THR A 92 3.66 2.09 7.37
CA THR A 92 3.87 0.66 7.06
C THR A 92 4.59 0.44 5.70
N ILE A 93 4.17 1.16 4.65
CA ILE A 93 4.75 1.03 3.30
C ILE A 93 6.19 1.61 3.26
N MET A 94 6.39 2.77 3.92
CA MET A 94 7.75 3.38 4.03
C MET A 94 8.68 2.47 4.87
N ASP A 95 8.11 1.82 5.90
CA ASP A 95 8.82 0.83 6.75
C ASP A 95 9.19 -0.43 5.95
N PHE A 96 8.31 -0.82 5.02
CA PHE A 96 8.50 -2.00 4.15
C PHE A 96 9.72 -1.81 3.23
N PHE A 97 9.79 -0.62 2.61
CA PHE A 97 10.92 -0.24 1.74
C PHE A 97 12.18 0.11 2.55
N ALA A 98 11.98 0.53 3.83
CA ALA A 98 13.09 0.76 4.78
C ALA A 98 13.69 -0.57 5.26
N SER A 99 12.85 -1.62 5.30
CA SER A 99 13.29 -3.00 5.60
C SER A 99 13.91 -3.61 4.33
N GLY A 100 13.42 -3.14 3.16
CA GLY A 100 13.86 -3.63 1.87
C GLY A 100 13.39 -5.05 1.58
N LEU A 101 12.19 -5.39 2.10
CA LEU A 101 11.57 -6.71 1.91
C LEU A 101 11.11 -6.87 0.43
N PRO A 102 11.15 -8.12 -0.15
CA PRO A 102 10.58 -8.41 -1.48
C PRO A 102 9.07 -8.11 -1.51
N LEU A 103 8.61 -7.34 -2.53
CA LEU A 103 7.19 -6.99 -2.72
C LEU A 103 6.35 -8.28 -2.82
N VAL A 104 6.86 -9.26 -3.56
CA VAL A 104 6.21 -10.58 -3.73
C VAL A 104 7.14 -11.69 -3.20
N THR A 105 6.56 -12.63 -2.42
CA THR A 105 7.28 -13.81 -1.91
C THR A 105 7.07 -15.00 -2.87
N GLU A 106 5.80 -15.26 -3.25
CA GLU A 106 5.47 -16.20 -4.35
C GLU A 106 4.17 -15.74 -5.03
N GLU A 107 3.94 -16.21 -6.27
CA GLU A 107 2.71 -15.91 -7.03
C GLU A 107 1.60 -16.97 -6.73
N MET A 1 21.51 -0.16 -19.51
CA MET A 1 20.15 0.36 -19.75
C MET A 1 19.26 0.12 -18.52
N GLY A 2 18.16 0.90 -18.41
CA GLY A 2 17.27 0.86 -17.24
C GLY A 2 17.91 1.45 -16.01
N HIS A 3 18.84 2.42 -16.22
CA HIS A 3 19.68 2.97 -15.15
C HIS A 3 18.91 4.06 -14.39
N HIS A 4 18.19 3.62 -13.35
CA HIS A 4 17.60 4.53 -12.37
C HIS A 4 18.70 5.00 -11.42
N HIS A 5 18.59 6.25 -10.94
CA HIS A 5 19.50 6.79 -9.92
C HIS A 5 19.38 5.97 -8.63
N HIS A 6 18.12 5.66 -8.25
CA HIS A 6 17.77 4.77 -7.13
C HIS A 6 18.47 5.19 -5.82
N HIS A 7 17.90 6.22 -5.19
CA HIS A 7 18.36 6.74 -3.89
C HIS A 7 17.16 7.26 -3.11
N HIS A 8 17.29 7.37 -1.78
CA HIS A 8 16.21 7.90 -0.94
C HIS A 8 16.02 9.40 -1.21
N SER A 9 14.77 9.81 -1.33
CA SER A 9 14.37 11.20 -1.61
C SER A 9 13.23 11.56 -0.63
N HIS A 10 12.52 12.68 -0.85
CA HIS A 10 11.28 12.96 -0.11
C HIS A 10 10.15 12.08 -0.67
N MET A 11 10.18 10.79 -0.24
CA MET A 11 9.22 9.77 -0.66
C MET A 11 7.89 10.00 0.06
N PHE A 12 6.97 10.63 -0.67
CA PHE A 12 5.60 10.85 -0.21
C PHE A 12 4.65 9.94 -0.98
N ILE A 13 3.60 9.46 -0.30
CA ILE A 13 2.57 8.63 -0.90
C ILE A 13 1.35 9.52 -1.18
N GLN A 14 0.99 9.63 -2.47
CA GLN A 14 -0.11 10.53 -2.91
C GLN A 14 -1.35 9.69 -3.21
N THR A 15 -2.51 10.32 -3.12
CA THR A 15 -3.81 9.64 -3.23
C THR A 15 -4.54 10.05 -4.52
N GLN A 16 -4.98 9.05 -5.29
CA GLN A 16 -5.68 9.26 -6.56
C GLN A 16 -7.09 8.68 -6.46
N ASP A 17 -8.06 9.42 -6.98
CA ASP A 17 -9.49 9.12 -6.86
C ASP A 17 -9.91 8.01 -7.82
N THR A 18 -10.83 7.17 -7.34
CA THR A 18 -11.34 5.99 -8.09
C THR A 18 -12.89 6.05 -8.08
N PRO A 19 -13.60 5.46 -9.12
CA PRO A 19 -15.10 5.50 -9.26
C PRO A 19 -15.90 5.33 -7.94
N ASN A 20 -15.45 4.37 -7.11
CA ASN A 20 -16.04 4.11 -5.78
C ASN A 20 -15.15 4.78 -4.70
N PRO A 21 -15.71 5.68 -3.82
CA PRO A 21 -14.95 6.31 -2.71
C PRO A 21 -14.50 5.31 -1.61
N ASN A 22 -15.04 4.07 -1.66
CA ASN A 22 -14.63 2.98 -0.77
C ASN A 22 -13.21 2.47 -1.11
N SER A 23 -12.75 2.77 -2.33
CA SER A 23 -11.39 2.46 -2.78
C SER A 23 -10.62 3.78 -2.96
N LEU A 24 -9.32 3.77 -2.61
CA LEU A 24 -8.41 4.90 -2.83
C LEU A 24 -7.05 4.36 -3.27
N LYS A 25 -6.46 5.01 -4.28
CA LYS A 25 -5.17 4.59 -4.85
C LYS A 25 -4.02 5.33 -4.14
N PHE A 26 -3.09 4.55 -3.57
CA PHE A 26 -1.90 5.07 -2.88
C PHE A 26 -0.66 4.84 -3.76
N ILE A 27 -0.14 5.92 -4.38
CA ILE A 27 1.08 5.86 -5.20
C ILE A 27 2.29 6.10 -4.27
N PRO A 28 3.15 5.06 -4.01
CA PRO A 28 4.37 5.22 -3.17
C PRO A 28 5.54 5.89 -3.92
N GLY A 29 5.35 6.11 -5.24
CA GLY A 29 6.35 6.76 -6.09
C GLY A 29 7.51 5.85 -6.47
N LYS A 30 7.30 4.53 -6.32
CA LYS A 30 8.26 3.48 -6.75
C LYS A 30 7.47 2.28 -7.31
N PRO A 31 7.97 1.60 -8.40
CA PRO A 31 7.26 0.45 -9.03
C PRO A 31 7.24 -0.78 -8.09
N VAL A 32 6.11 -0.99 -7.39
CA VAL A 32 5.92 -2.14 -6.47
C VAL A 32 5.79 -3.45 -7.27
N LEU A 33 5.08 -3.39 -8.41
CA LEU A 33 4.94 -4.49 -9.37
C LEU A 33 4.91 -3.92 -10.78
N GLU A 34 6.10 -3.71 -11.35
CA GLU A 34 6.24 -3.27 -12.75
C GLU A 34 6.09 -4.47 -13.70
N THR A 35 6.53 -5.63 -13.20
CA THR A 35 6.48 -6.92 -13.92
C THR A 35 5.04 -7.43 -14.14
N ARG A 36 4.13 -7.15 -13.19
CA ARG A 36 2.77 -7.74 -13.19
C ARG A 36 1.82 -6.95 -12.28
N THR A 37 0.64 -7.52 -12.02
CA THR A 37 -0.31 -7.06 -11.00
C THR A 37 -0.74 -8.28 -10.15
N MET A 38 -1.11 -8.04 -8.87
CA MET A 38 -1.53 -9.10 -7.94
C MET A 38 -2.70 -8.60 -7.08
N ASP A 39 -3.85 -9.29 -7.21
CA ASP A 39 -5.07 -8.98 -6.46
C ASP A 39 -5.14 -9.81 -5.18
N PHE A 40 -5.57 -9.17 -4.09
CA PHE A 40 -5.75 -9.83 -2.78
C PHE A 40 -7.16 -9.47 -2.26
N PRO A 41 -8.20 -10.28 -2.61
CA PRO A 41 -9.56 -10.10 -2.06
C PRO A 41 -9.64 -10.45 -0.57
N THR A 42 -8.89 -11.49 -0.19
CA THR A 42 -8.93 -12.09 1.15
C THR A 42 -7.53 -11.97 1.82
N PRO A 43 -7.48 -11.93 3.20
CA PRO A 43 -6.22 -12.05 3.96
C PRO A 43 -5.46 -13.37 3.66
N ALA A 44 -6.21 -14.42 3.26
CA ALA A 44 -5.65 -15.75 2.93
C ALA A 44 -4.75 -15.67 1.70
N ALA A 45 -5.25 -15.00 0.62
CA ALA A 45 -4.50 -14.81 -0.64
C ALA A 45 -3.26 -13.90 -0.45
N ALA A 46 -3.29 -13.07 0.61
CA ALA A 46 -2.25 -12.07 0.91
C ALA A 46 -0.91 -12.68 1.32
N PHE A 47 -0.86 -14.02 1.57
CA PHE A 47 0.38 -14.72 1.97
C PHE A 47 1.52 -14.54 0.93
N ARG A 48 1.10 -14.31 -0.32
CA ARG A 48 2.00 -14.15 -1.48
C ARG A 48 2.87 -12.89 -1.39
N SER A 49 2.43 -11.90 -0.58
CA SER A 49 3.13 -10.62 -0.42
C SER A 49 3.14 -10.20 1.06
N PRO A 50 4.33 -10.01 1.69
CA PRO A 50 4.44 -9.58 3.12
C PRO A 50 3.75 -8.24 3.40
N LEU A 51 3.88 -7.28 2.45
CA LEU A 51 3.27 -5.94 2.59
C LEU A 51 1.73 -6.06 2.58
N ALA A 52 1.21 -7.01 1.77
CA ALA A 52 -0.24 -7.27 1.66
C ALA A 52 -0.80 -7.74 3.01
N ARG A 53 -0.07 -8.68 3.67
CA ARG A 53 -0.43 -9.21 5.01
C ARG A 53 -0.44 -8.08 6.05
N GLN A 54 0.52 -7.15 5.93
CA GLN A 54 0.66 -5.99 6.82
C GLN A 54 -0.50 -5.00 6.61
N LEU A 55 -0.93 -4.82 5.35
CA LEU A 55 -2.03 -3.90 5.01
C LEU A 55 -3.39 -4.47 5.52
N PHE A 56 -3.56 -5.79 5.44
CA PHE A 56 -4.76 -6.48 6.00
C PHE A 56 -4.78 -6.45 7.56
N ARG A 57 -3.60 -6.28 8.18
CA ARG A 57 -3.47 -6.08 9.65
C ARG A 57 -4.04 -4.72 10.09
N ILE A 58 -4.20 -3.79 9.14
CA ILE A 58 -4.72 -2.44 9.40
C ILE A 58 -6.24 -2.56 9.49
N GLU A 59 -6.78 -2.37 10.71
CA GLU A 59 -8.22 -2.55 11.01
C GLU A 59 -9.05 -1.51 10.24
N GLY A 60 -9.49 -1.92 9.05
CA GLY A 60 -10.23 -1.07 8.13
C GLY A 60 -10.08 -1.53 6.70
N VAL A 61 -8.93 -2.17 6.38
CA VAL A 61 -8.62 -2.66 5.03
C VAL A 61 -9.37 -3.98 4.74
N LYS A 62 -10.24 -3.95 3.72
CA LYS A 62 -11.06 -5.09 3.30
C LYS A 62 -10.37 -5.89 2.19
N SER A 63 -9.65 -5.19 1.28
CA SER A 63 -8.94 -5.81 0.16
C SER A 63 -7.78 -4.91 -0.33
N VAL A 64 -6.72 -5.56 -0.86
CA VAL A 64 -5.51 -4.88 -1.40
C VAL A 64 -5.28 -5.32 -2.86
N PHE A 65 -4.82 -4.39 -3.70
CA PHE A 65 -4.40 -4.66 -5.09
C PHE A 65 -3.07 -3.93 -5.36
N PHE A 66 -2.03 -4.68 -5.74
CA PHE A 66 -0.75 -4.09 -6.15
C PHE A 66 -0.69 -3.98 -7.69
N GLY A 67 -0.17 -2.85 -8.18
CA GLY A 67 -0.04 -2.56 -9.60
C GLY A 67 1.24 -1.76 -9.90
N PRO A 68 1.57 -1.47 -11.19
CA PRO A 68 2.81 -0.73 -11.56
C PRO A 68 2.83 0.69 -10.96
N ASP A 69 3.71 0.88 -9.95
CA ASP A 69 4.04 2.20 -9.32
C ASP A 69 2.89 2.72 -8.44
N SER A 70 1.81 1.94 -8.31
CA SER A 70 0.59 2.35 -7.60
C SER A 70 -0.04 1.15 -6.88
N ILE A 71 -0.62 1.42 -5.71
CA ILE A 71 -1.35 0.43 -4.89
C ILE A 71 -2.80 0.94 -4.77
N THR A 72 -3.76 0.02 -4.60
CA THR A 72 -5.17 0.38 -4.42
C THR A 72 -5.73 -0.40 -3.22
N VAL A 73 -6.17 0.32 -2.18
CA VAL A 73 -6.71 -0.26 -0.95
C VAL A 73 -8.21 0.08 -0.87
N THR A 74 -9.02 -0.89 -0.45
CA THR A 74 -10.47 -0.70 -0.23
C THR A 74 -10.78 -0.82 1.27
N LYS A 75 -11.72 0.00 1.76
CA LYS A 75 -12.16 0.02 3.18
C LYS A 75 -13.26 -1.02 3.42
N GLU A 76 -13.53 -1.27 4.69
CA GLU A 76 -14.48 -2.28 5.17
C GLU A 76 -15.93 -1.80 4.97
N ASN A 77 -16.21 -0.60 5.49
CA ASN A 77 -17.53 0.06 5.42
C ASN A 77 -17.32 1.57 5.24
N GLU A 78 -18.36 2.25 4.74
CA GLU A 78 -18.33 3.69 4.37
C GLU A 78 -18.10 4.60 5.59
N GLU A 79 -18.35 4.07 6.80
CA GLU A 79 -18.20 4.80 8.07
C GLU A 79 -16.71 5.03 8.40
N LEU A 80 -15.81 4.32 7.71
CA LEU A 80 -14.37 4.50 7.85
C LEU A 80 -13.91 5.67 6.99
N ASP A 81 -13.36 6.66 7.65
CA ASP A 81 -12.67 7.78 7.00
C ASP A 81 -11.23 7.34 6.69
N TRP A 82 -10.72 7.73 5.51
CA TRP A 82 -9.36 7.36 5.09
C TRP A 82 -8.28 7.98 5.99
N ASN A 83 -8.57 9.14 6.61
CA ASN A 83 -7.61 9.83 7.52
C ASN A 83 -7.27 8.96 8.76
N LEU A 84 -8.11 7.96 9.05
CA LEU A 84 -7.87 6.98 10.12
C LEU A 84 -6.76 5.99 9.65
N LEU A 85 -6.96 5.42 8.45
CA LEU A 85 -6.08 4.35 7.90
C LEU A 85 -4.73 4.92 7.41
N LYS A 86 -4.79 6.02 6.63
CA LYS A 86 -3.65 6.58 5.86
C LYS A 86 -2.33 6.75 6.67
N PRO A 87 -2.31 7.37 7.91
CA PRO A 87 -1.08 7.47 8.73
C PRO A 87 -0.43 6.08 9.00
N ASP A 88 -1.28 5.05 9.20
CA ASP A 88 -0.81 3.67 9.44
C ASP A 88 -0.33 3.01 8.12
N ILE A 89 -1.08 3.26 7.01
CA ILE A 89 -0.76 2.72 5.66
C ILE A 89 0.61 3.26 5.20
N TYR A 90 0.83 4.55 5.44
CA TYR A 90 2.07 5.24 5.09
C TYR A 90 3.21 4.71 5.93
N ALA A 91 2.98 4.56 7.25
CA ALA A 91 3.97 4.00 8.18
C ALA A 91 4.40 2.57 7.76
N THR A 92 3.40 1.75 7.37
CA THR A 92 3.60 0.35 6.93
C THR A 92 4.49 0.28 5.67
N ILE A 93 4.11 1.07 4.64
CA ILE A 93 4.77 1.08 3.32
C ILE A 93 6.21 1.66 3.41
N MET A 94 6.35 2.83 4.07
CA MET A 94 7.68 3.51 4.18
C MET A 94 8.68 2.67 4.98
N ASP A 95 8.22 2.06 6.10
CA ASP A 95 9.05 1.16 6.93
C ASP A 95 9.54 -0.04 6.11
N PHE A 96 8.60 -0.67 5.39
CA PHE A 96 8.83 -1.88 4.56
C PHE A 96 9.88 -1.60 3.46
N PHE A 97 9.76 -0.41 2.84
CA PHE A 97 10.64 0.04 1.74
C PHE A 97 12.02 0.45 2.28
N ALA A 98 12.03 1.04 3.49
CA ALA A 98 13.27 1.46 4.18
C ALA A 98 14.07 0.24 4.67
N SER A 99 13.35 -0.86 4.93
CA SER A 99 13.95 -2.15 5.29
C SER A 99 14.44 -2.88 4.03
N GLY A 100 13.77 -2.58 2.90
CA GLY A 100 14.11 -3.17 1.61
C GLY A 100 13.67 -4.62 1.50
N LEU A 101 12.55 -4.95 2.18
CA LEU A 101 11.98 -6.31 2.19
C LEU A 101 11.36 -6.64 0.82
N PRO A 102 11.32 -7.95 0.40
CA PRO A 102 10.68 -8.36 -0.86
C PRO A 102 9.18 -8.02 -0.84
N LEU A 103 8.77 -7.13 -1.77
CA LEU A 103 7.37 -6.68 -1.94
C LEU A 103 6.44 -7.91 -2.07
N VAL A 104 6.85 -8.83 -2.94
CA VAL A 104 6.19 -10.12 -3.17
C VAL A 104 7.20 -11.25 -2.92
N THR A 105 6.77 -12.31 -2.21
CA THR A 105 7.58 -13.52 -1.99
C THR A 105 7.16 -14.62 -2.99
N GLU A 106 5.84 -14.87 -3.07
CA GLU A 106 5.26 -15.97 -3.90
C GLU A 106 4.34 -15.40 -4.99
N GLU A 107 4.35 -16.02 -6.19
CA GLU A 107 3.53 -15.59 -7.33
C GLU A 107 2.05 -16.04 -7.17
N MET A 1 25.80 -0.72 11.23
CA MET A 1 26.56 -0.65 12.50
C MET A 1 25.66 -0.11 13.63
N GLY A 2 25.29 1.17 13.53
CA GLY A 2 24.39 1.81 14.50
C GLY A 2 22.93 1.71 14.06
N HIS A 3 22.01 1.85 15.01
CA HIS A 3 20.55 1.79 14.73
C HIS A 3 20.08 3.09 14.09
N HIS A 4 19.02 2.99 13.30
CA HIS A 4 18.47 4.13 12.56
C HIS A 4 17.47 4.88 13.45
N HIS A 5 17.99 5.82 14.26
CA HIS A 5 17.17 6.80 15.02
C HIS A 5 17.13 8.13 14.24
N HIS A 6 17.39 8.04 12.93
CA HIS A 6 17.30 9.14 11.97
C HIS A 6 16.54 8.61 10.75
N HIS A 7 15.19 8.73 10.78
CA HIS A 7 14.34 8.18 9.71
C HIS A 7 14.50 9.02 8.42
N HIS A 8 15.43 8.57 7.57
CA HIS A 8 15.73 9.19 6.27
C HIS A 8 14.95 8.47 5.16
N SER A 9 13.70 8.07 5.50
CA SER A 9 12.79 7.36 4.60
C SER A 9 12.38 8.28 3.43
N HIS A 10 13.18 8.24 2.36
CA HIS A 10 12.99 9.07 1.16
C HIS A 10 11.83 8.50 0.32
N MET A 11 10.62 8.68 0.86
CA MET A 11 9.37 8.09 0.37
C MET A 11 8.25 9.12 0.46
N PHE A 12 7.70 9.52 -0.69
CA PHE A 12 6.46 10.31 -0.77
C PHE A 12 5.34 9.35 -1.20
N ILE A 13 4.20 9.41 -0.51
CA ILE A 13 3.02 8.62 -0.85
C ILE A 13 1.84 9.59 -1.02
N GLN A 14 1.41 9.78 -2.27
CA GLN A 14 0.34 10.72 -2.63
C GLN A 14 -0.95 9.93 -2.90
N THR A 15 -2.09 10.57 -2.66
CA THR A 15 -3.41 9.98 -2.91
C THR A 15 -4.01 10.55 -4.19
N GLN A 16 -4.63 9.66 -4.99
CA GLN A 16 -5.35 10.03 -6.21
C GLN A 16 -6.77 9.44 -6.17
N ASP A 17 -7.74 10.23 -6.66
CA ASP A 17 -9.15 9.82 -6.77
C ASP A 17 -9.31 8.55 -7.63
N THR A 18 -10.02 7.58 -7.06
CA THR A 18 -10.26 6.24 -7.64
C THR A 18 -11.78 6.13 -7.92
N PRO A 19 -12.23 5.42 -9.02
CA PRO A 19 -13.66 5.41 -9.46
C PRO A 19 -14.66 4.99 -8.35
N ASN A 20 -14.24 4.02 -7.50
CA ASN A 20 -15.00 3.67 -6.27
C ASN A 20 -14.48 4.51 -5.08
N PRO A 21 -15.38 5.17 -4.28
CA PRO A 21 -14.97 5.91 -3.04
C PRO A 21 -14.51 4.98 -1.90
N ASN A 22 -14.91 3.68 -1.97
CA ASN A 22 -14.43 2.65 -1.00
C ASN A 22 -12.96 2.27 -1.30
N SER A 23 -12.53 2.50 -2.55
CA SER A 23 -11.15 2.23 -2.99
C SER A 23 -10.39 3.56 -3.08
N LEU A 24 -9.09 3.54 -2.73
CA LEU A 24 -8.22 4.71 -2.87
C LEU A 24 -6.83 4.27 -3.34
N LYS A 25 -6.31 4.97 -4.37
CA LYS A 25 -5.00 4.72 -4.95
C LYS A 25 -3.92 5.56 -4.21
N PHE A 26 -2.99 4.86 -3.57
CA PHE A 26 -1.81 5.44 -2.91
C PHE A 26 -0.59 5.19 -3.81
N ILE A 27 -0.05 6.24 -4.43
CA ILE A 27 1.18 6.14 -5.25
C ILE A 27 2.39 6.31 -4.31
N PRO A 28 3.18 5.22 -4.04
CA PRO A 28 4.34 5.28 -3.12
C PRO A 28 5.61 5.85 -3.77
N GLY A 29 5.50 6.27 -5.05
CA GLY A 29 6.64 6.77 -5.82
C GLY A 29 7.46 5.64 -6.44
N LYS A 30 8.00 4.76 -5.56
CA LYS A 30 8.80 3.60 -5.97
C LYS A 30 7.89 2.51 -6.59
N PRO A 31 8.31 1.89 -7.74
CA PRO A 31 7.57 0.79 -8.42
C PRO A 31 7.24 -0.40 -7.49
N VAL A 32 6.04 -1.02 -7.67
CA VAL A 32 5.58 -2.15 -6.83
C VAL A 32 5.36 -3.43 -7.69
N LEU A 33 4.48 -3.38 -8.72
CA LEU A 33 4.13 -4.55 -9.57
C LEU A 33 3.80 -4.10 -11.00
N GLU A 34 4.83 -4.02 -11.85
CA GLU A 34 4.72 -3.63 -13.26
C GLU A 34 4.74 -4.89 -14.13
N THR A 35 5.50 -5.89 -13.66
CA THR A 35 5.63 -7.21 -14.30
C THR A 35 4.27 -7.98 -14.31
N ARG A 36 3.40 -7.66 -13.33
CA ARG A 36 2.10 -8.32 -13.14
C ARG A 36 1.17 -7.42 -12.33
N THR A 37 -0.13 -7.75 -12.33
CA THR A 37 -1.12 -7.17 -11.40
C THR A 37 -1.56 -8.27 -10.43
N MET A 38 -1.78 -7.93 -9.15
CA MET A 38 -2.12 -8.90 -8.10
C MET A 38 -3.14 -8.29 -7.13
N ASP A 39 -4.24 -9.01 -6.90
CA ASP A 39 -5.29 -8.63 -5.95
C ASP A 39 -5.31 -9.62 -4.79
N PHE A 40 -5.65 -9.10 -3.61
CA PHE A 40 -5.81 -9.86 -2.37
C PHE A 40 -7.19 -9.51 -1.80
N PRO A 41 -8.26 -10.29 -2.14
CA PRO A 41 -9.62 -10.04 -1.61
C PRO A 41 -9.70 -10.39 -0.10
N THR A 42 -8.88 -11.37 0.29
CA THR A 42 -8.83 -11.93 1.65
C THR A 42 -7.38 -11.88 2.17
N PRO A 43 -7.17 -11.88 3.53
CA PRO A 43 -5.81 -11.96 4.13
C PRO A 43 -5.17 -13.34 3.93
N ALA A 44 -6.02 -14.33 3.55
CA ALA A 44 -5.61 -15.71 3.31
C ALA A 44 -4.78 -15.82 2.00
N ALA A 45 -5.15 -14.99 1.00
CA ALA A 45 -4.44 -14.92 -0.30
C ALA A 45 -3.20 -14.01 -0.22
N ALA A 46 -3.13 -13.20 0.87
CA ALA A 46 -2.06 -12.21 1.07
C ALA A 46 -0.68 -12.81 1.41
N PHE A 47 -0.59 -14.15 1.55
CA PHE A 47 0.68 -14.86 1.88
C PHE A 47 1.80 -14.59 0.85
N ARG A 48 1.41 -14.27 -0.39
CA ARG A 48 2.35 -14.01 -1.50
C ARG A 48 3.09 -12.67 -1.33
N SER A 49 2.56 -11.77 -0.48
CA SER A 49 3.14 -10.45 -0.22
C SER A 49 3.17 -10.14 1.29
N PRO A 50 4.38 -9.93 1.90
CA PRO A 50 4.50 -9.48 3.30
C PRO A 50 3.78 -8.13 3.55
N LEU A 51 3.88 -7.19 2.56
CA LEU A 51 3.28 -5.84 2.68
C LEU A 51 1.75 -5.94 2.73
N ALA A 52 1.17 -6.83 1.90
CA ALA A 52 -0.29 -7.04 1.85
C ALA A 52 -0.84 -7.47 3.21
N ARG A 53 -0.15 -8.44 3.86
CA ARG A 53 -0.52 -8.94 5.20
C ARG A 53 -0.43 -7.83 6.26
N GLN A 54 0.59 -6.96 6.13
CA GLN A 54 0.81 -5.84 7.07
C GLN A 54 -0.29 -4.76 6.91
N LEU A 55 -0.79 -4.60 5.67
CA LEU A 55 -1.89 -3.67 5.37
C LEU A 55 -3.25 -4.24 5.88
N PHE A 56 -3.42 -5.57 5.82
CA PHE A 56 -4.64 -6.25 6.37
C PHE A 56 -4.69 -6.14 7.92
N ARG A 57 -3.52 -5.90 8.56
CA ARG A 57 -3.42 -5.68 10.02
C ARG A 57 -4.17 -4.40 10.44
N ILE A 58 -4.38 -3.47 9.49
CA ILE A 58 -4.99 -2.17 9.72
C ILE A 58 -6.52 -2.35 9.76
N GLU A 59 -7.13 -2.09 10.93
CA GLU A 59 -8.56 -2.31 11.15
C GLU A 59 -9.41 -1.39 10.24
N GLY A 60 -9.91 -1.97 9.14
CA GLY A 60 -10.70 -1.24 8.15
C GLY A 60 -10.41 -1.69 6.73
N VAL A 61 -9.27 -2.36 6.50
CA VAL A 61 -8.84 -2.80 5.17
C VAL A 61 -9.58 -4.08 4.74
N LYS A 62 -10.43 -3.93 3.72
CA LYS A 62 -11.21 -5.02 3.12
C LYS A 62 -10.33 -5.90 2.25
N SER A 63 -9.55 -5.24 1.40
CA SER A 63 -8.78 -5.86 0.32
C SER A 63 -7.57 -4.98 -0.02
N VAL A 64 -6.47 -5.64 -0.41
CA VAL A 64 -5.25 -4.96 -0.87
C VAL A 64 -5.03 -5.31 -2.35
N PHE A 65 -4.71 -4.30 -3.16
CA PHE A 65 -4.40 -4.47 -4.59
C PHE A 65 -3.07 -3.77 -4.89
N PHE A 66 -2.23 -4.42 -5.68
CA PHE A 66 -0.99 -3.83 -6.20
C PHE A 66 -1.07 -3.78 -7.73
N GLY A 67 -0.79 -2.60 -8.27
CA GLY A 67 -0.78 -2.35 -9.71
C GLY A 67 0.51 -1.67 -10.13
N PRO A 68 0.75 -1.43 -11.45
CA PRO A 68 1.98 -0.76 -11.92
C PRO A 68 2.09 0.68 -11.36
N ASP A 69 3.23 0.96 -10.69
CA ASP A 69 3.61 2.30 -10.13
C ASP A 69 2.94 2.60 -8.77
N SER A 70 1.74 2.04 -8.52
CA SER A 70 0.90 2.44 -7.38
C SER A 70 0.21 1.25 -6.70
N ILE A 71 -0.36 1.53 -5.53
CA ILE A 71 -1.11 0.58 -4.69
C ILE A 71 -2.55 1.09 -4.57
N THR A 72 -3.53 0.19 -4.42
CA THR A 72 -4.93 0.55 -4.18
C THR A 72 -5.45 -0.28 -2.99
N VAL A 73 -5.85 0.42 -1.91
CA VAL A 73 -6.41 -0.22 -0.71
C VAL A 73 -7.93 0.08 -0.69
N THR A 74 -8.73 -0.91 -0.31
CA THR A 74 -10.19 -0.77 -0.21
C THR A 74 -10.60 -0.89 1.27
N LYS A 75 -11.60 -0.09 1.69
CA LYS A 75 -12.19 -0.14 3.04
C LYS A 75 -13.36 -1.14 3.04
N GLU A 76 -13.69 -1.70 4.22
CA GLU A 76 -14.74 -2.73 4.35
C GLU A 76 -16.14 -2.14 4.10
N ASN A 77 -16.49 -1.12 4.89
CA ASN A 77 -17.80 -0.44 4.78
C ASN A 77 -17.57 1.06 4.55
N GLU A 78 -18.61 1.74 4.06
CA GLU A 78 -18.56 3.17 3.66
C GLU A 78 -18.30 4.10 4.86
N GLU A 79 -18.69 3.65 6.06
CA GLU A 79 -18.59 4.45 7.30
C GLU A 79 -17.15 4.49 7.85
N LEU A 80 -16.23 3.75 7.21
CA LEU A 80 -14.80 3.81 7.51
C LEU A 80 -14.17 5.00 6.79
N ASP A 81 -13.66 5.94 7.57
CA ASP A 81 -13.01 7.16 7.10
C ASP A 81 -11.51 6.92 6.83
N TRP A 82 -11.02 7.39 5.65
CA TRP A 82 -9.63 7.16 5.20
C TRP A 82 -8.58 7.81 6.12
N ASN A 83 -8.90 8.96 6.76
CA ASN A 83 -7.92 9.69 7.62
C ASN A 83 -7.42 8.81 8.78
N LEU A 84 -8.22 7.79 9.16
CA LEU A 84 -7.88 6.86 10.24
C LEU A 84 -6.84 5.82 9.77
N LEU A 85 -7.03 5.31 8.54
CA LEU A 85 -6.16 4.26 7.97
C LEU A 85 -4.85 4.84 7.40
N LYS A 86 -4.91 6.04 6.79
CA LYS A 86 -3.77 6.66 6.08
C LYS A 86 -2.43 6.71 6.88
N PRO A 87 -2.38 7.22 8.18
CA PRO A 87 -1.11 7.26 8.95
C PRO A 87 -0.48 5.86 9.09
N ASP A 88 -1.37 4.85 9.19
CA ASP A 88 -1.01 3.43 9.30
C ASP A 88 -0.47 2.90 7.95
N ILE A 89 -1.17 3.24 6.85
CA ILE A 89 -0.83 2.77 5.49
C ILE A 89 0.53 3.34 5.05
N TYR A 90 0.76 4.63 5.35
CA TYR A 90 2.00 5.34 5.00
C TYR A 90 3.17 4.78 5.81
N ALA A 91 2.97 4.63 7.14
CA ALA A 91 4.00 4.11 8.05
C ALA A 91 4.46 2.69 7.62
N THR A 92 3.47 1.84 7.28
CA THR A 92 3.71 0.45 6.84
C THR A 92 4.53 0.41 5.52
N ILE A 93 4.10 1.19 4.51
CA ILE A 93 4.75 1.22 3.18
C ILE A 93 6.18 1.80 3.27
N MET A 94 6.33 2.99 3.91
CA MET A 94 7.64 3.65 4.06
C MET A 94 8.66 2.73 4.77
N ASP A 95 8.22 2.11 5.88
CA ASP A 95 9.04 1.17 6.68
C ASP A 95 9.43 -0.08 5.86
N PHE A 96 8.47 -0.58 5.06
CA PHE A 96 8.65 -1.79 4.24
C PHE A 96 9.77 -1.58 3.19
N PHE A 97 9.79 -0.38 2.60
CA PHE A 97 10.79 0.03 1.58
C PHE A 97 12.11 0.46 2.26
N ALA A 98 12.01 1.01 3.48
CA ALA A 98 13.18 1.39 4.32
C ALA A 98 13.92 0.13 4.81
N SER A 99 13.15 -0.96 4.97
CA SER A 99 13.68 -2.28 5.30
C SER A 99 14.23 -2.93 4.02
N GLY A 100 13.49 -2.71 2.91
CA GLY A 100 13.86 -3.22 1.59
C GLY A 100 13.44 -4.67 1.37
N LEU A 101 12.33 -5.07 2.00
CA LEU A 101 11.75 -6.42 1.86
C LEU A 101 11.10 -6.58 0.46
N PRO A 102 11.20 -7.80 -0.17
CA PRO A 102 10.52 -8.11 -1.46
C PRO A 102 9.00 -7.81 -1.40
N LEU A 103 8.55 -6.94 -2.32
CA LEU A 103 7.14 -6.51 -2.45
C LEU A 103 6.21 -7.73 -2.52
N VAL A 104 6.61 -8.70 -3.36
CA VAL A 104 5.93 -10.00 -3.50
C VAL A 104 7.00 -11.10 -3.50
N THR A 105 6.89 -12.02 -2.54
CA THR A 105 7.82 -13.14 -2.36
C THR A 105 7.47 -14.30 -3.32
N GLU A 106 6.22 -14.81 -3.25
CA GLU A 106 5.76 -15.89 -4.15
C GLU A 106 4.97 -15.28 -5.32
N GLU A 107 5.67 -14.97 -6.41
CA GLU A 107 5.07 -14.52 -7.66
C GLU A 107 4.53 -15.73 -8.45
N MET A 1 35.06 12.92 1.65
CA MET A 1 33.64 12.46 1.65
C MET A 1 33.20 12.17 0.21
N GLY A 2 32.36 11.13 0.04
CA GLY A 2 31.73 10.80 -1.24
C GLY A 2 30.29 11.31 -1.29
N HIS A 3 29.60 11.04 -2.42
CA HIS A 3 28.21 11.51 -2.63
C HIS A 3 27.22 10.69 -1.77
N HIS A 4 26.73 11.31 -0.69
CA HIS A 4 25.71 10.72 0.19
C HIS A 4 24.32 11.01 -0.37
N HIS A 5 23.49 9.96 -0.52
CA HIS A 5 22.09 10.09 -0.98
C HIS A 5 21.20 10.46 0.23
N HIS A 6 21.51 11.65 0.80
CA HIS A 6 20.86 12.20 2.00
C HIS A 6 19.37 12.46 1.73
N HIS A 7 18.54 12.43 2.80
CA HIS A 7 17.08 12.26 2.69
C HIS A 7 16.80 10.85 2.08
N HIS A 8 17.38 9.83 2.72
CA HIS A 8 17.31 8.42 2.25
C HIS A 8 15.88 7.86 2.37
N SER A 9 15.17 8.27 3.41
CA SER A 9 13.78 7.83 3.68
C SER A 9 12.76 8.92 3.21
N HIS A 10 13.17 9.79 2.26
CA HIS A 10 12.31 10.83 1.67
C HIS A 10 11.26 10.16 0.75
N MET A 11 10.15 9.72 1.35
CA MET A 11 9.06 9.03 0.66
C MET A 11 7.81 9.92 0.66
N PHE A 12 7.39 10.34 -0.53
CA PHE A 12 6.13 11.06 -0.75
C PHE A 12 5.14 10.13 -1.49
N ILE A 13 4.09 9.72 -0.77
CA ILE A 13 3.01 8.88 -1.31
C ILE A 13 1.90 9.81 -1.86
N GLN A 14 1.61 9.63 -3.15
CA GLN A 14 0.62 10.42 -3.89
C GLN A 14 -0.68 9.61 -3.93
N THR A 15 -1.76 10.13 -3.37
CA THR A 15 -3.05 9.42 -3.34
C THR A 15 -3.98 9.96 -4.43
N GLN A 16 -4.64 9.03 -5.13
CA GLN A 16 -5.54 9.31 -6.23
C GLN A 16 -6.84 8.52 -5.97
N ASP A 17 -8.00 9.17 -6.17
CA ASP A 17 -9.31 8.52 -5.95
C ASP A 17 -9.61 7.53 -7.09
N THR A 18 -10.45 6.54 -6.81
CA THR A 18 -10.77 5.43 -7.71
C THR A 18 -12.29 5.41 -7.98
N PRO A 19 -12.80 4.67 -9.05
CA PRO A 19 -14.27 4.54 -9.37
C PRO A 19 -15.22 4.42 -8.15
N ASN A 20 -14.75 3.74 -7.09
CA ASN A 20 -15.45 3.62 -5.79
C ASN A 20 -14.67 4.40 -4.73
N PRO A 21 -15.31 5.35 -3.96
CA PRO A 21 -14.61 6.15 -2.91
C PRO A 21 -14.19 5.30 -1.68
N ASN A 22 -14.77 4.09 -1.56
CA ASN A 22 -14.46 3.14 -0.47
C ASN A 22 -13.05 2.52 -0.70
N SER A 23 -12.50 2.74 -1.90
CA SER A 23 -11.13 2.35 -2.27
C SER A 23 -10.31 3.60 -2.63
N LEU A 24 -9.00 3.55 -2.36
CA LEU A 24 -8.05 4.66 -2.65
C LEU A 24 -6.75 4.08 -3.23
N LYS A 25 -6.15 4.82 -4.17
CA LYS A 25 -4.92 4.43 -4.89
C LYS A 25 -3.70 5.15 -4.26
N PHE A 26 -2.73 4.37 -3.76
CA PHE A 26 -1.52 4.89 -3.09
C PHE A 26 -0.30 4.70 -4.01
N ILE A 27 0.22 5.79 -4.57
CA ILE A 27 1.44 5.78 -5.40
C ILE A 27 2.64 6.03 -4.47
N PRO A 28 3.48 5.00 -4.13
CA PRO A 28 4.61 5.17 -3.17
C PRO A 28 5.82 5.92 -3.77
N GLY A 29 5.73 6.25 -5.09
CA GLY A 29 6.81 6.92 -5.81
C GLY A 29 7.87 5.94 -6.33
N LYS A 30 7.55 4.63 -6.28
CA LYS A 30 8.43 3.55 -6.76
C LYS A 30 7.62 2.53 -7.60
N PRO A 31 8.25 1.93 -8.67
CA PRO A 31 7.63 0.86 -9.47
C PRO A 31 7.55 -0.46 -8.68
N VAL A 32 6.49 -0.60 -7.87
CA VAL A 32 6.26 -1.77 -7.00
C VAL A 32 6.02 -3.06 -7.82
N LEU A 33 5.07 -3.00 -8.76
CA LEU A 33 4.72 -4.09 -9.66
C LEU A 33 4.37 -3.52 -11.04
N GLU A 34 5.38 -3.02 -11.74
CA GLU A 34 5.25 -2.62 -13.15
C GLU A 34 5.16 -3.88 -14.06
N THR A 35 5.71 -5.00 -13.57
CA THR A 35 5.77 -6.29 -14.27
C THR A 35 4.36 -6.90 -14.44
N ARG A 36 3.50 -6.76 -13.41
CA ARG A 36 2.15 -7.35 -13.39
C ARG A 36 1.27 -6.66 -12.33
N THR A 37 0.04 -7.15 -12.20
CA THR A 37 -0.87 -6.78 -11.11
C THR A 37 -1.12 -8.02 -10.24
N MET A 38 -1.31 -7.83 -8.92
CA MET A 38 -1.56 -8.93 -7.97
C MET A 38 -2.70 -8.53 -7.01
N ASP A 39 -3.86 -9.13 -7.24
CA ASP A 39 -5.07 -8.90 -6.41
C ASP A 39 -5.02 -9.78 -5.16
N PHE A 40 -5.46 -9.21 -4.02
CA PHE A 40 -5.64 -9.91 -2.74
C PHE A 40 -7.08 -9.64 -2.27
N PRO A 41 -8.08 -10.42 -2.78
CA PRO A 41 -9.52 -10.21 -2.44
C PRO A 41 -9.84 -10.63 -0.99
N THR A 42 -9.02 -11.55 -0.46
CA THR A 42 -9.14 -12.08 0.90
C THR A 42 -7.78 -11.93 1.63
N PRO A 43 -7.78 -11.78 3.00
CA PRO A 43 -6.55 -11.84 3.82
C PRO A 43 -5.80 -13.18 3.67
N ALA A 44 -6.54 -14.25 3.31
CA ALA A 44 -5.97 -15.58 3.03
C ALA A 44 -5.08 -15.56 1.76
N ALA A 45 -5.49 -14.75 0.77
CA ALA A 45 -4.78 -14.61 -0.52
C ALA A 45 -3.43 -13.86 -0.37
N ALA A 46 -3.32 -13.08 0.72
CA ALA A 46 -2.21 -12.13 0.93
C ALA A 46 -0.85 -12.79 1.23
N PHE A 47 -0.80 -14.14 1.37
CA PHE A 47 0.45 -14.88 1.69
C PHE A 47 1.57 -14.61 0.65
N ARG A 48 1.14 -14.31 -0.59
CA ARG A 48 2.03 -14.03 -1.74
C ARG A 48 2.91 -12.77 -1.53
N SER A 49 2.51 -11.88 -0.61
CA SER A 49 3.24 -10.62 -0.34
C SER A 49 3.24 -10.31 1.17
N PRO A 50 4.43 -9.92 1.75
CA PRO A 50 4.53 -9.53 3.18
C PRO A 50 3.75 -8.25 3.48
N LEU A 51 3.87 -7.25 2.57
CA LEU A 51 3.24 -5.93 2.73
C LEU A 51 1.72 -6.05 2.66
N ALA A 52 1.22 -6.94 1.78
CA ALA A 52 -0.22 -7.21 1.64
C ALA A 52 -0.82 -7.64 2.98
N ARG A 53 -0.17 -8.63 3.61
CA ARG A 53 -0.54 -9.16 4.93
C ARG A 53 -0.53 -8.05 6.02
N GLN A 54 0.50 -7.18 5.96
CA GLN A 54 0.69 -6.09 6.93
C GLN A 54 -0.42 -5.02 6.79
N LEU A 55 -0.87 -4.80 5.53
CA LEU A 55 -1.97 -3.86 5.22
C LEU A 55 -3.31 -4.42 5.75
N PHE A 56 -3.52 -5.75 5.64
CA PHE A 56 -4.73 -6.43 6.17
C PHE A 56 -4.77 -6.40 7.72
N ARG A 57 -3.61 -6.22 8.36
CA ARG A 57 -3.51 -6.10 9.84
C ARG A 57 -4.04 -4.73 10.32
N ILE A 58 -4.16 -3.77 9.41
CA ILE A 58 -4.64 -2.41 9.72
C ILE A 58 -6.18 -2.47 9.89
N GLU A 59 -6.66 -2.02 11.07
CA GLU A 59 -8.08 -2.08 11.44
C GLU A 59 -8.90 -1.20 10.49
N GLY A 60 -9.53 -1.84 9.50
CA GLY A 60 -10.35 -1.16 8.50
C GLY A 60 -10.19 -1.71 7.11
N VAL A 61 -9.02 -2.28 6.81
CA VAL A 61 -8.68 -2.80 5.47
C VAL A 61 -9.42 -4.13 5.21
N LYS A 62 -10.34 -4.09 4.23
CA LYS A 62 -11.15 -5.26 3.82
C LYS A 62 -10.40 -6.09 2.78
N SER A 63 -9.80 -5.41 1.79
CA SER A 63 -9.13 -6.06 0.65
C SER A 63 -8.03 -5.14 0.11
N VAL A 64 -6.98 -5.74 -0.48
CA VAL A 64 -5.83 -5.00 -1.05
C VAL A 64 -5.59 -5.45 -2.51
N PHE A 65 -5.18 -4.50 -3.35
CA PHE A 65 -4.79 -4.75 -4.75
C PHE A 65 -3.43 -4.09 -5.00
N PHE A 66 -2.53 -4.80 -5.67
CA PHE A 66 -1.23 -4.26 -6.10
C PHE A 66 -1.29 -4.00 -7.61
N GLY A 67 -0.95 -2.76 -7.99
CA GLY A 67 -1.02 -2.30 -9.38
C GLY A 67 0.30 -1.76 -9.91
N PRO A 68 0.37 -1.36 -11.22
CA PRO A 68 1.60 -0.80 -11.83
C PRO A 68 2.03 0.51 -11.14
N ASP A 69 3.16 0.44 -10.39
CA ASP A 69 3.80 1.60 -9.71
C ASP A 69 2.94 2.15 -8.56
N SER A 70 1.87 1.42 -8.19
CA SER A 70 0.84 1.92 -7.27
C SER A 70 0.17 0.78 -6.50
N ILE A 71 -0.61 1.17 -5.50
CA ILE A 71 -1.43 0.28 -4.65
C ILE A 71 -2.88 0.76 -4.77
N THR A 72 -3.84 -0.12 -4.55
CA THR A 72 -5.25 0.24 -4.40
C THR A 72 -5.83 -0.60 -3.26
N VAL A 73 -6.17 0.04 -2.14
CA VAL A 73 -6.69 -0.63 -0.94
C VAL A 73 -8.17 -0.25 -0.79
N THR A 74 -9.02 -1.22 -0.42
CA THR A 74 -10.43 -0.98 -0.11
C THR A 74 -10.65 -1.22 1.40
N LYS A 75 -11.33 -0.27 2.04
CA LYS A 75 -11.71 -0.38 3.47
C LYS A 75 -13.08 -1.09 3.57
N GLU A 76 -13.47 -1.44 4.82
CA GLU A 76 -14.70 -2.21 5.12
C GLU A 76 -15.95 -1.57 4.53
N ASN A 77 -16.11 -0.29 4.85
CA ASN A 77 -17.33 0.46 4.60
C ASN A 77 -17.03 1.97 4.65
N GLU A 78 -18.03 2.77 4.29
CA GLU A 78 -17.91 4.23 4.22
C GLU A 78 -18.07 4.89 5.61
N GLU A 79 -18.35 4.06 6.64
CA GLU A 79 -18.33 4.47 8.06
C GLU A 79 -16.90 4.89 8.45
N LEU A 80 -15.94 4.08 7.98
CA LEU A 80 -14.51 4.37 8.10
C LEU A 80 -14.13 5.39 7.04
N ASP A 81 -13.54 6.48 7.48
CA ASP A 81 -12.98 7.51 6.58
C ASP A 81 -11.50 7.18 6.31
N TRP A 82 -11.01 7.51 5.09
CA TRP A 82 -9.64 7.17 4.66
C TRP A 82 -8.57 7.86 5.51
N ASN A 83 -8.84 9.09 6.01
CA ASN A 83 -7.88 9.88 6.83
C ASN A 83 -7.50 9.13 8.13
N LEU A 84 -8.36 8.20 8.56
CA LEU A 84 -8.14 7.38 9.76
C LEU A 84 -7.08 6.29 9.47
N LEU A 85 -7.19 5.67 8.28
CA LEU A 85 -6.30 4.60 7.84
C LEU A 85 -4.96 5.14 7.31
N LYS A 86 -4.99 6.30 6.61
CA LYS A 86 -3.83 6.88 5.88
C LYS A 86 -2.50 6.90 6.71
N PRO A 87 -2.44 7.49 7.97
CA PRO A 87 -1.17 7.55 8.76
C PRO A 87 -0.59 6.15 9.03
N ASP A 88 -1.50 5.18 9.25
CA ASP A 88 -1.15 3.78 9.56
C ASP A 88 -0.57 3.11 8.30
N ILE A 89 -1.30 3.28 7.17
CA ILE A 89 -0.94 2.69 5.86
C ILE A 89 0.42 3.21 5.39
N TYR A 90 0.65 4.53 5.51
CA TYR A 90 1.89 5.19 5.09
C TYR A 90 3.06 4.68 5.93
N ALA A 91 2.83 4.58 7.26
CA ALA A 91 3.84 4.07 8.20
C ALA A 91 4.26 2.63 7.85
N THR A 92 3.26 1.79 7.49
CA THR A 92 3.45 0.38 7.10
C THR A 92 4.31 0.26 5.82
N ILE A 93 3.92 1.04 4.78
CA ILE A 93 4.58 1.06 3.46
C ILE A 93 6.04 1.52 3.59
N MET A 94 6.24 2.73 4.13
CA MET A 94 7.56 3.38 4.22
C MET A 94 8.54 2.58 5.11
N ASP A 95 8.00 1.96 6.19
CA ASP A 95 8.77 1.04 7.07
C ASP A 95 9.31 -0.17 6.28
N PHE A 96 8.40 -0.82 5.54
CA PHE A 96 8.67 -2.03 4.75
C PHE A 96 9.74 -1.74 3.66
N PHE A 97 9.62 -0.55 3.04
CA PHE A 97 10.55 -0.05 2.00
C PHE A 97 11.91 0.35 2.62
N ALA A 98 11.87 0.89 3.85
CA ALA A 98 13.07 1.32 4.60
C ALA A 98 13.92 0.11 5.03
N SER A 99 13.25 -1.02 5.29
CA SER A 99 13.93 -2.29 5.61
C SER A 99 14.50 -2.91 4.31
N GLY A 100 13.87 -2.58 3.17
CA GLY A 100 14.27 -3.08 1.87
C GLY A 100 13.85 -4.52 1.65
N LEU A 101 12.74 -4.90 2.29
CA LEU A 101 12.17 -6.27 2.18
C LEU A 101 11.55 -6.48 0.78
N PRO A 102 11.60 -7.74 0.21
CA PRO A 102 11.02 -8.04 -1.11
C PRO A 102 9.50 -7.75 -1.13
N LEU A 103 9.10 -6.84 -2.03
CA LEU A 103 7.71 -6.33 -2.19
C LEU A 103 6.71 -7.48 -2.23
N VAL A 104 7.00 -8.45 -3.09
CA VAL A 104 6.24 -9.69 -3.23
C VAL A 104 7.22 -10.87 -3.10
N THR A 105 6.82 -11.91 -2.36
CA THR A 105 7.61 -13.14 -2.19
C THR A 105 7.23 -14.19 -3.26
N GLU A 106 5.92 -14.41 -3.44
CA GLU A 106 5.39 -15.34 -4.48
C GLU A 106 4.61 -14.55 -5.54
N GLU A 107 5.29 -14.21 -6.63
CA GLU A 107 4.70 -13.42 -7.75
C GLU A 107 4.02 -14.37 -8.76
N MET A 1 34.94 1.55 -3.25
CA MET A 1 33.95 0.45 -3.20
C MET A 1 32.80 0.85 -2.25
N GLY A 2 31.68 1.30 -2.85
CA GLY A 2 30.49 1.71 -2.07
C GLY A 2 29.58 2.63 -2.88
N HIS A 3 28.59 3.23 -2.20
CA HIS A 3 27.65 4.18 -2.80
C HIS A 3 27.03 5.01 -1.67
N HIS A 4 26.85 6.33 -1.90
CA HIS A 4 26.20 7.24 -0.93
C HIS A 4 24.73 6.80 -0.69
N HIS A 5 24.50 5.98 0.35
CA HIS A 5 23.16 5.65 0.83
C HIS A 5 22.71 6.75 1.81
N HIS A 6 22.55 7.96 1.26
CA HIS A 6 22.10 9.17 1.98
C HIS A 6 20.72 8.94 2.63
N HIS A 7 20.57 9.34 3.90
CA HIS A 7 19.33 9.06 4.68
C HIS A 7 18.46 10.32 4.82
N HIS A 8 17.20 10.18 4.35
CA HIS A 8 16.09 11.14 4.61
C HIS A 8 14.78 10.47 4.18
N SER A 9 13.64 11.13 4.46
CA SER A 9 12.33 10.65 3.97
C SER A 9 12.26 10.84 2.44
N HIS A 10 12.62 9.76 1.71
CA HIS A 10 12.66 9.73 0.22
C HIS A 10 11.49 8.93 -0.36
N MET A 11 10.85 8.12 0.50
CA MET A 11 9.74 7.24 0.09
C MET A 11 8.41 8.03 0.18
N PHE A 12 8.15 8.86 -0.85
CA PHE A 12 6.97 9.74 -0.91
C PHE A 12 5.76 8.97 -1.45
N ILE A 13 4.64 8.97 -0.71
CA ILE A 13 3.40 8.30 -1.12
C ILE A 13 2.30 9.37 -1.32
N GLN A 14 1.85 9.53 -2.56
CA GLN A 14 0.79 10.49 -2.93
C GLN A 14 -0.52 9.72 -3.20
N THR A 15 -1.66 10.33 -2.86
CA THR A 15 -2.97 9.69 -3.03
C THR A 15 -3.68 10.22 -4.29
N GLN A 16 -4.35 9.30 -5.00
CA GLN A 16 -5.22 9.60 -6.13
C GLN A 16 -6.59 9.02 -5.82
N ASP A 17 -7.63 9.85 -5.94
CA ASP A 17 -9.01 9.44 -5.65
C ASP A 17 -9.56 8.62 -6.81
N THR A 18 -10.56 7.78 -6.50
CA THR A 18 -11.14 6.78 -7.40
C THR A 18 -12.68 6.97 -7.40
N PRO A 19 -13.41 6.51 -8.47
CA PRO A 19 -14.90 6.66 -8.54
C PRO A 19 -15.62 5.92 -7.40
N ASN A 20 -14.94 4.90 -6.83
CA ASN A 20 -15.44 4.15 -5.67
C ASN A 20 -14.83 4.73 -4.37
N PRO A 21 -15.64 5.43 -3.51
CA PRO A 21 -15.15 6.00 -2.22
C PRO A 21 -14.75 4.94 -1.16
N ASN A 22 -15.18 3.68 -1.38
CA ASN A 22 -14.75 2.51 -0.57
C ASN A 22 -13.25 2.24 -0.75
N SER A 23 -12.69 2.66 -1.88
CA SER A 23 -11.29 2.38 -2.23
C SER A 23 -10.55 3.70 -2.50
N LEU A 24 -9.23 3.68 -2.27
CA LEU A 24 -8.33 4.81 -2.55
C LEU A 24 -7.01 4.27 -3.10
N LYS A 25 -6.45 4.96 -4.11
CA LYS A 25 -5.24 4.53 -4.80
C LYS A 25 -4.02 5.28 -4.24
N PHE A 26 -3.01 4.55 -3.76
CA PHE A 26 -1.78 5.13 -3.17
C PHE A 26 -0.61 4.91 -4.14
N ILE A 27 -0.07 5.99 -4.72
CA ILE A 27 1.10 5.93 -5.61
C ILE A 27 2.37 6.13 -4.73
N PRO A 28 3.16 5.04 -4.46
CA PRO A 28 4.40 5.12 -3.65
C PRO A 28 5.61 5.68 -4.42
N GLY A 29 5.40 6.00 -5.72
CA GLY A 29 6.45 6.57 -6.57
C GLY A 29 7.48 5.55 -7.05
N LYS A 30 7.20 4.25 -6.84
CA LYS A 30 8.09 3.15 -7.23
C LYS A 30 7.27 2.08 -7.98
N PRO A 31 7.84 1.44 -9.06
CA PRO A 31 7.16 0.33 -9.78
C PRO A 31 7.11 -0.94 -8.89
N VAL A 32 6.15 -0.95 -7.95
CA VAL A 32 5.96 -2.05 -6.99
C VAL A 32 5.58 -3.36 -7.72
N LEU A 33 4.91 -3.22 -8.87
CA LEU A 33 4.59 -4.35 -9.76
C LEU A 33 4.64 -3.90 -11.24
N GLU A 34 5.87 -3.78 -11.77
CA GLU A 34 6.09 -3.58 -13.22
C GLU A 34 5.93 -4.91 -13.97
N THR A 35 6.04 -6.02 -13.23
CA THR A 35 5.90 -7.38 -13.76
C THR A 35 4.43 -7.69 -14.14
N ARG A 36 3.53 -7.64 -13.15
CA ARG A 36 2.12 -8.06 -13.32
C ARG A 36 1.20 -7.24 -12.40
N THR A 37 -0.09 -7.62 -12.35
CA THR A 37 -1.05 -7.16 -11.32
C THR A 37 -1.33 -8.31 -10.35
N MET A 38 -1.53 -8.01 -9.06
CA MET A 38 -1.76 -9.02 -7.99
C MET A 38 -2.81 -8.48 -7.01
N ASP A 39 -4.02 -9.02 -7.12
CA ASP A 39 -5.17 -8.65 -6.27
C ASP A 39 -5.27 -9.61 -5.09
N PHE A 40 -5.58 -9.06 -3.91
CA PHE A 40 -5.70 -9.81 -2.65
C PHE A 40 -7.06 -9.51 -2.01
N PRO A 41 -8.13 -10.34 -2.32
CA PRO A 41 -9.47 -10.15 -1.71
C PRO A 41 -9.48 -10.40 -0.19
N THR A 42 -8.67 -11.38 0.27
CA THR A 42 -8.59 -11.79 1.68
C THR A 42 -7.16 -11.59 2.22
N PRO A 43 -6.98 -11.49 3.59
CA PRO A 43 -5.65 -11.58 4.24
C PRO A 43 -4.92 -12.90 3.91
N ALA A 44 -5.72 -13.97 3.71
CA ALA A 44 -5.22 -15.29 3.30
C ALA A 44 -4.50 -15.21 1.93
N ALA A 45 -5.17 -14.56 0.97
CA ALA A 45 -4.63 -14.31 -0.40
C ALA A 45 -3.38 -13.41 -0.39
N ALA A 46 -3.27 -12.56 0.64
CA ALA A 46 -2.16 -11.59 0.79
C ALA A 46 -0.78 -12.22 1.01
N PHE A 47 -0.72 -13.56 1.21
CA PHE A 47 0.55 -14.31 1.47
C PHE A 47 1.60 -14.15 0.34
N ARG A 48 1.13 -13.74 -0.85
CA ARG A 48 2.00 -13.52 -2.04
C ARG A 48 2.92 -12.29 -1.84
N SER A 49 2.37 -11.24 -1.19
CA SER A 49 3.07 -9.97 -0.94
C SER A 49 3.12 -9.70 0.59
N PRO A 50 4.33 -9.70 1.23
CA PRO A 50 4.49 -9.37 2.67
C PRO A 50 3.94 -7.98 3.03
N LEU A 51 4.02 -7.01 2.10
CA LEU A 51 3.48 -5.66 2.30
C LEU A 51 1.94 -5.71 2.32
N ALA A 52 1.35 -6.60 1.50
CA ALA A 52 -0.12 -6.81 1.50
C ALA A 52 -0.57 -7.31 2.88
N ARG A 53 0.19 -8.28 3.43
CA ARG A 53 -0.01 -8.79 4.80
C ARG A 53 0.04 -7.65 5.84
N GLN A 54 1.00 -6.73 5.66
CA GLN A 54 1.21 -5.60 6.59
C GLN A 54 0.12 -4.52 6.45
N LEU A 55 -0.52 -4.45 5.27
CA LEU A 55 -1.67 -3.56 5.03
C LEU A 55 -2.98 -4.18 5.61
N PHE A 56 -3.08 -5.52 5.57
CA PHE A 56 -4.22 -6.28 6.15
C PHE A 56 -4.14 -6.36 7.69
N ARG A 57 -3.02 -5.86 8.27
CA ARG A 57 -2.91 -5.60 9.72
C ARG A 57 -3.98 -4.60 10.21
N ILE A 58 -4.38 -3.68 9.30
CA ILE A 58 -5.27 -2.55 9.63
C ILE A 58 -6.72 -3.03 9.68
N GLU A 59 -7.40 -2.67 10.77
CA GLU A 59 -8.80 -3.05 11.08
C GLU A 59 -9.80 -2.69 9.97
N GLY A 60 -9.48 -1.62 9.25
CA GLY A 60 -10.37 -1.04 8.26
C GLY A 60 -10.23 -1.65 6.87
N VAL A 61 -9.19 -2.47 6.64
CA VAL A 61 -8.88 -2.98 5.30
C VAL A 61 -9.68 -4.26 4.98
N LYS A 62 -10.48 -4.17 3.90
CA LYS A 62 -11.27 -5.29 3.35
C LYS A 62 -10.41 -6.13 2.39
N SER A 63 -9.71 -5.42 1.48
CA SER A 63 -9.00 -6.03 0.35
C SER A 63 -8.00 -5.03 -0.24
N VAL A 64 -6.82 -5.53 -0.66
CA VAL A 64 -5.75 -4.67 -1.24
C VAL A 64 -5.41 -5.18 -2.65
N PHE A 65 -5.10 -4.24 -3.55
CA PHE A 65 -4.70 -4.52 -4.93
C PHE A 65 -3.34 -3.85 -5.18
N PHE A 66 -2.35 -4.64 -5.58
CA PHE A 66 -1.05 -4.12 -6.04
C PHE A 66 -1.05 -4.09 -7.58
N GLY A 67 -0.55 -2.97 -8.12
CA GLY A 67 -0.46 -2.75 -9.56
C GLY A 67 0.78 -1.93 -9.92
N PRO A 68 1.04 -1.68 -11.24
CA PRO A 68 2.20 -0.86 -11.70
C PRO A 68 2.24 0.54 -11.06
N ASP A 69 3.27 0.76 -10.20
CA ASP A 69 3.60 2.07 -9.58
C ASP A 69 2.53 2.54 -8.57
N SER A 70 1.63 1.65 -8.15
CA SER A 70 0.49 2.03 -7.28
C SER A 70 -0.06 0.81 -6.52
N ILE A 71 -0.58 1.09 -5.32
CA ILE A 71 -1.21 0.10 -4.43
C ILE A 71 -2.57 0.66 -4.01
N THR A 72 -3.66 0.12 -4.57
CA THR A 72 -5.03 0.57 -4.29
C THR A 72 -5.63 -0.27 -3.15
N VAL A 73 -5.97 0.37 -2.02
CA VAL A 73 -6.48 -0.31 -0.80
C VAL A 73 -8.00 -0.06 -0.70
N THR A 74 -8.76 -1.04 -0.21
CA THR A 74 -10.24 -0.96 -0.04
C THR A 74 -10.61 -1.13 1.45
N LYS A 75 -11.68 -0.43 1.88
CA LYS A 75 -12.15 -0.45 3.29
C LYS A 75 -13.32 -1.45 3.46
N GLU A 76 -13.58 -1.84 4.71
CA GLU A 76 -14.66 -2.79 5.09
C GLU A 76 -16.04 -2.32 4.58
N ASN A 77 -16.35 -1.06 4.86
CA ASN A 77 -17.65 -0.43 4.54
C ASN A 77 -17.52 1.10 4.57
N GLU A 78 -18.52 1.80 4.00
CA GLU A 78 -18.48 3.27 3.84
C GLU A 78 -18.68 4.03 5.17
N GLU A 79 -18.92 3.28 6.28
CA GLU A 79 -18.94 3.84 7.64
C GLU A 79 -17.55 4.38 8.03
N LEU A 80 -16.52 3.72 7.46
CA LEU A 80 -15.11 4.09 7.64
C LEU A 80 -14.71 5.23 6.69
N ASP A 81 -13.96 6.19 7.22
CA ASP A 81 -13.34 7.28 6.43
C ASP A 81 -11.84 6.99 6.26
N TRP A 82 -11.28 7.37 5.08
CA TRP A 82 -9.88 7.05 4.71
C TRP A 82 -8.84 7.75 5.59
N ASN A 83 -9.17 8.94 6.13
CA ASN A 83 -8.20 9.78 6.91
C ASN A 83 -7.71 9.04 8.18
N LEU A 84 -8.50 8.04 8.63
CA LEU A 84 -8.15 7.19 9.78
C LEU A 84 -7.04 6.19 9.38
N LEU A 85 -7.21 5.53 8.22
CA LEU A 85 -6.32 4.46 7.76
C LEU A 85 -5.00 5.00 7.16
N LYS A 86 -5.08 6.16 6.46
CA LYS A 86 -3.94 6.77 5.71
C LYS A 86 -2.60 6.81 6.49
N PRO A 87 -2.51 7.44 7.73
CA PRO A 87 -1.21 7.57 8.47
C PRO A 87 -0.59 6.20 8.79
N ASP A 88 -1.47 5.21 9.03
CA ASP A 88 -1.06 3.82 9.30
C ASP A 88 -0.51 3.18 8.00
N ILE A 89 -1.22 3.41 6.87
CA ILE A 89 -0.84 2.88 5.54
C ILE A 89 0.53 3.44 5.09
N TYR A 90 0.74 4.76 5.30
CA TYR A 90 2.01 5.44 4.94
C TYR A 90 3.16 4.88 5.78
N ALA A 91 2.94 4.84 7.10
CA ALA A 91 3.92 4.35 8.09
C ALA A 91 4.36 2.91 7.76
N THR A 92 3.37 2.06 7.43
CA THR A 92 3.56 0.64 7.06
C THR A 92 4.42 0.47 5.77
N ILE A 93 4.02 1.16 4.68
CA ILE A 93 4.68 1.04 3.36
C ILE A 93 6.13 1.61 3.42
N MET A 94 6.28 2.80 4.01
CA MET A 94 7.61 3.45 4.17
C MET A 94 8.55 2.57 5.02
N ASP A 95 8.02 2.02 6.14
CA ASP A 95 8.75 1.10 7.03
C ASP A 95 9.23 -0.16 6.29
N PHE A 96 8.36 -0.67 5.41
CA PHE A 96 8.62 -1.88 4.58
C PHE A 96 9.81 -1.66 3.63
N PHE A 97 9.85 -0.48 2.98
CA PHE A 97 10.92 -0.11 2.03
C PHE A 97 12.19 0.35 2.78
N ALA A 98 12.03 0.82 4.03
CA ALA A 98 13.15 1.11 4.93
C ALA A 98 13.78 -0.19 5.46
N SER A 99 12.93 -1.20 5.64
CA SER A 99 13.34 -2.55 6.09
C SER A 99 14.05 -3.29 4.94
N GLY A 100 13.58 -3.04 3.71
CA GLY A 100 14.12 -3.68 2.52
C GLY A 100 13.64 -5.12 2.32
N LEU A 101 12.44 -5.43 2.88
CA LEU A 101 11.78 -6.74 2.69
C LEU A 101 11.34 -6.91 1.21
N PRO A 102 11.31 -8.17 0.67
CA PRO A 102 10.81 -8.42 -0.71
C PRO A 102 9.33 -8.03 -0.84
N LEU A 103 9.03 -7.11 -1.79
CA LEU A 103 7.67 -6.60 -2.06
C LEU A 103 6.72 -7.77 -2.32
N VAL A 104 7.22 -8.76 -3.07
CA VAL A 104 6.52 -10.01 -3.37
C VAL A 104 7.46 -11.19 -3.06
N THR A 105 6.97 -12.17 -2.28
CA THR A 105 7.69 -13.44 -2.05
C THR A 105 7.51 -14.36 -3.27
N GLU A 106 6.26 -14.65 -3.60
CA GLU A 106 5.88 -15.53 -4.73
C GLU A 106 4.89 -14.79 -5.63
N GLU A 107 5.23 -14.65 -6.92
CA GLU A 107 4.41 -13.90 -7.89
C GLU A 107 3.03 -14.59 -8.12
N MET A 1 20.07 28.88 4.75
CA MET A 1 19.24 27.65 4.63
C MET A 1 20.14 26.42 4.57
N GLY A 2 19.98 25.51 5.54
CA GLY A 2 20.73 24.27 5.60
C GLY A 2 20.07 23.16 4.82
N HIS A 3 20.38 23.11 3.51
CA HIS A 3 19.81 22.13 2.57
C HIS A 3 20.20 20.68 2.92
N HIS A 4 21.34 20.50 3.63
CA HIS A 4 21.87 19.16 3.95
C HIS A 4 20.98 18.44 4.97
N HIS A 5 20.49 19.19 5.98
CA HIS A 5 19.64 18.65 7.06
C HIS A 5 18.13 18.93 6.79
N HIS A 6 17.80 19.49 5.60
CA HIS A 6 16.39 19.73 5.19
C HIS A 6 16.00 18.82 4.00
N HIS A 7 16.99 18.41 3.19
CA HIS A 7 16.76 17.54 1.99
C HIS A 7 16.94 16.04 2.37
N HIS A 8 16.74 15.73 3.66
CA HIS A 8 16.71 14.34 4.18
C HIS A 8 15.32 13.70 3.89
N SER A 9 14.46 14.47 3.17
CA SER A 9 13.10 14.08 2.74
C SER A 9 13.08 12.70 2.07
N HIS A 10 12.46 11.73 2.76
CA HIS A 10 12.33 10.34 2.31
C HIS A 10 11.11 10.16 1.38
N MET A 11 10.81 8.90 1.03
CA MET A 11 9.66 8.54 0.19
C MET A 11 8.36 8.67 1.00
N PHE A 12 7.58 9.72 0.73
CA PHE A 12 6.21 9.86 1.24
C PHE A 12 5.22 9.47 0.12
N ILE A 13 4.10 8.84 0.49
CA ILE A 13 3.10 8.32 -0.46
C ILE A 13 2.18 9.47 -0.94
N GLN A 14 1.68 9.39 -2.19
CA GLN A 14 0.66 10.31 -2.73
C GLN A 14 -0.60 9.51 -3.10
N THR A 15 -1.77 10.20 -3.11
CA THR A 15 -3.07 9.56 -3.40
C THR A 15 -3.68 10.12 -4.71
N GLN A 16 -4.19 9.21 -5.55
CA GLN A 16 -4.83 9.56 -6.83
C GLN A 16 -6.34 9.26 -6.78
N ASP A 17 -7.14 10.09 -7.49
CA ASP A 17 -8.60 9.99 -7.58
C ASP A 17 -9.04 8.65 -8.18
N THR A 18 -9.91 7.93 -7.45
CA THR A 18 -10.48 6.65 -7.91
C THR A 18 -11.99 6.87 -8.18
N PRO A 19 -12.61 6.17 -9.18
CA PRO A 19 -14.06 6.30 -9.51
C PRO A 19 -15.00 5.69 -8.44
N ASN A 20 -14.43 5.11 -7.37
CA ASN A 20 -15.17 4.44 -6.28
C ASN A 20 -14.58 4.90 -4.92
N PRO A 21 -15.43 5.40 -3.94
CA PRO A 21 -14.95 5.94 -2.64
C PRO A 21 -14.54 4.81 -1.65
N ASN A 22 -15.02 3.57 -1.92
CA ASN A 22 -14.71 2.38 -1.08
C ASN A 22 -13.24 1.97 -1.24
N SER A 23 -12.62 2.43 -2.35
CA SER A 23 -11.21 2.22 -2.64
C SER A 23 -10.50 3.58 -2.78
N LEU A 24 -9.19 3.60 -2.48
CA LEU A 24 -8.33 4.77 -2.77
C LEU A 24 -6.96 4.26 -3.19
N LYS A 25 -6.38 4.92 -4.20
CA LYS A 25 -5.08 4.57 -4.74
C LYS A 25 -3.97 5.34 -4.01
N PHE A 26 -3.02 4.59 -3.48
CA PHE A 26 -1.86 5.09 -2.74
C PHE A 26 -0.62 4.77 -3.58
N ILE A 27 -0.17 5.74 -4.38
CA ILE A 27 1.03 5.63 -5.22
C ILE A 27 2.26 5.90 -4.33
N PRO A 28 3.08 4.85 -3.98
CA PRO A 28 4.22 5.00 -3.05
C PRO A 28 5.35 5.86 -3.62
N GLY A 29 5.51 5.82 -4.96
CA GLY A 29 6.64 6.47 -5.65
C GLY A 29 7.70 5.48 -6.09
N LYS A 30 7.50 4.20 -5.72
CA LYS A 30 8.35 3.08 -6.12
C LYS A 30 7.48 2.06 -6.90
N PRO A 31 7.99 1.49 -8.04
CA PRO A 31 7.22 0.53 -8.86
C PRO A 31 7.00 -0.79 -8.10
N VAL A 32 5.86 -0.87 -7.39
CA VAL A 32 5.49 -2.04 -6.57
C VAL A 32 5.26 -3.29 -7.46
N LEU A 33 4.50 -3.13 -8.54
CA LEU A 33 4.29 -4.18 -9.56
C LEU A 33 4.18 -3.52 -10.94
N GLU A 34 5.33 -3.13 -11.49
CA GLU A 34 5.41 -2.50 -12.84
C GLU A 34 5.64 -3.61 -13.91
N THR A 35 5.02 -4.77 -13.65
CA THR A 35 5.08 -5.96 -14.50
C THR A 35 3.67 -6.55 -14.67
N ARG A 36 2.82 -6.40 -13.62
CA ARG A 36 1.47 -6.99 -13.56
C ARG A 36 0.66 -6.38 -12.40
N THR A 37 -0.52 -6.96 -12.13
CA THR A 37 -1.36 -6.63 -10.97
C THR A 37 -1.58 -7.90 -10.12
N MET A 38 -1.75 -7.73 -8.78
CA MET A 38 -2.01 -8.85 -7.84
C MET A 38 -3.04 -8.40 -6.80
N ASP A 39 -4.21 -9.05 -6.82
CA ASP A 39 -5.32 -8.75 -5.89
C ASP A 39 -5.33 -9.78 -4.75
N PHE A 40 -5.68 -9.29 -3.55
CA PHE A 40 -5.81 -10.09 -2.33
C PHE A 40 -7.15 -9.76 -1.67
N PRO A 41 -8.26 -10.49 -2.01
CA PRO A 41 -9.61 -10.26 -1.43
C PRO A 41 -9.68 -10.71 0.06
N THR A 42 -8.79 -11.64 0.43
CA THR A 42 -8.72 -12.25 1.76
C THR A 42 -7.30 -12.06 2.36
N PRO A 43 -7.16 -11.98 3.74
CA PRO A 43 -5.83 -11.93 4.41
C PRO A 43 -5.00 -13.23 4.21
N ALA A 44 -5.69 -14.35 3.92
CA ALA A 44 -5.02 -15.64 3.64
C ALA A 44 -4.28 -15.58 2.30
N ALA A 45 -4.98 -15.08 1.26
CA ALA A 45 -4.42 -14.91 -0.11
C ALA A 45 -3.19 -13.98 -0.13
N ALA A 46 -3.13 -13.08 0.87
CA ALA A 46 -2.08 -12.06 1.00
C ALA A 46 -0.66 -12.62 1.26
N PHE A 47 -0.55 -13.93 1.56
CA PHE A 47 0.76 -14.60 1.90
C PHE A 47 1.81 -14.42 0.79
N ARG A 48 1.33 -14.19 -0.45
CA ARG A 48 2.15 -14.00 -1.64
C ARG A 48 2.97 -12.70 -1.60
N SER A 49 2.55 -11.73 -0.78
CA SER A 49 3.18 -10.41 -0.69
C SER A 49 3.22 -9.95 0.79
N PRO A 50 4.44 -9.79 1.41
CA PRO A 50 4.58 -9.38 2.83
C PRO A 50 3.92 -8.02 3.14
N LEU A 51 4.00 -7.08 2.17
CA LEU A 51 3.41 -5.73 2.32
C LEU A 51 1.87 -5.81 2.41
N ALA A 52 1.28 -6.76 1.65
CA ALA A 52 -0.18 -6.97 1.63
C ALA A 52 -0.66 -7.40 3.03
N ARG A 53 0.08 -8.35 3.61
CA ARG A 53 -0.14 -8.89 4.97
C ARG A 53 -0.07 -7.77 6.04
N GLN A 54 0.92 -6.88 5.85
CA GLN A 54 1.17 -5.73 6.74
C GLN A 54 0.07 -4.65 6.60
N LEU A 55 -0.52 -4.53 5.40
CA LEU A 55 -1.65 -3.61 5.13
C LEU A 55 -2.97 -4.15 5.72
N PHE A 56 -3.11 -5.49 5.84
CA PHE A 56 -4.29 -6.11 6.51
C PHE A 56 -4.25 -5.92 8.04
N ARG A 57 -3.04 -5.62 8.58
CA ARG A 57 -2.85 -5.25 10.01
C ARG A 57 -3.57 -3.94 10.38
N ILE A 58 -3.85 -3.12 9.36
CA ILE A 58 -4.45 -1.78 9.51
C ILE A 58 -5.96 -1.94 9.69
N GLU A 59 -6.49 -1.43 10.81
CA GLU A 59 -7.92 -1.53 11.16
C GLU A 59 -8.80 -0.84 10.09
N GLY A 60 -9.55 -1.65 9.34
CA GLY A 60 -10.49 -1.15 8.33
C GLY A 60 -10.15 -1.53 6.91
N VAL A 61 -9.13 -2.38 6.71
CA VAL A 61 -8.75 -2.88 5.37
C VAL A 61 -9.50 -4.19 5.06
N LYS A 62 -10.37 -4.12 4.03
CA LYS A 62 -11.10 -5.28 3.49
C LYS A 62 -10.19 -6.12 2.59
N SER A 63 -9.43 -5.43 1.73
CA SER A 63 -8.62 -6.08 0.71
C SER A 63 -7.50 -5.16 0.23
N VAL A 64 -6.46 -5.77 -0.37
CA VAL A 64 -5.28 -5.08 -0.90
C VAL A 64 -5.13 -5.44 -2.37
N PHE A 65 -4.99 -4.42 -3.23
CA PHE A 65 -4.77 -4.58 -4.67
C PHE A 65 -3.48 -3.84 -5.03
N PHE A 66 -2.46 -4.57 -5.50
CA PHE A 66 -1.24 -3.96 -6.02
C PHE A 66 -1.37 -3.81 -7.55
N GLY A 67 -1.00 -2.63 -8.03
CA GLY A 67 -1.04 -2.27 -9.44
C GLY A 67 0.28 -1.65 -9.90
N PRO A 68 0.41 -1.26 -11.20
CA PRO A 68 1.64 -0.65 -11.74
C PRO A 68 2.01 0.65 -11.00
N ASP A 69 3.02 0.54 -10.08
CA ASP A 69 3.61 1.68 -9.33
C ASP A 69 2.61 2.28 -8.30
N SER A 70 1.50 1.56 -8.04
CA SER A 70 0.38 2.06 -7.23
C SER A 70 -0.19 0.95 -6.33
N ILE A 71 -0.71 1.33 -5.15
CA ILE A 71 -1.31 0.39 -4.18
C ILE A 71 -2.73 0.86 -3.84
N THR A 72 -3.76 0.19 -4.39
CA THR A 72 -5.16 0.55 -4.15
C THR A 72 -5.69 -0.33 -3.00
N VAL A 73 -6.10 0.32 -1.89
CA VAL A 73 -6.63 -0.35 -0.70
C VAL A 73 -8.16 -0.19 -0.71
N THR A 74 -8.89 -1.24 -0.30
CA THR A 74 -10.35 -1.19 -0.12
C THR A 74 -10.68 -1.25 1.37
N LYS A 75 -11.65 -0.43 1.79
CA LYS A 75 -12.12 -0.35 3.20
C LYS A 75 -13.15 -1.47 3.48
N GLU A 76 -13.32 -1.81 4.76
CA GLU A 76 -14.32 -2.80 5.24
C GLU A 76 -15.75 -2.38 4.84
N ASN A 77 -16.23 -1.30 5.44
CA ASN A 77 -17.56 -0.73 5.17
C ASN A 77 -17.39 0.74 4.75
N GLU A 78 -18.40 1.25 4.03
CA GLU A 78 -18.36 2.58 3.37
C GLU A 78 -18.32 3.75 4.38
N GLU A 79 -18.65 3.44 5.65
CA GLU A 79 -18.72 4.41 6.76
C GLU A 79 -17.30 4.85 7.23
N LEU A 80 -16.28 4.04 6.90
CA LEU A 80 -14.87 4.34 7.24
C LEU A 80 -14.34 5.50 6.38
N ASP A 81 -13.76 6.49 7.07
CA ASP A 81 -13.07 7.62 6.44
C ASP A 81 -11.60 7.24 6.20
N TRP A 82 -11.05 7.62 5.03
CA TRP A 82 -9.68 7.21 4.63
C TRP A 82 -8.59 7.80 5.52
N ASN A 83 -8.82 9.01 6.08
CA ASN A 83 -7.82 9.72 6.93
C ASN A 83 -7.47 8.95 8.22
N LEU A 84 -8.34 7.98 8.61
CA LEU A 84 -8.09 7.09 9.76
C LEU A 84 -6.97 6.08 9.41
N LEU A 85 -7.17 5.37 8.28
CA LEU A 85 -6.26 4.30 7.81
C LEU A 85 -4.95 4.90 7.26
N LYS A 86 -5.10 6.03 6.57
CA LYS A 86 -4.08 6.69 5.72
C LYS A 86 -2.70 6.89 6.42
N PRO A 87 -2.58 7.45 7.68
CA PRO A 87 -1.26 7.57 8.38
C PRO A 87 -0.60 6.20 8.61
N ASP A 88 -1.43 5.15 8.84
CA ASP A 88 -0.96 3.77 9.09
C ASP A 88 -0.56 3.08 7.75
N ILE A 89 -1.28 3.42 6.65
CA ILE A 89 -0.98 2.90 5.30
C ILE A 89 0.40 3.42 4.83
N TYR A 90 0.62 4.73 5.06
CA TYR A 90 1.91 5.42 4.79
C TYR A 90 3.03 4.80 5.64
N ALA A 91 2.76 4.63 6.95
CA ALA A 91 3.68 4.02 7.92
C ALA A 91 4.18 2.64 7.43
N THR A 92 3.22 1.76 7.13
CA THR A 92 3.45 0.37 6.71
C THR A 92 4.33 0.26 5.44
N ILE A 93 3.96 1.04 4.41
CA ILE A 93 4.66 1.07 3.10
C ILE A 93 6.12 1.58 3.28
N MET A 94 6.28 2.67 4.06
CA MET A 94 7.59 3.29 4.34
C MET A 94 8.53 2.34 5.11
N ASP A 95 8.00 1.65 6.15
CA ASP A 95 8.76 0.64 6.95
C ASP A 95 9.28 -0.49 6.05
N PHE A 96 8.37 -0.97 5.20
CA PHE A 96 8.60 -2.10 4.28
C PHE A 96 9.81 -1.84 3.35
N PHE A 97 9.79 -0.66 2.70
CA PHE A 97 10.86 -0.25 1.77
C PHE A 97 12.13 0.21 2.50
N ALA A 98 11.97 0.78 3.72
CA ALA A 98 13.11 1.19 4.58
C ALA A 98 13.91 -0.03 5.04
N SER A 99 13.20 -1.16 5.25
CA SER A 99 13.81 -2.45 5.58
C SER A 99 14.41 -3.10 4.33
N GLY A 100 13.81 -2.79 3.16
CA GLY A 100 14.23 -3.34 1.87
C GLY A 100 13.75 -4.78 1.71
N LEU A 101 12.46 -5.00 2.01
CA LEU A 101 11.81 -6.32 1.91
C LEU A 101 11.27 -6.52 0.47
N PRO A 102 11.27 -7.78 -0.08
CA PRO A 102 10.72 -8.08 -1.43
C PRO A 102 9.19 -7.91 -1.44
N LEU A 103 8.68 -7.15 -2.45
CA LEU A 103 7.23 -6.82 -2.59
C LEU A 103 6.39 -8.10 -2.61
N VAL A 104 6.87 -9.08 -3.39
CA VAL A 104 6.24 -10.38 -3.56
C VAL A 104 7.25 -11.49 -3.21
N THR A 105 6.83 -12.43 -2.34
CA THR A 105 7.60 -13.64 -2.02
C THR A 105 7.13 -14.82 -2.88
N GLU A 106 5.82 -15.12 -2.82
CA GLU A 106 5.20 -16.22 -3.58
C GLU A 106 4.52 -15.66 -4.83
N GLU A 107 4.80 -16.26 -6.00
CA GLU A 107 4.25 -15.80 -7.29
C GLU A 107 2.70 -15.99 -7.33
N MET A 1 14.86 31.20 12.71
CA MET A 1 15.29 29.90 13.30
C MET A 1 14.08 29.12 13.84
N GLY A 2 14.36 27.89 14.33
CA GLY A 2 13.36 27.04 14.97
C GLY A 2 12.80 25.97 14.05
N HIS A 3 11.85 26.37 13.20
CA HIS A 3 11.04 25.41 12.39
C HIS A 3 11.40 25.46 10.90
N HIS A 4 12.42 26.28 10.53
CA HIS A 4 12.83 26.46 9.12
C HIS A 4 13.76 25.30 8.68
N HIS A 5 13.11 24.17 8.38
CA HIS A 5 13.73 22.97 7.80
C HIS A 5 12.60 22.05 7.30
N HIS A 6 12.34 22.09 5.97
CA HIS A 6 11.16 21.46 5.32
C HIS A 6 11.24 19.91 5.26
N HIS A 7 12.25 19.32 5.95
CA HIS A 7 12.41 17.87 6.04
C HIS A 7 11.15 17.19 6.59
N HIS A 8 10.45 16.51 5.68
CA HIS A 8 9.31 15.62 5.99
C HIS A 8 9.74 14.18 5.64
N SER A 9 8.76 13.29 5.35
CA SER A 9 9.03 11.93 4.87
C SER A 9 9.79 11.97 3.52
N HIS A 10 11.09 11.61 3.53
CA HIS A 10 11.94 11.56 2.29
C HIS A 10 11.39 10.51 1.30
N MET A 11 10.70 9.51 1.86
CA MET A 11 9.95 8.49 1.12
C MET A 11 8.53 9.05 0.92
N PHE A 12 8.33 9.71 -0.24
CA PHE A 12 7.09 10.44 -0.55
C PHE A 12 6.01 9.50 -1.07
N ILE A 13 4.80 9.57 -0.48
CA ILE A 13 3.63 8.83 -0.93
C ILE A 13 2.55 9.83 -1.35
N GLN A 14 2.07 9.72 -2.60
CA GLN A 14 0.93 10.47 -3.11
C GLN A 14 -0.31 9.56 -3.03
N THR A 15 -1.44 10.09 -2.55
CA THR A 15 -2.72 9.38 -2.61
C THR A 15 -3.59 9.94 -3.74
N GLN A 16 -4.29 9.04 -4.41
CA GLN A 16 -5.15 9.37 -5.55
C GLN A 16 -6.40 8.49 -5.49
N ASP A 17 -7.56 9.13 -5.71
CA ASP A 17 -8.88 8.47 -5.67
C ASP A 17 -9.05 7.50 -6.85
N THR A 18 -10.01 6.59 -6.72
CA THR A 18 -10.37 5.62 -7.77
C THR A 18 -11.81 5.92 -8.26
N PRO A 19 -12.37 5.22 -9.33
CA PRO A 19 -13.80 5.38 -9.73
C PRO A 19 -14.81 5.25 -8.57
N ASN A 20 -14.41 4.59 -7.47
CA ASN A 20 -15.22 4.50 -6.23
C ASN A 20 -14.49 5.18 -5.05
N PRO A 21 -15.19 6.00 -4.21
CA PRO A 21 -14.60 6.60 -2.97
C PRO A 21 -14.35 5.55 -1.86
N ASN A 22 -14.93 4.35 -2.05
CA ASN A 22 -14.74 3.18 -1.15
C ASN A 22 -13.37 2.51 -1.39
N SER A 23 -12.64 2.98 -2.42
CA SER A 23 -11.27 2.55 -2.73
C SER A 23 -10.36 3.78 -2.94
N LEU A 24 -9.10 3.66 -2.50
CA LEU A 24 -8.08 4.72 -2.61
C LEU A 24 -6.75 4.07 -2.96
N LYS A 25 -6.05 4.61 -3.97
CA LYS A 25 -4.75 4.06 -4.41
C LYS A 25 -3.59 4.92 -3.89
N PHE A 26 -2.63 4.25 -3.22
CA PHE A 26 -1.48 4.88 -2.57
C PHE A 26 -0.25 4.69 -3.47
N ILE A 27 0.18 5.76 -4.15
CA ILE A 27 1.40 5.77 -4.98
C ILE A 27 2.59 5.96 -4.01
N PRO A 28 3.45 4.93 -3.78
CA PRO A 28 4.59 5.04 -2.84
C PRO A 28 5.86 5.58 -3.51
N GLY A 29 5.68 6.28 -4.65
CA GLY A 29 6.78 6.71 -5.49
C GLY A 29 7.30 5.59 -6.40
N LYS A 30 7.62 4.45 -5.80
CA LYS A 30 8.16 3.28 -6.51
C LYS A 30 7.00 2.43 -7.11
N PRO A 31 7.05 2.09 -8.45
CA PRO A 31 6.06 1.17 -9.06
C PRO A 31 6.10 -0.24 -8.40
N VAL A 32 5.08 -0.56 -7.59
CA VAL A 32 5.06 -1.78 -6.74
C VAL A 32 5.11 -3.08 -7.57
N LEU A 33 4.25 -3.19 -8.61
CA LEU A 33 4.30 -4.33 -9.55
C LEU A 33 4.30 -3.77 -10.98
N GLU A 34 5.46 -3.28 -11.44
CA GLU A 34 5.64 -2.85 -12.85
C GLU A 34 5.77 -4.10 -13.77
N THR A 35 6.10 -5.24 -13.16
CA THR A 35 6.30 -6.53 -13.86
C THR A 35 4.95 -7.25 -14.12
N ARG A 36 3.97 -7.06 -13.21
CA ARG A 36 2.66 -7.76 -13.26
C ARG A 36 1.57 -6.91 -12.55
N THR A 37 0.39 -7.51 -12.33
CA THR A 37 -0.63 -6.99 -11.39
C THR A 37 -1.16 -8.17 -10.56
N MET A 38 -1.54 -7.92 -9.30
CA MET A 38 -2.10 -8.95 -8.39
C MET A 38 -3.11 -8.31 -7.45
N ASP A 39 -4.06 -9.11 -6.94
CA ASP A 39 -5.05 -8.66 -5.97
C ASP A 39 -5.20 -9.71 -4.85
N PHE A 40 -5.61 -9.22 -3.69
CA PHE A 40 -5.88 -10.02 -2.50
C PHE A 40 -7.22 -9.54 -1.91
N PRO A 41 -8.36 -10.22 -2.27
CA PRO A 41 -9.68 -9.84 -1.73
C PRO A 41 -9.83 -10.27 -0.25
N THR A 42 -9.01 -11.27 0.16
CA THR A 42 -9.05 -11.88 1.48
C THR A 42 -7.65 -11.80 2.15
N PRO A 43 -7.56 -11.61 3.50
CA PRO A 43 -6.28 -11.67 4.25
C PRO A 43 -5.57 -13.05 4.11
N ALA A 44 -6.37 -14.12 3.87
CA ALA A 44 -5.86 -15.49 3.67
C ALA A 44 -4.96 -15.58 2.41
N ALA A 45 -5.42 -14.93 1.32
CA ALA A 45 -4.72 -14.92 0.01
C ALA A 45 -3.43 -14.07 0.06
N ALA A 46 -3.35 -13.16 1.05
CA ALA A 46 -2.28 -12.14 1.15
C ALA A 46 -0.89 -12.71 1.50
N PHE A 47 -0.79 -14.03 1.73
CA PHE A 47 0.48 -14.72 2.12
C PHE A 47 1.58 -14.68 1.04
N ARG A 48 1.26 -14.12 -0.15
CA ARG A 48 2.24 -13.97 -1.26
C ARG A 48 3.07 -12.69 -1.13
N SER A 49 2.46 -11.65 -0.54
CA SER A 49 3.09 -10.33 -0.34
C SER A 49 3.17 -10.03 1.17
N PRO A 50 4.40 -9.70 1.73
CA PRO A 50 4.53 -9.27 3.14
C PRO A 50 3.75 -7.99 3.41
N LEU A 51 3.81 -7.06 2.44
CA LEU A 51 3.17 -5.75 2.54
C LEU A 51 1.64 -5.89 2.60
N ALA A 52 1.10 -6.85 1.82
CA ALA A 52 -0.35 -7.15 1.79
C ALA A 52 -0.83 -7.60 3.18
N ARG A 53 -0.07 -8.54 3.77
CA ARG A 53 -0.33 -9.06 5.13
C ARG A 53 -0.29 -7.94 6.19
N GLN A 54 0.68 -7.03 6.05
CA GLN A 54 0.85 -5.88 6.96
C GLN A 54 -0.34 -4.90 6.84
N LEU A 55 -0.83 -4.71 5.61
CA LEU A 55 -1.97 -3.83 5.31
C LEU A 55 -3.29 -4.44 5.83
N PHE A 56 -3.41 -5.78 5.77
CA PHE A 56 -4.59 -6.50 6.31
C PHE A 56 -4.58 -6.52 7.85
N ARG A 57 -3.42 -6.23 8.47
CA ARG A 57 -3.30 -6.03 9.93
C ARG A 57 -3.81 -4.63 10.35
N ILE A 58 -4.02 -3.74 9.37
CA ILE A 58 -4.55 -2.38 9.59
C ILE A 58 -6.08 -2.46 9.61
N GLU A 59 -6.66 -2.02 10.74
CA GLU A 59 -8.11 -2.00 10.98
C GLU A 59 -8.78 -1.06 9.97
N GLY A 60 -9.58 -1.63 9.06
CA GLY A 60 -10.26 -0.88 8.02
C GLY A 60 -10.08 -1.47 6.64
N VAL A 61 -9.01 -2.26 6.44
CA VAL A 61 -8.64 -2.82 5.14
C VAL A 61 -9.43 -4.12 4.84
N LYS A 62 -10.21 -4.10 3.75
CA LYS A 62 -11.02 -5.24 3.29
C LYS A 62 -10.28 -6.02 2.20
N SER A 63 -9.60 -5.27 1.32
CA SER A 63 -8.91 -5.82 0.14
C SER A 63 -7.68 -4.97 -0.21
N VAL A 64 -6.60 -5.63 -0.63
CA VAL A 64 -5.37 -4.97 -1.11
C VAL A 64 -5.14 -5.37 -2.57
N PHE A 65 -4.97 -4.38 -3.44
CA PHE A 65 -4.68 -4.58 -4.86
C PHE A 65 -3.36 -3.90 -5.18
N PHE A 66 -2.45 -4.63 -5.81
CA PHE A 66 -1.18 -4.09 -6.30
C PHE A 66 -1.27 -3.88 -7.81
N GLY A 67 -1.14 -2.60 -8.19
CA GLY A 67 -1.19 -2.15 -9.57
C GLY A 67 0.21 -1.85 -10.11
N PRO A 68 0.35 -1.43 -11.41
CA PRO A 68 1.66 -1.16 -12.04
C PRO A 68 2.48 -0.07 -11.31
N ASP A 69 1.78 0.91 -10.70
CA ASP A 69 2.41 2.10 -10.06
C ASP A 69 2.05 2.23 -8.57
N SER A 70 0.85 1.78 -8.18
CA SER A 70 0.26 2.11 -6.86
C SER A 70 -0.44 0.90 -6.22
N ILE A 71 -0.91 1.10 -4.97
CA ILE A 71 -1.58 0.07 -4.16
C ILE A 71 -3.01 0.53 -3.87
N THR A 72 -4.01 -0.10 -4.50
CA THR A 72 -5.42 0.28 -4.32
C THR A 72 -6.00 -0.54 -3.17
N VAL A 73 -6.32 0.13 -2.05
CA VAL A 73 -6.87 -0.49 -0.86
C VAL A 73 -8.38 -0.19 -0.85
N THR A 74 -9.20 -1.17 -0.49
CA THR A 74 -10.65 -1.02 -0.34
C THR A 74 -11.00 -1.07 1.16
N LYS A 75 -11.89 -0.17 1.61
CA LYS A 75 -12.37 -0.14 3.00
C LYS A 75 -13.47 -1.21 3.19
N GLU A 76 -13.64 -1.68 4.44
CA GLU A 76 -14.63 -2.73 4.78
C GLU A 76 -16.06 -2.26 4.60
N ASN A 77 -16.33 -1.04 5.08
CA ASN A 77 -17.62 -0.37 4.90
C ASN A 77 -17.41 1.14 4.73
N GLU A 78 -18.36 1.81 4.06
CA GLU A 78 -18.31 3.26 3.75
C GLU A 78 -18.19 4.13 5.03
N GLU A 79 -18.69 3.56 6.16
CA GLU A 79 -18.58 4.13 7.52
C GLU A 79 -17.14 4.60 7.82
N LEU A 80 -16.15 3.80 7.38
CA LEU A 80 -14.72 4.08 7.59
C LEU A 80 -14.27 5.24 6.72
N ASP A 81 -13.73 6.26 7.36
CA ASP A 81 -13.08 7.38 6.66
C ASP A 81 -11.61 7.03 6.39
N TRP A 82 -11.11 7.40 5.21
CA TRP A 82 -9.74 7.06 4.77
C TRP A 82 -8.66 7.65 5.69
N ASN A 83 -8.91 8.83 6.26
CA ASN A 83 -7.92 9.55 7.11
C ASN A 83 -7.54 8.76 8.38
N LEU A 84 -8.37 7.78 8.76
CA LEU A 84 -8.08 6.86 9.87
C LEU A 84 -6.95 5.88 9.45
N LEU A 85 -7.08 5.37 8.21
CA LEU A 85 -6.16 4.35 7.64
C LEU A 85 -4.86 4.98 7.08
N LYS A 86 -4.99 6.10 6.33
CA LYS A 86 -3.90 6.70 5.52
C LYS A 86 -2.54 6.85 6.26
N PRO A 87 -2.46 7.53 7.48
CA PRO A 87 -1.16 7.68 8.21
C PRO A 87 -0.57 6.32 8.67
N ASP A 88 -1.47 5.34 8.93
CA ASP A 88 -1.09 3.96 9.31
C ASP A 88 -0.47 3.23 8.11
N ILE A 89 -1.16 3.35 6.94
CA ILE A 89 -0.74 2.75 5.67
C ILE A 89 0.57 3.39 5.17
N TYR A 90 0.72 4.70 5.43
CA TYR A 90 1.98 5.44 5.14
C TYR A 90 3.14 4.85 5.95
N ALA A 91 2.90 4.64 7.26
CA ALA A 91 3.89 4.05 8.18
C ALA A 91 4.35 2.65 7.70
N THR A 92 3.35 1.81 7.35
CA THR A 92 3.56 0.43 6.87
C THR A 92 4.43 0.35 5.59
N ILE A 93 4.06 1.20 4.61
CA ILE A 93 4.73 1.28 3.31
C ILE A 93 6.17 1.84 3.47
N MET A 94 6.33 2.93 4.26
CA MET A 94 7.65 3.56 4.49
C MET A 94 8.63 2.58 5.15
N ASP A 95 8.18 1.87 6.20
CA ASP A 95 8.98 0.84 6.89
C ASP A 95 9.35 -0.32 5.95
N PHE A 96 8.41 -0.69 5.06
CA PHE A 96 8.60 -1.82 4.10
C PHE A 96 9.75 -1.52 3.10
N PHE A 97 9.67 -0.34 2.48
CA PHE A 97 10.64 0.10 1.46
C PHE A 97 11.98 0.58 2.08
N ALA A 98 11.93 1.09 3.34
CA ALA A 98 13.16 1.47 4.09
C ALA A 98 13.93 0.22 4.56
N SER A 99 13.18 -0.87 4.80
CA SER A 99 13.75 -2.19 5.16
C SER A 99 14.28 -2.92 3.91
N GLY A 100 13.78 -2.48 2.73
CA GLY A 100 14.20 -3.04 1.45
C GLY A 100 13.67 -4.45 1.21
N LEU A 101 12.42 -4.69 1.63
CA LEU A 101 11.76 -6.01 1.48
C LEU A 101 11.06 -6.07 0.10
N PRO A 102 11.18 -7.22 -0.67
CA PRO A 102 10.53 -7.36 -1.99
C PRO A 102 9.00 -7.41 -1.89
N LEU A 103 8.30 -6.84 -2.88
CA LEU A 103 6.82 -6.74 -2.89
C LEU A 103 6.20 -8.15 -2.76
N VAL A 104 6.71 -9.07 -3.58
CA VAL A 104 6.29 -10.48 -3.59
C VAL A 104 7.51 -11.34 -3.23
N THR A 105 7.43 -12.04 -2.09
CA THR A 105 8.53 -12.91 -1.64
C THR A 105 8.43 -14.31 -2.27
N GLU A 106 7.20 -14.87 -2.31
CA GLU A 106 6.96 -16.21 -2.86
C GLU A 106 5.68 -16.21 -3.71
N GLU A 107 5.77 -16.80 -4.91
CA GLU A 107 4.63 -17.04 -5.81
C GLU A 107 3.98 -18.40 -5.45
N MET A 1 16.99 18.89 22.68
CA MET A 1 15.67 18.42 23.15
C MET A 1 15.07 17.47 22.10
N GLY A 2 15.27 16.15 22.31
CA GLY A 2 14.74 15.11 21.42
C GLY A 2 15.53 14.95 20.11
N HIS A 3 15.27 13.85 19.41
CA HIS A 3 15.75 13.60 18.04
C HIS A 3 14.55 13.67 17.09
N HIS A 4 14.28 14.89 16.61
CA HIS A 4 13.15 15.16 15.70
C HIS A 4 13.59 16.12 14.58
N HIS A 5 14.92 16.34 14.45
CA HIS A 5 15.51 16.97 13.26
C HIS A 5 15.43 15.99 12.08
N HIS A 6 15.27 16.54 10.86
CA HIS A 6 15.20 15.77 9.60
C HIS A 6 14.00 14.80 9.66
N HIS A 7 12.90 15.28 10.33
CA HIS A 7 11.62 14.56 10.40
C HIS A 7 10.92 14.65 9.03
N HIS A 8 11.44 13.84 8.11
CA HIS A 8 11.11 13.86 6.70
C HIS A 8 11.48 12.49 6.14
N SER A 9 10.48 11.65 5.87
CA SER A 9 10.67 10.39 5.14
C SER A 9 11.10 10.74 3.70
N HIS A 10 12.26 10.21 3.28
CA HIS A 10 12.84 10.48 1.94
C HIS A 10 11.89 10.00 0.83
N MET A 11 11.15 8.94 1.17
CA MET A 11 10.06 8.39 0.36
C MET A 11 8.83 9.34 0.37
N PHE A 12 8.16 9.44 -0.79
CA PHE A 12 6.90 10.20 -0.94
C PHE A 12 5.82 9.29 -1.54
N ILE A 13 4.60 9.38 -1.00
CA ILE A 13 3.44 8.59 -1.46
C ILE A 13 2.33 9.58 -1.87
N GLN A 14 1.91 9.50 -3.15
CA GLN A 14 0.87 10.39 -3.71
C GLN A 14 -0.42 9.59 -3.96
N THR A 15 -1.56 10.16 -3.59
CA THR A 15 -2.87 9.49 -3.70
C THR A 15 -3.63 9.99 -4.94
N GLN A 16 -4.21 9.05 -5.71
CA GLN A 16 -4.98 9.34 -6.93
C GLN A 16 -6.47 9.06 -6.71
N ASP A 17 -7.32 9.83 -7.43
CA ASP A 17 -8.78 9.68 -7.44
C ASP A 17 -9.16 8.28 -7.96
N THR A 18 -9.96 7.56 -7.18
CA THR A 18 -10.44 6.20 -7.51
C THR A 18 -11.93 6.25 -7.90
N PRO A 19 -12.41 5.31 -8.77
CA PRO A 19 -13.87 5.16 -9.06
C PRO A 19 -14.68 4.78 -7.81
N ASN A 20 -14.09 3.93 -6.94
CA ASN A 20 -14.72 3.48 -5.68
C ASN A 20 -14.30 4.42 -4.52
N PRO A 21 -15.27 5.12 -3.83
CA PRO A 21 -14.97 5.90 -2.59
C PRO A 21 -14.43 5.04 -1.42
N ASN A 22 -14.78 3.74 -1.41
CA ASN A 22 -14.25 2.76 -0.42
C ASN A 22 -12.84 2.27 -0.79
N SER A 23 -12.33 2.70 -1.94
CA SER A 23 -10.95 2.42 -2.36
C SER A 23 -10.17 3.75 -2.45
N LEU A 24 -8.86 3.68 -2.24
CA LEU A 24 -7.95 4.82 -2.47
C LEU A 24 -6.60 4.28 -2.94
N LYS A 25 -6.02 4.96 -3.95
CA LYS A 25 -4.80 4.52 -4.64
C LYS A 25 -3.58 5.25 -4.04
N PHE A 26 -2.64 4.46 -3.51
CA PHE A 26 -1.41 4.95 -2.84
C PHE A 26 -0.20 4.62 -3.71
N ILE A 27 0.32 5.63 -4.41
CA ILE A 27 1.46 5.49 -5.35
C ILE A 27 2.78 5.72 -4.58
N PRO A 28 3.57 4.63 -4.30
CA PRO A 28 4.74 4.68 -3.38
C PRO A 28 6.01 5.29 -4.00
N GLY A 29 6.01 5.48 -5.34
CA GLY A 29 7.19 6.01 -6.05
C GLY A 29 8.16 4.91 -6.49
N LYS A 30 7.72 3.65 -6.39
CA LYS A 30 8.50 2.45 -6.77
C LYS A 30 7.58 1.48 -7.54
N PRO A 31 8.09 0.81 -8.63
CA PRO A 31 7.27 -0.14 -9.43
C PRO A 31 7.04 -1.46 -8.66
N VAL A 32 6.05 -1.43 -7.74
CA VAL A 32 5.71 -2.55 -6.84
C VAL A 32 5.33 -3.82 -7.64
N LEU A 33 4.51 -3.63 -8.68
CA LEU A 33 4.17 -4.63 -9.69
C LEU A 33 3.88 -3.88 -10.99
N GLU A 34 4.94 -3.54 -11.74
CA GLU A 34 4.78 -2.83 -13.02
C GLU A 34 4.57 -3.83 -14.16
N THR A 35 5.33 -4.95 -14.10
CA THR A 35 5.27 -6.02 -15.11
C THR A 35 3.86 -6.66 -15.18
N ARG A 36 3.16 -6.68 -14.04
CA ARG A 36 1.85 -7.34 -13.88
C ARG A 36 0.97 -6.57 -12.88
N THR A 37 -0.26 -7.06 -12.69
CA THR A 37 -1.19 -6.61 -11.65
C THR A 37 -1.67 -7.83 -10.86
N MET A 38 -1.84 -7.69 -9.54
CA MET A 38 -2.24 -8.80 -8.66
C MET A 38 -3.18 -8.25 -7.58
N ASP A 39 -4.26 -8.99 -7.33
CA ASP A 39 -5.29 -8.62 -6.34
C ASP A 39 -5.24 -9.58 -5.15
N PHE A 40 -5.43 -9.02 -3.96
CA PHE A 40 -5.47 -9.76 -2.69
C PHE A 40 -6.78 -9.40 -1.97
N PRO A 41 -7.89 -10.18 -2.19
CA PRO A 41 -9.20 -9.89 -1.57
C PRO A 41 -9.22 -10.18 -0.05
N THR A 42 -8.42 -11.17 0.36
CA THR A 42 -8.40 -11.70 1.73
C THR A 42 -6.96 -11.66 2.30
N PRO A 43 -6.78 -11.64 3.68
CA PRO A 43 -5.45 -11.76 4.31
C PRO A 43 -4.76 -13.11 3.98
N ALA A 44 -5.59 -14.14 3.69
CA ALA A 44 -5.09 -15.46 3.29
C ALA A 44 -4.40 -15.40 1.92
N ALA A 45 -5.08 -14.77 0.93
CA ALA A 45 -4.53 -14.59 -0.43
C ALA A 45 -3.29 -13.66 -0.44
N ALA A 46 -3.21 -12.79 0.58
CA ALA A 46 -2.11 -11.83 0.76
C ALA A 46 -0.78 -12.51 1.16
N PHE A 47 -0.80 -13.84 1.43
CA PHE A 47 0.40 -14.63 1.87
C PHE A 47 1.60 -14.45 0.93
N ARG A 48 1.30 -14.26 -0.36
CA ARG A 48 2.28 -14.10 -1.44
C ARG A 48 3.16 -12.83 -1.26
N SER A 49 2.57 -11.78 -0.68
CA SER A 49 3.21 -10.46 -0.56
C SER A 49 3.22 -10.00 0.92
N PRO A 50 4.42 -9.88 1.57
CA PRO A 50 4.54 -9.50 2.99
C PRO A 50 3.90 -8.13 3.30
N LEU A 51 4.01 -7.17 2.34
CA LEU A 51 3.46 -5.80 2.52
C LEU A 51 1.91 -5.82 2.59
N ALA A 52 1.27 -6.65 1.73
CA ALA A 52 -0.20 -6.78 1.72
C ALA A 52 -0.71 -7.35 3.06
N ARG A 53 0.06 -8.31 3.61
CA ARG A 53 -0.20 -8.91 4.95
C ARG A 53 -0.17 -7.83 6.05
N GLN A 54 0.83 -6.93 5.96
CA GLN A 54 1.02 -5.81 6.90
C GLN A 54 -0.12 -4.77 6.78
N LEU A 55 -0.64 -4.60 5.55
CA LEU A 55 -1.76 -3.67 5.26
C LEU A 55 -3.11 -4.26 5.75
N PHE A 56 -3.24 -5.60 5.73
CA PHE A 56 -4.42 -6.31 6.28
C PHE A 56 -4.41 -6.34 7.81
N ARG A 57 -3.27 -5.96 8.44
CA ARG A 57 -3.18 -5.77 9.90
C ARG A 57 -3.94 -4.52 10.36
N ILE A 58 -4.18 -3.60 9.42
CA ILE A 58 -4.83 -2.31 9.70
C ILE A 58 -6.34 -2.55 9.81
N GLU A 59 -6.89 -2.29 11.02
CA GLU A 59 -8.30 -2.54 11.33
C GLU A 59 -9.22 -1.67 10.46
N GLY A 60 -9.92 -2.33 9.54
CA GLY A 60 -10.84 -1.68 8.62
C GLY A 60 -10.49 -1.90 7.15
N VAL A 61 -9.41 -2.66 6.87
CA VAL A 61 -9.02 -3.00 5.48
C VAL A 61 -9.76 -4.26 4.98
N LYS A 62 -10.55 -4.07 3.93
CA LYS A 62 -11.31 -5.15 3.27
C LYS A 62 -10.42 -5.93 2.29
N SER A 63 -9.70 -5.21 1.43
CA SER A 63 -8.95 -5.80 0.31
C SER A 63 -7.78 -4.88 -0.08
N VAL A 64 -6.69 -5.46 -0.58
CA VAL A 64 -5.51 -4.72 -1.07
C VAL A 64 -5.21 -5.16 -2.52
N PHE A 65 -4.91 -4.19 -3.39
CA PHE A 65 -4.60 -4.42 -4.80
C PHE A 65 -3.23 -3.79 -5.10
N PHE A 66 -2.36 -4.54 -5.78
CA PHE A 66 -1.06 -4.03 -6.25
C PHE A 66 -1.11 -3.85 -7.78
N GLY A 67 -0.66 -2.67 -8.23
CA GLY A 67 -0.67 -2.26 -9.63
C GLY A 67 0.64 -1.56 -10.01
N PRO A 68 0.83 -1.13 -11.30
CA PRO A 68 2.10 -0.51 -11.77
C PRO A 68 2.44 0.80 -11.03
N ASP A 69 3.30 0.65 -9.99
CA ASP A 69 3.70 1.73 -9.07
C ASP A 69 2.45 2.30 -8.37
N SER A 70 1.66 1.40 -7.77
CA SER A 70 0.43 1.79 -7.05
C SER A 70 -0.05 0.66 -6.15
N ILE A 71 -0.64 1.05 -5.01
CA ILE A 71 -1.27 0.14 -4.06
C ILE A 71 -2.66 0.69 -3.74
N THR A 72 -3.71 0.10 -4.30
CA THR A 72 -5.08 0.55 -4.07
C THR A 72 -5.64 -0.25 -2.89
N VAL A 73 -5.82 0.43 -1.74
CA VAL A 73 -6.33 -0.20 -0.52
C VAL A 73 -7.84 0.05 -0.47
N THR A 74 -8.57 -0.96 -0.03
CA THR A 74 -10.03 -0.93 0.07
C THR A 74 -10.41 -1.16 1.54
N LYS A 75 -11.40 -0.39 2.02
CA LYS A 75 -11.87 -0.45 3.42
C LYS A 75 -13.24 -1.17 3.49
N GLU A 76 -13.60 -1.63 4.72
CA GLU A 76 -14.80 -2.46 4.99
C GLU A 76 -16.09 -1.82 4.49
N ASN A 77 -16.27 -0.51 4.78
CA ASN A 77 -17.49 0.22 4.43
C ASN A 77 -17.23 1.73 4.27
N GLU A 78 -18.27 2.43 3.79
CA GLU A 78 -18.30 3.90 3.64
C GLU A 78 -18.42 4.62 4.98
N GLU A 79 -18.86 3.89 6.02
CA GLU A 79 -18.91 4.39 7.40
C GLU A 79 -17.50 4.69 7.92
N LEU A 80 -16.52 3.85 7.51
CA LEU A 80 -15.10 4.11 7.79
C LEU A 80 -14.63 5.28 6.95
N ASP A 81 -14.04 6.27 7.62
CA ASP A 81 -13.41 7.41 6.97
C ASP A 81 -11.93 7.10 6.72
N TRP A 82 -11.39 7.55 5.57
CA TRP A 82 -10.00 7.23 5.16
C TRP A 82 -8.95 7.80 6.13
N ASN A 83 -9.23 8.96 6.76
CA ASN A 83 -8.26 9.63 7.68
C ASN A 83 -7.91 8.74 8.90
N LEU A 84 -8.77 7.73 9.20
CA LEU A 84 -8.53 6.77 10.29
C LEU A 84 -7.45 5.73 9.88
N LEU A 85 -7.52 5.25 8.62
CA LEU A 85 -6.63 4.18 8.09
C LEU A 85 -5.30 4.76 7.54
N LYS A 86 -5.37 5.90 6.83
CA LYS A 86 -4.23 6.46 6.06
C LYS A 86 -2.92 6.68 6.90
N PRO A 87 -2.95 7.20 8.19
CA PRO A 87 -1.73 7.27 9.05
C PRO A 87 -1.05 5.90 9.21
N ASP A 88 -1.90 4.87 9.42
CA ASP A 88 -1.48 3.48 9.56
C ASP A 88 -0.91 2.95 8.21
N ILE A 89 -1.59 3.29 7.09
CA ILE A 89 -1.20 2.83 5.73
C ILE A 89 0.18 3.39 5.33
N TYR A 90 0.36 4.72 5.48
CA TYR A 90 1.62 5.40 5.16
C TYR A 90 2.79 4.86 6.00
N ALA A 91 2.55 4.73 7.33
CA ALA A 91 3.55 4.24 8.29
C ALA A 91 4.05 2.83 7.91
N THR A 92 3.08 1.94 7.60
CA THR A 92 3.33 0.55 7.19
C THR A 92 4.15 0.45 5.88
N ILE A 93 3.71 1.18 4.84
CA ILE A 93 4.33 1.15 3.50
C ILE A 93 5.79 1.70 3.57
N MET A 94 5.96 2.90 4.17
CA MET A 94 7.28 3.56 4.28
C MET A 94 8.28 2.70 5.08
N ASP A 95 7.81 2.09 6.20
CA ASP A 95 8.62 1.18 7.04
C ASP A 95 9.12 -0.05 6.23
N PHE A 96 8.21 -0.63 5.41
CA PHE A 96 8.50 -1.81 4.58
C PHE A 96 9.64 -1.53 3.57
N PHE A 97 9.53 -0.39 2.87
CA PHE A 97 10.53 0.02 1.86
C PHE A 97 11.82 0.52 2.53
N ALA A 98 11.70 1.07 3.76
CA ALA A 98 12.87 1.44 4.58
C ALA A 98 13.64 0.20 5.05
N SER A 99 12.90 -0.91 5.26
CA SER A 99 13.46 -2.22 5.63
C SER A 99 14.10 -2.90 4.42
N GLY A 100 13.59 -2.56 3.21
CA GLY A 100 14.12 -3.10 1.96
C GLY A 100 13.90 -4.61 1.82
N LEU A 101 12.63 -5.01 1.86
CA LEU A 101 12.22 -6.43 1.73
C LEU A 101 11.59 -6.66 0.33
N PRO A 102 11.64 -7.92 -0.22
CA PRO A 102 10.95 -8.27 -1.50
C PRO A 102 9.44 -7.96 -1.39
N LEU A 103 8.96 -7.06 -2.28
CA LEU A 103 7.58 -6.54 -2.30
C LEU A 103 6.56 -7.70 -2.27
N VAL A 104 6.79 -8.65 -3.17
CA VAL A 104 6.06 -9.92 -3.22
C VAL A 104 7.11 -11.05 -3.17
N THR A 105 7.03 -11.91 -2.15
CA THR A 105 7.97 -13.02 -1.96
C THR A 105 7.65 -14.18 -2.93
N GLU A 106 6.35 -14.42 -3.16
CA GLU A 106 5.84 -15.54 -3.99
C GLU A 106 4.90 -14.96 -5.07
N GLU A 107 5.33 -14.98 -6.34
CA GLU A 107 4.57 -14.36 -7.46
C GLU A 107 3.22 -15.10 -7.73
N MET A 1 34.53 9.34 -13.96
CA MET A 1 33.64 10.08 -14.89
C MET A 1 32.57 10.86 -14.10
N GLY A 2 31.76 10.12 -13.30
CA GLY A 2 30.63 10.70 -12.57
C GLY A 2 31.01 11.57 -11.39
N HIS A 3 32.17 11.24 -10.78
CA HIS A 3 32.78 11.92 -9.60
C HIS A 3 31.79 12.18 -8.42
N HIS A 4 30.89 13.18 -8.55
CA HIS A 4 29.93 13.55 -7.51
C HIS A 4 28.49 13.28 -8.00
N HIS A 5 27.96 12.12 -7.64
CA HIS A 5 26.52 11.83 -7.75
C HIS A 5 25.84 12.12 -6.40
N HIS A 6 24.51 12.15 -6.41
CA HIS A 6 23.71 12.33 -5.21
C HIS A 6 22.35 11.66 -5.43
N HIS A 7 22.30 10.35 -5.14
CA HIS A 7 21.09 9.54 -5.30
C HIS A 7 20.54 9.17 -3.91
N HIS A 8 19.51 9.91 -3.47
CA HIS A 8 18.78 9.60 -2.22
C HIS A 8 17.44 8.94 -2.59
N SER A 9 17.03 7.93 -1.79
CA SER A 9 15.75 7.24 -2.00
C SER A 9 14.61 8.19 -1.57
N HIS A 10 14.00 8.83 -2.58
CA HIS A 10 12.91 9.80 -2.39
C HIS A 10 11.59 9.03 -2.19
N MET A 11 11.07 9.00 -0.96
CA MET A 11 9.85 8.26 -0.62
C MET A 11 8.71 9.23 -0.26
N PHE A 12 7.91 9.56 -1.27
CA PHE A 12 6.69 10.38 -1.13
C PHE A 12 5.50 9.56 -1.63
N ILE A 13 4.53 9.30 -0.74
CA ILE A 13 3.31 8.56 -1.10
C ILE A 13 2.21 9.60 -1.38
N GLN A 14 1.76 9.66 -2.62
CA GLN A 14 0.70 10.58 -3.05
C GLN A 14 -0.59 9.76 -3.28
N THR A 15 -1.74 10.31 -2.87
CA THR A 15 -3.03 9.64 -3.04
C THR A 15 -3.75 10.22 -4.27
N GLN A 16 -4.37 9.33 -5.05
CA GLN A 16 -5.12 9.67 -6.25
C GLN A 16 -6.54 9.15 -6.09
N ASP A 17 -7.53 10.02 -6.35
CA ASP A 17 -8.96 9.73 -6.21
C ASP A 17 -9.35 8.60 -7.18
N THR A 18 -10.15 7.66 -6.67
CA THR A 18 -10.49 6.41 -7.35
C THR A 18 -12.05 6.34 -7.42
N PRO A 19 -12.66 5.93 -8.59
CA PRO A 19 -14.13 6.09 -8.87
C PRO A 19 -15.07 5.53 -7.76
N ASN A 20 -14.65 4.43 -7.13
CA ASN A 20 -15.34 3.84 -5.97
C ASN A 20 -14.77 4.51 -4.69
N PRO A 21 -15.60 5.25 -3.87
CA PRO A 21 -15.12 5.93 -2.62
C PRO A 21 -14.55 4.99 -1.54
N ASN A 22 -14.90 3.69 -1.60
CA ASN A 22 -14.38 2.66 -0.67
C ASN A 22 -13.02 2.12 -1.14
N SER A 23 -12.57 2.52 -2.34
CA SER A 23 -11.21 2.21 -2.86
C SER A 23 -10.41 3.51 -3.01
N LEU A 24 -9.12 3.47 -2.66
CA LEU A 24 -8.22 4.62 -2.84
C LEU A 24 -6.87 4.14 -3.38
N LYS A 25 -6.35 4.86 -4.37
CA LYS A 25 -5.08 4.56 -5.04
C LYS A 25 -3.93 5.28 -4.30
N PHE A 26 -3.03 4.50 -3.69
CA PHE A 26 -1.86 5.01 -2.94
C PHE A 26 -0.63 4.78 -3.80
N ILE A 27 -0.14 5.84 -4.44
CA ILE A 27 1.06 5.79 -5.28
C ILE A 27 2.29 6.06 -4.39
N PRO A 28 3.12 5.02 -4.02
CA PRO A 28 4.30 5.20 -3.14
C PRO A 28 5.49 5.84 -3.87
N GLY A 29 5.35 5.97 -5.21
CA GLY A 29 6.40 6.47 -6.07
C GLY A 29 7.44 5.41 -6.39
N LYS A 30 7.17 4.17 -5.97
CA LYS A 30 8.03 3.01 -6.17
C LYS A 30 7.20 1.89 -6.80
N PRO A 31 7.57 1.39 -8.01
CA PRO A 31 6.81 0.34 -8.71
C PRO A 31 6.79 -0.98 -7.92
N VAL A 32 5.65 -1.23 -7.25
CA VAL A 32 5.46 -2.42 -6.40
C VAL A 32 5.44 -3.70 -7.28
N LEU A 33 4.79 -3.61 -8.45
CA LEU A 33 4.76 -4.67 -9.47
C LEU A 33 4.74 -4.02 -10.86
N GLU A 34 5.90 -3.56 -11.33
CA GLU A 34 6.04 -2.93 -12.66
C GLU A 34 5.77 -3.98 -13.77
N THR A 35 6.18 -5.22 -13.50
CA THR A 35 6.11 -6.34 -14.46
C THR A 35 4.65 -6.85 -14.62
N ARG A 36 3.82 -6.66 -13.58
CA ARG A 36 2.51 -7.35 -13.49
C ARG A 36 1.52 -6.60 -12.58
N THR A 37 0.42 -7.27 -12.21
CA THR A 37 -0.50 -6.85 -11.14
C THR A 37 -0.94 -8.10 -10.35
N MET A 38 -1.30 -7.94 -9.05
CA MET A 38 -1.76 -9.04 -8.18
C MET A 38 -2.87 -8.53 -7.24
N ASP A 39 -4.02 -9.21 -7.23
CA ASP A 39 -5.18 -8.86 -6.38
C ASP A 39 -5.25 -9.77 -5.14
N PHE A 40 -5.65 -9.18 -4.02
CA PHE A 40 -5.81 -9.84 -2.71
C PHE A 40 -7.23 -9.51 -2.19
N PRO A 41 -8.28 -10.29 -2.62
CA PRO A 41 -9.67 -10.04 -2.19
C PRO A 41 -9.91 -10.41 -0.71
N THR A 42 -9.08 -11.34 -0.20
CA THR A 42 -9.16 -11.87 1.17
C THR A 42 -7.78 -11.71 1.87
N PRO A 43 -7.76 -11.58 3.24
CA PRO A 43 -6.50 -11.57 4.03
C PRO A 43 -5.70 -12.90 3.91
N ALA A 44 -6.41 -13.99 3.57
CA ALA A 44 -5.81 -15.34 3.40
C ALA A 44 -4.95 -15.40 2.12
N ALA A 45 -5.39 -14.70 1.06
CA ALA A 45 -4.66 -14.62 -0.23
C ALA A 45 -3.36 -13.79 -0.10
N ALA A 46 -3.26 -12.98 0.95
CA ALA A 46 -2.19 -11.99 1.15
C ALA A 46 -0.82 -12.58 1.50
N PHE A 47 -0.77 -13.89 1.85
CA PHE A 47 0.49 -14.57 2.29
C PHE A 47 1.63 -14.43 1.26
N ARG A 48 1.26 -14.34 -0.02
CA ARG A 48 2.18 -14.20 -1.15
C ARG A 48 3.08 -12.95 -1.04
N SER A 49 2.55 -11.91 -0.40
CA SER A 49 3.20 -10.60 -0.30
C SER A 49 3.19 -10.12 1.16
N PRO A 50 4.39 -9.93 1.79
CA PRO A 50 4.51 -9.46 3.20
C PRO A 50 3.81 -8.11 3.43
N LEU A 51 3.88 -7.20 2.42
CA LEU A 51 3.28 -5.86 2.52
C LEU A 51 1.74 -5.96 2.49
N ALA A 52 1.21 -6.87 1.64
CA ALA A 52 -0.25 -7.12 1.56
C ALA A 52 -0.78 -7.61 2.92
N ARG A 53 -0.01 -8.53 3.55
CA ARG A 53 -0.31 -9.03 4.91
C ARG A 53 -0.38 -7.88 5.93
N GLN A 54 0.63 -6.99 5.86
CA GLN A 54 0.80 -5.87 6.81
C GLN A 54 -0.35 -4.86 6.69
N LEU A 55 -0.86 -4.69 5.46
CA LEU A 55 -2.02 -3.83 5.18
C LEU A 55 -3.31 -4.46 5.73
N PHE A 56 -3.45 -5.79 5.64
CA PHE A 56 -4.60 -6.52 6.23
C PHE A 56 -4.50 -6.62 7.77
N ARG A 57 -3.35 -6.25 8.35
CA ARG A 57 -3.21 -6.09 9.82
C ARG A 57 -3.76 -4.73 10.29
N ILE A 58 -4.02 -3.83 9.32
CA ILE A 58 -4.62 -2.51 9.59
C ILE A 58 -6.14 -2.68 9.65
N GLU A 59 -6.72 -2.45 10.84
CA GLU A 59 -8.16 -2.65 11.11
C GLU A 59 -8.97 -1.64 10.29
N GLY A 60 -9.47 -2.10 9.14
CA GLY A 60 -10.25 -1.28 8.24
C GLY A 60 -10.09 -1.71 6.79
N VAL A 61 -8.95 -2.35 6.47
CA VAL A 61 -8.63 -2.78 5.11
C VAL A 61 -9.45 -4.04 4.73
N LYS A 62 -10.39 -3.86 3.79
CA LYS A 62 -11.23 -4.94 3.27
C LYS A 62 -10.42 -5.81 2.29
N SER A 63 -9.70 -5.14 1.36
CA SER A 63 -8.95 -5.80 0.28
C SER A 63 -7.73 -4.95 -0.12
N VAL A 64 -6.75 -5.60 -0.77
CA VAL A 64 -5.53 -4.95 -1.29
C VAL A 64 -5.33 -5.35 -2.75
N PHE A 65 -4.91 -4.39 -3.59
CA PHE A 65 -4.53 -4.64 -4.98
C PHE A 65 -3.19 -3.97 -5.25
N PHE A 66 -2.24 -4.72 -5.83
CA PHE A 66 -0.96 -4.17 -6.28
C PHE A 66 -1.01 -3.88 -7.78
N GLY A 67 -0.60 -2.66 -8.12
CA GLY A 67 -0.60 -2.13 -9.47
C GLY A 67 0.83 -1.90 -9.99
N PRO A 68 1.00 -1.40 -11.25
CA PRO A 68 2.35 -1.10 -11.83
C PRO A 68 3.22 -0.19 -10.93
N ASP A 69 2.63 0.92 -10.43
CA ASP A 69 3.37 1.93 -9.62
C ASP A 69 2.51 2.42 -8.43
N SER A 70 1.49 1.64 -8.04
CA SER A 70 0.60 2.02 -6.91
C SER A 70 -0.01 0.80 -6.23
N ILE A 71 -0.66 1.05 -5.09
CA ILE A 71 -1.42 0.05 -4.31
C ILE A 71 -2.85 0.58 -4.11
N THR A 72 -3.85 -0.10 -4.66
CA THR A 72 -5.25 0.30 -4.49
C THR A 72 -5.83 -0.49 -3.31
N VAL A 73 -6.14 0.21 -2.22
CA VAL A 73 -6.65 -0.42 -0.99
C VAL A 73 -8.16 -0.18 -0.93
N THR A 74 -8.90 -1.21 -0.51
CA THR A 74 -10.34 -1.10 -0.24
C THR A 74 -10.54 -1.13 1.29
N LYS A 75 -11.51 -0.35 1.79
CA LYS A 75 -11.90 -0.33 3.22
C LYS A 75 -13.25 -1.03 3.42
N GLU A 76 -13.50 -1.52 4.67
CA GLU A 76 -14.67 -2.36 5.03
C GLU A 76 -16.00 -1.72 4.61
N ASN A 77 -16.25 -0.53 5.15
CA ASN A 77 -17.54 0.14 5.05
C ASN A 77 -17.37 1.65 4.90
N GLU A 78 -18.48 2.33 4.61
CA GLU A 78 -18.53 3.79 4.35
C GLU A 78 -18.44 4.58 5.66
N GLU A 79 -18.63 3.88 6.80
CA GLU A 79 -18.52 4.47 8.13
C GLU A 79 -17.04 4.68 8.50
N LEU A 80 -16.14 3.89 7.88
CA LEU A 80 -14.69 4.13 7.94
C LEU A 80 -14.32 5.24 6.98
N ASP A 81 -13.65 6.26 7.49
CA ASP A 81 -13.06 7.31 6.66
C ASP A 81 -11.59 6.93 6.35
N TRP A 82 -11.09 7.36 5.17
CA TRP A 82 -9.72 7.03 4.72
C TRP A 82 -8.65 7.62 5.65
N ASN A 83 -8.94 8.76 6.33
CA ASN A 83 -7.99 9.41 7.27
C ASN A 83 -7.61 8.51 8.45
N LEU A 84 -8.45 7.50 8.74
CA LEU A 84 -8.20 6.53 9.81
C LEU A 84 -7.08 5.55 9.38
N LEU A 85 -7.18 5.09 8.13
CA LEU A 85 -6.27 4.08 7.56
C LEU A 85 -4.95 4.73 7.06
N LYS A 86 -5.04 6.00 6.60
CA LYS A 86 -3.91 6.73 5.97
C LYS A 86 -2.59 6.71 6.80
N PRO A 87 -2.56 7.12 8.13
CA PRO A 87 -1.30 7.12 8.93
C PRO A 87 -0.68 5.71 9.03
N ASP A 88 -1.57 4.71 9.10
CA ASP A 88 -1.21 3.29 9.17
C ASP A 88 -0.58 2.82 7.85
N ILE A 89 -1.24 3.14 6.72
CA ILE A 89 -0.84 2.72 5.37
C ILE A 89 0.47 3.39 4.94
N TYR A 90 0.61 4.71 5.23
CA TYR A 90 1.83 5.47 4.92
C TYR A 90 3.02 4.90 5.68
N ALA A 91 2.85 4.75 7.01
CA ALA A 91 3.91 4.23 7.91
C ALA A 91 4.36 2.83 7.48
N THR A 92 3.39 1.94 7.22
CA THR A 92 3.63 0.54 6.81
C THR A 92 4.42 0.44 5.49
N ILE A 93 3.97 1.16 4.44
CA ILE A 93 4.60 1.12 3.11
C ILE A 93 6.02 1.75 3.13
N MET A 94 6.15 2.95 3.76
CA MET A 94 7.45 3.66 3.86
C MET A 94 8.49 2.82 4.62
N ASP A 95 8.07 2.27 5.77
CA ASP A 95 8.89 1.38 6.63
C ASP A 95 9.40 0.16 5.84
N PHE A 96 8.46 -0.46 5.10
CA PHE A 96 8.71 -1.68 4.31
C PHE A 96 9.84 -1.47 3.28
N PHE A 97 9.74 -0.36 2.53
CA PHE A 97 10.75 0.00 1.50
C PHE A 97 12.05 0.52 2.12
N ALA A 98 11.96 1.14 3.32
CA ALA A 98 13.14 1.61 4.08
C ALA A 98 13.93 0.43 4.67
N SER A 99 13.22 -0.67 4.95
CA SER A 99 13.82 -1.95 5.38
C SER A 99 14.37 -2.72 4.18
N GLY A 100 13.81 -2.42 2.98
CA GLY A 100 14.24 -3.03 1.72
C GLY A 100 13.76 -4.46 1.57
N LEU A 101 12.55 -4.72 2.08
CA LEU A 101 11.95 -6.07 2.07
C LEU A 101 11.38 -6.41 0.67
N PRO A 102 11.45 -7.71 0.22
CA PRO A 102 10.87 -8.16 -1.08
C PRO A 102 9.33 -7.98 -1.09
N LEU A 103 8.84 -7.16 -2.02
CA LEU A 103 7.42 -6.74 -2.13
C LEU A 103 6.47 -7.95 -2.14
N VAL A 104 6.71 -8.87 -3.08
CA VAL A 104 5.97 -10.15 -3.18
C VAL A 104 6.99 -11.29 -3.06
N THR A 105 6.99 -11.96 -1.91
CA THR A 105 7.96 -13.01 -1.58
C THR A 105 7.77 -14.27 -2.45
N GLU A 106 6.53 -14.82 -2.46
CA GLU A 106 6.19 -16.04 -3.22
C GLU A 106 4.83 -15.86 -3.93
N GLU A 107 4.87 -15.43 -5.20
CA GLU A 107 3.66 -15.27 -6.05
C GLU A 107 3.28 -16.64 -6.71
N MET A 1 22.59 34.49 -7.28
CA MET A 1 22.90 33.82 -8.57
C MET A 1 21.63 33.17 -9.14
N GLY A 2 20.91 32.43 -8.28
CA GLY A 2 19.65 31.78 -8.67
C GLY A 2 18.82 31.34 -7.46
N HIS A 3 17.69 30.66 -7.72
CA HIS A 3 16.79 30.12 -6.67
C HIS A 3 17.05 28.60 -6.49
N HIS A 4 16.92 28.12 -5.23
CA HIS A 4 17.25 26.74 -4.83
C HIS A 4 15.95 25.90 -4.71
N HIS A 5 15.75 24.90 -5.60
CA HIS A 5 14.55 24.03 -5.61
C HIS A 5 14.94 22.55 -5.73
N HIS A 6 14.25 21.71 -4.95
CA HIS A 6 14.38 20.23 -4.99
C HIS A 6 12.98 19.59 -4.94
N HIS A 7 12.94 18.27 -5.13
CA HIS A 7 11.72 17.44 -5.00
C HIS A 7 11.83 16.59 -3.72
N HIS A 8 10.67 16.27 -3.12
CA HIS A 8 10.60 15.43 -1.91
C HIS A 8 10.50 13.93 -2.32
N SER A 9 11.64 13.40 -2.77
CA SER A 9 11.75 12.04 -3.37
C SER A 9 11.96 10.94 -2.31
N HIS A 10 11.80 11.30 -1.01
CA HIS A 10 11.80 10.32 0.10
C HIS A 10 10.47 9.53 0.08
N MET A 11 10.40 8.56 -0.87
CA MET A 11 9.21 7.72 -1.13
C MET A 11 7.90 8.53 -1.07
N PHE A 12 7.70 9.39 -2.08
CA PHE A 12 6.54 10.30 -2.13
C PHE A 12 5.21 9.51 -2.31
N ILE A 13 4.65 9.07 -1.15
CA ILE A 13 3.35 8.42 -1.12
C ILE A 13 2.25 9.46 -1.35
N GLN A 14 1.77 9.53 -2.59
CA GLN A 14 0.69 10.43 -2.98
C GLN A 14 -0.60 9.62 -3.16
N THR A 15 -1.73 10.24 -2.82
CA THR A 15 -3.05 9.61 -2.89
C THR A 15 -3.76 10.08 -4.18
N GLN A 16 -4.36 9.11 -4.88
CA GLN A 16 -5.21 9.34 -6.05
C GLN A 16 -6.62 8.85 -5.70
N ASP A 17 -7.60 9.76 -5.76
CA ASP A 17 -9.02 9.43 -5.54
C ASP A 17 -9.53 8.56 -6.69
N THR A 18 -10.49 7.68 -6.41
CA THR A 18 -10.99 6.68 -7.37
C THR A 18 -12.53 6.80 -7.46
N PRO A 19 -13.17 6.42 -8.62
CA PRO A 19 -14.67 6.45 -8.75
C PRO A 19 -15.38 5.44 -7.80
N ASN A 20 -14.60 4.63 -7.06
CA ASN A 20 -15.10 3.76 -5.98
C ASN A 20 -14.82 4.45 -4.62
N PRO A 21 -15.88 4.94 -3.87
CA PRO A 21 -15.71 5.64 -2.55
C PRO A 21 -15.11 4.74 -1.45
N ASN A 22 -15.15 3.41 -1.66
CA ASN A 22 -14.62 2.43 -0.71
C ASN A 22 -13.14 2.09 -1.02
N SER A 23 -12.56 2.66 -2.08
CA SER A 23 -11.15 2.39 -2.46
C SER A 23 -10.36 3.70 -2.63
N LEU A 24 -9.07 3.67 -2.25
CA LEU A 24 -8.13 4.80 -2.46
C LEU A 24 -6.79 4.24 -2.93
N LYS A 25 -6.20 4.87 -3.96
CA LYS A 25 -4.92 4.45 -4.53
C LYS A 25 -3.77 5.25 -3.88
N PHE A 26 -2.74 4.54 -3.40
CA PHE A 26 -1.51 5.13 -2.86
C PHE A 26 -0.34 4.77 -3.80
N ILE A 27 0.19 5.78 -4.52
CA ILE A 27 1.43 5.63 -5.31
C ILE A 27 2.61 5.77 -4.32
N PRO A 28 3.39 4.68 -4.04
CA PRO A 28 4.42 4.67 -2.96
C PRO A 28 5.70 5.48 -3.30
N GLY A 29 5.73 6.07 -4.51
CA GLY A 29 6.87 6.84 -4.98
C GLY A 29 7.93 6.00 -5.69
N LYS A 30 7.85 4.66 -5.56
CA LYS A 30 8.82 3.70 -6.16
C LYS A 30 8.07 2.62 -6.97
N PRO A 31 8.67 2.10 -8.09
CA PRO A 31 8.06 1.03 -8.92
C PRO A 31 7.87 -0.31 -8.17
N VAL A 32 6.63 -0.84 -8.14
CA VAL A 32 6.31 -2.09 -7.41
C VAL A 32 6.03 -3.26 -8.39
N LEU A 33 5.25 -3.00 -9.47
CA LEU A 33 4.74 -4.06 -10.38
C LEU A 33 4.53 -3.54 -11.82
N GLU A 34 5.61 -3.07 -12.46
CA GLU A 34 5.59 -2.63 -13.88
C GLU A 34 5.09 -3.76 -14.84
N THR A 35 5.45 -5.02 -14.52
CA THR A 35 5.20 -6.18 -15.40
C THR A 35 3.77 -6.74 -15.23
N ARG A 36 3.24 -6.77 -13.98
CA ARG A 36 1.96 -7.47 -13.66
C ARG A 36 1.11 -6.68 -12.64
N THR A 37 0.04 -7.37 -12.14
CA THR A 37 -0.74 -6.96 -10.98
C THR A 37 -0.82 -8.15 -10.00
N MET A 38 -0.99 -7.88 -8.69
CA MET A 38 -1.12 -8.91 -7.63
C MET A 38 -2.35 -8.59 -6.77
N ASP A 39 -3.42 -9.39 -6.91
CA ASP A 39 -4.67 -9.22 -6.14
C ASP A 39 -4.60 -9.93 -4.77
N PHE A 40 -5.12 -9.27 -3.73
CA PHE A 40 -5.30 -9.86 -2.38
C PHE A 40 -6.74 -9.56 -1.91
N PRO A 41 -7.78 -10.31 -2.43
CA PRO A 41 -9.20 -10.05 -2.09
C PRO A 41 -9.55 -10.38 -0.62
N THR A 42 -8.70 -11.19 0.03
CA THR A 42 -8.87 -11.63 1.43
C THR A 42 -7.52 -11.54 2.18
N PRO A 43 -7.52 -11.44 3.56
CA PRO A 43 -6.27 -11.50 4.37
C PRO A 43 -5.55 -12.86 4.24
N ALA A 44 -6.30 -13.91 3.87
CA ALA A 44 -5.74 -15.23 3.52
C ALA A 44 -4.88 -15.11 2.25
N ALA A 45 -5.46 -14.45 1.22
CA ALA A 45 -4.80 -14.21 -0.08
C ALA A 45 -3.53 -13.34 0.03
N ALA A 46 -3.42 -12.55 1.12
CA ALA A 46 -2.30 -11.63 1.37
C ALA A 46 -0.94 -12.34 1.58
N PHE A 47 -0.93 -13.69 1.67
CA PHE A 47 0.31 -14.48 1.89
C PHE A 47 1.34 -14.29 0.75
N ARG A 48 0.89 -13.80 -0.41
CA ARG A 48 1.76 -13.59 -1.59
C ARG A 48 2.55 -12.26 -1.55
N SER A 49 2.39 -11.49 -0.45
CA SER A 49 3.15 -10.23 -0.23
C SER A 49 3.17 -9.87 1.28
N PRO A 50 4.38 -9.61 1.89
CA PRO A 50 4.47 -9.19 3.31
C PRO A 50 3.86 -7.79 3.53
N LEU A 51 3.94 -6.92 2.49
CA LEU A 51 3.38 -5.56 2.54
C LEU A 51 1.86 -5.64 2.61
N ALA A 52 1.28 -6.59 1.84
CA ALA A 52 -0.16 -6.85 1.83
C ALA A 52 -0.62 -7.27 3.22
N ARG A 53 0.12 -8.23 3.84
CA ARG A 53 -0.16 -8.75 5.20
C ARG A 53 -0.22 -7.60 6.23
N GLN A 54 0.75 -6.66 6.10
CA GLN A 54 0.90 -5.51 7.01
C GLN A 54 -0.23 -4.47 6.79
N LEU A 55 -0.72 -4.37 5.53
CA LEU A 55 -1.87 -3.50 5.19
C LEU A 55 -3.18 -4.07 5.78
N PHE A 56 -3.32 -5.41 5.78
CA PHE A 56 -4.48 -6.10 6.40
C PHE A 56 -4.41 -6.06 7.95
N ARG A 57 -3.20 -5.82 8.50
CA ARG A 57 -2.99 -5.60 9.94
C ARG A 57 -3.64 -4.27 10.42
N ILE A 58 -3.98 -3.40 9.46
CA ILE A 58 -4.70 -2.15 9.71
C ILE A 58 -6.20 -2.46 9.71
N GLU A 59 -6.86 -2.19 10.84
CA GLU A 59 -8.31 -2.41 10.99
C GLU A 59 -9.07 -1.42 10.07
N GLY A 60 -9.97 -1.97 9.26
CA GLY A 60 -10.69 -1.22 8.24
C GLY A 60 -10.41 -1.74 6.84
N VAL A 61 -9.23 -2.35 6.64
CA VAL A 61 -8.80 -2.89 5.33
C VAL A 61 -9.48 -4.25 5.05
N LYS A 62 -10.31 -4.27 3.99
CA LYS A 62 -11.06 -5.47 3.54
C LYS A 62 -10.24 -6.28 2.52
N SER A 63 -9.61 -5.55 1.59
CA SER A 63 -8.90 -6.12 0.45
C SER A 63 -7.88 -5.12 -0.08
N VAL A 64 -6.72 -5.62 -0.53
CA VAL A 64 -5.66 -4.82 -1.13
C VAL A 64 -5.37 -5.37 -2.53
N PHE A 65 -5.18 -4.47 -3.49
CA PHE A 65 -4.86 -4.81 -4.88
C PHE A 65 -3.62 -4.01 -5.28
N PHE A 66 -2.54 -4.71 -5.64
CA PHE A 66 -1.31 -4.09 -6.13
C PHE A 66 -1.41 -3.98 -7.66
N GLY A 67 -1.18 -2.76 -8.16
CA GLY A 67 -1.24 -2.43 -9.57
C GLY A 67 0.10 -1.97 -10.12
N PRO A 68 0.18 -1.62 -11.45
CA PRO A 68 1.44 -1.17 -12.08
C PRO A 68 2.03 0.10 -11.41
N ASP A 69 2.98 -0.15 -10.49
CA ASP A 69 3.78 0.89 -9.79
C ASP A 69 2.90 1.80 -8.91
N SER A 70 1.78 1.22 -8.46
CA SER A 70 0.78 1.88 -7.61
C SER A 70 0.05 0.81 -6.79
N ILE A 71 -0.52 1.20 -5.65
CA ILE A 71 -1.26 0.30 -4.74
C ILE A 71 -2.67 0.85 -4.56
N THR A 72 -3.66 -0.03 -4.39
CA THR A 72 -5.05 0.35 -4.10
C THR A 72 -5.52 -0.44 -2.88
N VAL A 73 -6.01 0.26 -1.86
CA VAL A 73 -6.55 -0.37 -0.64
C VAL A 73 -8.07 -0.14 -0.63
N THR A 74 -8.82 -1.13 -0.14
CA THR A 74 -10.28 -1.07 -0.03
C THR A 74 -10.70 -1.23 1.44
N LYS A 75 -11.67 -0.41 1.87
CA LYS A 75 -12.25 -0.47 3.23
C LYS A 75 -13.40 -1.50 3.26
N GLU A 76 -13.72 -2.00 4.46
CA GLU A 76 -14.78 -3.02 4.67
C GLU A 76 -16.18 -2.51 4.34
N ASN A 77 -16.40 -1.21 4.55
CA ASN A 77 -17.66 -0.53 4.24
C ASN A 77 -17.43 0.99 4.29
N GLU A 78 -18.29 1.75 3.57
CA GLU A 78 -18.13 3.22 3.39
C GLU A 78 -18.32 4.02 4.72
N GLU A 79 -18.72 3.32 5.78
CA GLU A 79 -18.80 3.84 7.16
C GLU A 79 -17.39 4.18 7.69
N LEU A 80 -16.38 3.42 7.23
CA LEU A 80 -14.96 3.65 7.53
C LEU A 80 -14.45 4.86 6.74
N ASP A 81 -13.73 5.75 7.43
CA ASP A 81 -13.10 6.94 6.83
C ASP A 81 -11.62 6.69 6.49
N TRP A 82 -11.19 7.09 5.27
CA TRP A 82 -9.81 6.89 4.77
C TRP A 82 -8.75 7.67 5.56
N ASN A 83 -9.10 8.88 6.07
CA ASN A 83 -8.13 9.75 6.79
C ASN A 83 -7.65 9.08 8.09
N LEU A 84 -8.45 8.13 8.61
CA LEU A 84 -8.11 7.34 9.80
C LEU A 84 -6.99 6.33 9.45
N LEU A 85 -7.16 5.60 8.34
CA LEU A 85 -6.23 4.54 7.89
C LEU A 85 -4.95 5.11 7.23
N LYS A 86 -5.02 6.32 6.61
CA LYS A 86 -3.87 6.93 5.90
C LYS A 86 -2.53 6.89 6.70
N PRO A 87 -2.43 7.44 7.97
CA PRO A 87 -1.12 7.47 8.72
C PRO A 87 -0.54 6.07 8.92
N ASP A 88 -1.44 5.08 9.02
CA ASP A 88 -1.10 3.66 9.18
C ASP A 88 -0.52 3.09 7.88
N ILE A 89 -1.19 3.39 6.75
CA ILE A 89 -0.80 2.88 5.41
C ILE A 89 0.54 3.50 4.96
N TYR A 90 0.71 4.81 5.21
CA TYR A 90 1.98 5.55 4.98
C TYR A 90 3.13 4.92 5.77
N ALA A 91 2.89 4.71 7.09
CA ALA A 91 3.87 4.11 8.01
C ALA A 91 4.29 2.70 7.56
N THR A 92 3.29 1.89 7.15
CA THR A 92 3.46 0.51 6.69
C THR A 92 4.36 0.44 5.43
N ILE A 93 4.02 1.25 4.41
CA ILE A 93 4.73 1.27 3.12
C ILE A 93 6.19 1.75 3.31
N MET A 94 6.38 2.90 4.02
CA MET A 94 7.72 3.48 4.24
C MET A 94 8.63 2.50 5.00
N ASP A 95 8.12 1.95 6.11
CA ASP A 95 8.88 1.01 6.99
C ASP A 95 9.29 -0.27 6.24
N PHE A 96 8.36 -0.79 5.42
CA PHE A 96 8.56 -2.01 4.61
C PHE A 96 9.76 -1.85 3.64
N PHE A 97 9.71 -0.77 2.83
CA PHE A 97 10.73 -0.47 1.81
C PHE A 97 12.05 0.01 2.46
N ALA A 98 11.96 0.61 3.66
CA ALA A 98 13.14 1.01 4.45
C ALA A 98 13.89 -0.21 4.97
N SER A 99 13.12 -1.28 5.31
CA SER A 99 13.68 -2.56 5.76
C SER A 99 14.20 -3.38 4.57
N GLY A 100 13.72 -3.04 3.35
CA GLY A 100 14.10 -3.73 2.13
C GLY A 100 13.54 -5.14 2.05
N LEU A 101 12.28 -5.31 2.50
CA LEU A 101 11.57 -6.59 2.47
C LEU A 101 11.04 -6.87 1.04
N PRO A 102 11.08 -8.15 0.54
CA PRO A 102 10.61 -8.49 -0.83
C PRO A 102 9.11 -8.14 -1.03
N LEU A 103 8.82 -7.32 -2.06
CA LEU A 103 7.45 -6.83 -2.39
C LEU A 103 6.49 -8.03 -2.59
N VAL A 104 6.90 -8.96 -3.45
CA VAL A 104 6.15 -10.21 -3.73
C VAL A 104 6.99 -11.42 -3.26
N THR A 105 6.44 -12.22 -2.33
CA THR A 105 7.04 -13.50 -1.91
C THR A 105 6.76 -14.59 -2.94
N GLU A 106 5.46 -14.76 -3.25
CA GLU A 106 4.96 -15.74 -4.24
C GLU A 106 4.06 -15.01 -5.25
N GLU A 107 4.25 -15.26 -6.55
CA GLU A 107 3.60 -14.47 -7.63
C GLU A 107 2.39 -15.25 -8.25
N MET A 1 16.52 17.12 25.06
CA MET A 1 16.80 17.91 23.83
C MET A 1 17.85 17.20 22.96
N GLY A 2 18.01 17.69 21.72
CA GLY A 2 18.96 17.11 20.75
C GLY A 2 18.24 16.53 19.54
N HIS A 3 18.47 17.11 18.36
CA HIS A 3 17.86 16.65 17.09
C HIS A 3 18.62 15.42 16.57
N HIS A 4 17.97 14.25 16.65
CA HIS A 4 18.55 12.98 16.20
C HIS A 4 18.54 12.92 14.66
N HIS A 5 19.61 12.37 14.05
CA HIS A 5 19.67 12.15 12.60
C HIS A 5 18.81 10.90 12.27
N HIS A 6 17.59 11.15 11.78
CA HIS A 6 16.62 10.09 11.46
C HIS A 6 17.13 9.24 10.28
N HIS A 7 16.94 7.92 10.36
CA HIS A 7 17.26 6.99 9.26
C HIS A 7 16.01 6.66 8.45
N HIS A 8 14.82 6.85 9.06
CA HIS A 8 13.52 6.74 8.37
C HIS A 8 13.35 7.98 7.47
N SER A 9 13.74 7.84 6.20
CA SER A 9 13.85 8.98 5.25
C SER A 9 12.45 9.52 4.87
N HIS A 10 12.46 10.68 4.17
CA HIS A 10 11.24 11.38 3.74
C HIS A 10 10.55 10.63 2.58
N MET A 11 9.86 9.54 2.96
CA MET A 11 9.18 8.62 2.02
C MET A 11 7.75 9.15 1.77
N PHE A 12 7.61 9.92 0.68
CA PHE A 12 6.35 10.56 0.30
C PHE A 12 5.49 9.62 -0.57
N ILE A 13 4.36 9.18 -0.01
CA ILE A 13 3.28 8.51 -0.76
C ILE A 13 2.27 9.59 -1.20
N GLN A 14 1.87 9.57 -2.48
CA GLN A 14 0.86 10.50 -3.02
C GLN A 14 -0.47 9.72 -3.25
N THR A 15 -1.59 10.33 -2.83
CA THR A 15 -2.92 9.68 -2.89
C THR A 15 -3.71 10.20 -4.11
N GLN A 16 -4.46 9.29 -4.77
CA GLN A 16 -5.32 9.59 -5.92
C GLN A 16 -6.64 8.84 -5.77
N ASP A 17 -7.78 9.55 -5.90
CA ASP A 17 -9.12 8.92 -5.77
C ASP A 17 -9.47 8.11 -7.03
N THR A 18 -10.36 7.14 -6.86
CA THR A 18 -10.70 6.12 -7.87
C THR A 18 -12.23 6.11 -8.11
N PRO A 19 -12.75 5.60 -9.28
CA PRO A 19 -14.22 5.52 -9.58
C PRO A 19 -15.02 4.76 -8.49
N ASN A 20 -14.33 3.86 -7.76
CA ASN A 20 -14.88 3.19 -6.58
C ASN A 20 -14.50 4.00 -5.31
N PRO A 21 -15.48 4.63 -4.58
CA PRO A 21 -15.19 5.45 -3.36
C PRO A 21 -14.68 4.59 -2.20
N ASN A 22 -15.03 3.30 -2.24
CA ASN A 22 -14.61 2.25 -1.29
C ASN A 22 -13.09 2.04 -1.32
N SER A 23 -12.45 2.47 -2.42
CA SER A 23 -11.03 2.25 -2.70
C SER A 23 -10.29 3.60 -2.84
N LEU A 24 -9.00 3.61 -2.47
CA LEU A 24 -8.10 4.75 -2.66
C LEU A 24 -6.74 4.25 -3.17
N LYS A 25 -6.20 4.92 -4.19
CA LYS A 25 -4.97 4.52 -4.89
C LYS A 25 -3.75 5.26 -4.27
N PHE A 26 -2.80 4.50 -3.71
CA PHE A 26 -1.61 5.03 -3.03
C PHE A 26 -0.38 4.78 -3.91
N ILE A 27 0.11 5.81 -4.62
CA ILE A 27 1.35 5.72 -5.40
C ILE A 27 2.52 5.98 -4.41
N PRO A 28 3.36 4.96 -4.06
CA PRO A 28 4.45 5.13 -3.07
C PRO A 28 5.73 5.75 -3.69
N GLY A 29 5.63 6.14 -4.97
CA GLY A 29 6.76 6.66 -5.75
C GLY A 29 7.59 5.55 -6.40
N LYS A 30 7.50 4.33 -5.83
CA LYS A 30 8.19 3.13 -6.32
C LYS A 30 7.19 2.22 -7.04
N PRO A 31 7.44 1.88 -8.36
CA PRO A 31 6.57 0.95 -9.11
C PRO A 31 6.58 -0.48 -8.52
N VAL A 32 5.61 -0.76 -7.63
CA VAL A 32 5.52 -2.04 -6.89
C VAL A 32 5.33 -3.24 -7.84
N LEU A 33 4.40 -3.11 -8.80
CA LEU A 33 4.07 -4.15 -9.78
C LEU A 33 3.64 -3.47 -11.09
N GLU A 34 4.61 -2.94 -11.83
CA GLU A 34 4.38 -2.38 -13.19
C GLU A 34 4.30 -3.52 -14.23
N THR A 35 5.00 -4.63 -13.94
CA THR A 35 5.09 -5.81 -14.82
C THR A 35 3.80 -6.64 -14.79
N ARG A 36 3.02 -6.55 -13.67
CA ARG A 36 1.76 -7.34 -13.51
C ARG A 36 0.84 -6.68 -12.47
N THR A 37 -0.34 -7.28 -12.27
CA THR A 37 -1.29 -6.89 -11.21
C THR A 37 -1.55 -8.11 -10.29
N MET A 38 -1.74 -7.85 -8.99
CA MET A 38 -1.98 -8.91 -7.97
C MET A 38 -3.03 -8.40 -6.98
N ASP A 39 -4.21 -9.02 -7.01
CA ASP A 39 -5.31 -8.69 -6.09
C ASP A 39 -5.34 -9.71 -4.94
N PHE A 40 -5.65 -9.21 -3.74
CA PHE A 40 -5.75 -10.01 -2.51
C PHE A 40 -7.13 -9.75 -1.89
N PRO A 41 -8.15 -10.62 -2.18
CA PRO A 41 -9.49 -10.50 -1.56
C PRO A 41 -9.49 -10.92 -0.08
N THR A 42 -8.56 -11.82 0.30
CA THR A 42 -8.44 -12.38 1.65
C THR A 42 -7.00 -12.21 2.18
N PRO A 43 -6.81 -11.99 3.53
CA PRO A 43 -5.46 -11.98 4.17
C PRO A 43 -4.72 -13.33 4.03
N ALA A 44 -5.49 -14.43 3.86
CA ALA A 44 -4.94 -15.78 3.65
C ALA A 44 -4.20 -15.84 2.30
N ALA A 45 -4.89 -15.39 1.23
CA ALA A 45 -4.35 -15.37 -0.16
C ALA A 45 -3.17 -14.39 -0.32
N ALA A 46 -3.04 -13.46 0.65
CA ALA A 46 -1.99 -12.44 0.67
C ALA A 46 -0.58 -13.01 1.01
N PHE A 47 -0.46 -14.35 1.15
CA PHE A 47 0.85 -15.04 1.42
C PHE A 47 1.92 -14.76 0.31
N ARG A 48 1.44 -14.35 -0.89
CA ARG A 48 2.29 -14.01 -2.04
C ARG A 48 3.24 -12.82 -1.73
N SER A 49 2.73 -11.86 -0.94
CA SER A 49 3.40 -10.57 -0.68
C SER A 49 3.31 -10.21 0.82
N PRO A 50 4.46 -9.95 1.52
CA PRO A 50 4.44 -9.59 2.97
C PRO A 50 3.68 -8.30 3.23
N LEU A 51 3.85 -7.30 2.32
CA LEU A 51 3.25 -5.95 2.48
C LEU A 51 1.72 -6.03 2.37
N ALA A 52 1.21 -7.03 1.63
CA ALA A 52 -0.24 -7.27 1.48
C ALA A 52 -0.86 -7.58 2.86
N ARG A 53 -0.25 -8.56 3.58
CA ARG A 53 -0.68 -8.96 4.94
C ARG A 53 -0.42 -7.83 5.97
N GLN A 54 0.60 -7.00 5.73
CA GLN A 54 0.94 -5.86 6.60
C GLN A 54 -0.11 -4.72 6.47
N LEU A 55 -0.71 -4.61 5.26
CA LEU A 55 -1.85 -3.71 5.00
C LEU A 55 -3.17 -4.35 5.50
N PHE A 56 -3.22 -5.70 5.56
CA PHE A 56 -4.33 -6.46 6.20
C PHE A 56 -4.23 -6.43 7.73
N ARG A 57 -3.10 -5.93 8.28
CA ARG A 57 -2.97 -5.66 9.73
C ARG A 57 -3.92 -4.52 10.17
N ILE A 58 -4.33 -3.69 9.20
CA ILE A 58 -5.20 -2.54 9.43
C ILE A 58 -6.65 -3.05 9.43
N GLU A 59 -7.35 -2.87 10.56
CA GLU A 59 -8.71 -3.41 10.78
C GLU A 59 -9.79 -2.56 10.10
N GLY A 60 -9.35 -1.55 9.34
CA GLY A 60 -10.23 -0.76 8.48
C GLY A 60 -10.19 -1.22 7.03
N VAL A 61 -9.25 -2.13 6.70
CA VAL A 61 -9.03 -2.62 5.32
C VAL A 61 -9.84 -3.91 5.07
N LYS A 62 -10.65 -3.88 4.01
CA LYS A 62 -11.42 -5.03 3.51
C LYS A 62 -10.50 -5.97 2.70
N SER A 63 -9.80 -5.37 1.72
CA SER A 63 -9.01 -6.09 0.72
C SER A 63 -7.93 -5.16 0.16
N VAL A 64 -6.83 -5.76 -0.32
CA VAL A 64 -5.66 -5.02 -0.85
C VAL A 64 -5.46 -5.38 -2.32
N PHE A 65 -5.17 -4.38 -3.15
CA PHE A 65 -4.83 -4.57 -4.58
C PHE A 65 -3.48 -3.89 -4.86
N PHE A 66 -2.52 -4.66 -5.34
CA PHE A 66 -1.25 -4.14 -5.86
C PHE A 66 -1.40 -3.97 -7.39
N GLY A 67 -1.26 -2.72 -7.84
CA GLY A 67 -1.43 -2.34 -9.25
C GLY A 67 -0.16 -1.74 -9.83
N PRO A 68 -0.17 -1.36 -11.15
CA PRO A 68 0.98 -0.69 -11.79
C PRO A 68 1.30 0.67 -11.09
N ASP A 69 2.53 0.74 -10.53
CA ASP A 69 3.11 1.96 -9.93
C ASP A 69 2.42 2.40 -8.62
N SER A 70 1.49 1.58 -8.10
CA SER A 70 0.64 1.99 -6.96
C SER A 70 0.03 0.78 -6.26
N ILE A 71 -0.56 1.03 -5.08
CA ILE A 71 -1.29 0.06 -4.28
C ILE A 71 -2.67 0.65 -3.99
N THR A 72 -3.72 0.10 -4.59
CA THR A 72 -5.08 0.55 -4.37
C THR A 72 -5.68 -0.29 -3.24
N VAL A 73 -5.90 0.35 -2.09
CA VAL A 73 -6.39 -0.32 -0.88
C VAL A 73 -7.91 -0.11 -0.82
N THR A 74 -8.65 -1.13 -0.37
CA THR A 74 -10.11 -1.05 -0.20
C THR A 74 -10.43 -1.12 1.30
N LYS A 75 -11.24 -0.17 1.79
CA LYS A 75 -11.71 -0.16 3.19
C LYS A 75 -13.03 -0.96 3.30
N GLU A 76 -13.37 -1.37 4.52
CA GLU A 76 -14.54 -2.24 4.78
C GLU A 76 -15.86 -1.52 4.47
N ASN A 77 -16.13 -0.46 5.24
CA ASN A 77 -17.40 0.29 5.17
C ASN A 77 -17.12 1.76 4.85
N GLU A 78 -18.16 2.44 4.35
CA GLU A 78 -18.07 3.82 3.81
C GLU A 78 -17.90 4.87 4.93
N GLU A 79 -18.24 4.45 6.16
CA GLU A 79 -18.23 5.32 7.36
C GLU A 79 -16.79 5.49 7.88
N LEU A 80 -15.89 4.61 7.39
CA LEU A 80 -14.45 4.74 7.63
C LEU A 80 -13.92 5.88 6.77
N ASP A 81 -13.35 6.88 7.41
CA ASP A 81 -12.69 7.99 6.71
C ASP A 81 -11.27 7.55 6.32
N TRP A 82 -10.91 7.72 5.03
CA TRP A 82 -9.61 7.30 4.49
C TRP A 82 -8.42 7.98 5.19
N ASN A 83 -8.57 9.23 5.65
CA ASN A 83 -7.50 9.98 6.34
C ASN A 83 -7.12 9.33 7.68
N LEU A 84 -8.06 8.53 8.23
CA LEU A 84 -7.82 7.75 9.46
C LEU A 84 -6.92 6.55 9.15
N LEU A 85 -7.17 5.89 8.00
CA LEU A 85 -6.38 4.74 7.52
C LEU A 85 -5.02 5.18 6.97
N LYS A 86 -4.91 6.42 6.44
CA LYS A 86 -3.68 6.90 5.76
C LYS A 86 -2.41 6.76 6.64
N PRO A 87 -2.32 7.29 7.93
CA PRO A 87 -1.07 7.17 8.74
C PRO A 87 -0.70 5.69 9.04
N ASP A 88 -1.72 4.81 9.05
CA ASP A 88 -1.54 3.35 9.21
C ASP A 88 -0.89 2.74 7.95
N ILE A 89 -1.49 3.06 6.78
CA ILE A 89 -1.03 2.58 5.44
C ILE A 89 0.38 3.13 5.12
N TYR A 90 0.63 4.38 5.54
CA TYR A 90 1.93 5.05 5.36
C TYR A 90 2.97 4.40 6.25
N ALA A 91 2.68 4.26 7.56
CA ALA A 91 3.62 3.67 8.55
C ALA A 91 4.12 2.28 8.08
N THR A 92 3.15 1.47 7.62
CA THR A 92 3.38 0.13 7.07
C THR A 92 4.29 0.16 5.81
N ILE A 93 3.87 0.91 4.77
CA ILE A 93 4.55 0.96 3.45
C ILE A 93 5.95 1.60 3.56
N MET A 94 6.03 2.79 4.20
CA MET A 94 7.29 3.52 4.43
C MET A 94 8.32 2.62 5.13
N ASP A 95 7.90 1.96 6.25
CA ASP A 95 8.76 1.04 7.02
C ASP A 95 9.22 -0.17 6.19
N PHE A 96 8.30 -0.71 5.38
CA PHE A 96 8.54 -1.91 4.54
C PHE A 96 9.73 -1.66 3.57
N PHE A 97 9.64 -0.54 2.83
CA PHE A 97 10.66 -0.14 1.84
C PHE A 97 11.93 0.42 2.54
N ALA A 98 11.74 1.01 3.74
CA ALA A 98 12.85 1.52 4.58
C ALA A 98 13.78 0.38 5.02
N SER A 99 13.17 -0.76 5.36
CA SER A 99 13.89 -1.98 5.74
C SER A 99 14.44 -2.70 4.50
N GLY A 100 13.78 -2.47 3.34
CA GLY A 100 14.18 -3.11 2.08
C GLY A 100 13.68 -4.54 1.96
N LEU A 101 12.45 -4.76 2.48
CA LEU A 101 11.78 -6.08 2.45
C LEU A 101 11.25 -6.36 1.02
N PRO A 102 11.33 -7.63 0.50
CA PRO A 102 10.87 -7.96 -0.87
C PRO A 102 9.34 -7.80 -1.03
N LEU A 103 8.94 -6.97 -2.03
CA LEU A 103 7.53 -6.61 -2.31
C LEU A 103 6.67 -7.88 -2.50
N VAL A 104 7.18 -8.82 -3.33
CA VAL A 104 6.55 -10.13 -3.56
C VAL A 104 7.57 -11.23 -3.23
N THR A 105 7.23 -12.09 -2.26
CA THR A 105 8.06 -13.24 -1.85
C THR A 105 7.75 -14.48 -2.73
N GLU A 106 6.44 -14.84 -2.80
CA GLU A 106 5.95 -15.97 -3.60
C GLU A 106 5.28 -15.45 -4.88
N GLU A 107 5.77 -15.92 -6.04
CA GLU A 107 5.33 -15.49 -7.39
C GLU A 107 3.80 -15.73 -7.56
N MET A 1 19.18 24.49 7.27
CA MET A 1 18.12 25.52 7.22
C MET A 1 17.23 25.29 5.98
N GLY A 2 15.90 25.27 6.18
CA GLY A 2 14.94 25.14 5.11
C GLY A 2 13.51 25.14 5.64
N HIS A 3 12.69 26.10 5.18
CA HIS A 3 11.28 26.24 5.64
C HIS A 3 10.32 25.35 4.81
N HIS A 4 10.87 24.53 3.92
CA HIS A 4 10.09 23.60 3.07
C HIS A 4 9.60 22.38 3.88
N HIS A 5 8.45 22.56 4.55
CA HIS A 5 7.84 21.54 5.41
C HIS A 5 6.90 20.61 4.58
N HIS A 6 7.52 19.84 3.68
CA HIS A 6 6.89 18.70 2.95
C HIS A 6 8.00 17.85 2.30
N HIS A 7 9.23 17.95 2.86
CA HIS A 7 10.37 17.14 2.42
C HIS A 7 10.11 15.65 2.73
N HIS A 8 10.31 14.78 1.73
CA HIS A 8 10.14 13.33 1.89
C HIS A 8 11.24 12.78 2.83
N SER A 9 10.82 12.09 3.91
CA SER A 9 11.73 11.51 4.91
C SER A 9 12.59 10.39 4.29
N HIS A 10 11.92 9.49 3.54
CA HIS A 10 12.56 8.47 2.69
C HIS A 10 11.82 8.39 1.35
N MET A 11 10.49 8.29 1.45
CA MET A 11 9.58 8.11 0.31
C MET A 11 8.24 8.79 0.63
N PHE A 12 7.70 9.51 -0.35
CA PHE A 12 6.39 10.20 -0.24
C PHE A 12 5.30 9.32 -0.88
N ILE A 13 4.14 9.23 -0.24
CA ILE A 13 2.97 8.52 -0.82
C ILE A 13 2.01 9.55 -1.44
N GLN A 14 1.73 9.36 -2.73
CA GLN A 14 0.82 10.17 -3.54
C GLN A 14 -0.50 9.39 -3.66
N THR A 15 -1.61 9.98 -3.20
CA THR A 15 -2.92 9.31 -3.20
C THR A 15 -3.78 9.82 -4.38
N GLN A 16 -4.31 8.87 -5.16
CA GLN A 16 -5.10 9.13 -6.36
C GLN A 16 -6.49 8.51 -6.16
N ASP A 17 -7.55 9.26 -6.51
CA ASP A 17 -8.94 8.79 -6.37
C ASP A 17 -9.29 7.80 -7.48
N THR A 18 -10.31 6.98 -7.17
CA THR A 18 -10.85 5.94 -8.06
C THR A 18 -12.38 6.15 -8.14
N PRO A 19 -13.10 5.66 -9.22
CA PRO A 19 -14.58 5.79 -9.35
C PRO A 19 -15.37 5.31 -8.11
N ASN A 20 -14.78 4.36 -7.36
CA ASN A 20 -15.35 3.82 -6.11
C ASN A 20 -14.74 4.56 -4.89
N PRO A 21 -15.55 5.34 -4.09
CA PRO A 21 -15.07 6.00 -2.84
C PRO A 21 -14.73 4.99 -1.72
N ASN A 22 -15.25 3.74 -1.88
CA ASN A 22 -14.93 2.60 -1.01
C ASN A 22 -13.48 2.11 -1.21
N SER A 23 -12.83 2.61 -2.27
CA SER A 23 -11.43 2.32 -2.57
C SER A 23 -10.64 3.64 -2.67
N LEU A 24 -9.34 3.58 -2.40
CA LEU A 24 -8.40 4.68 -2.70
C LEU A 24 -7.08 4.06 -3.15
N LYS A 25 -6.45 4.70 -4.13
CA LYS A 25 -5.22 4.24 -4.74
C LYS A 25 -4.04 4.98 -4.05
N PHE A 26 -3.16 4.22 -3.38
CA PHE A 26 -1.98 4.75 -2.68
C PHE A 26 -0.73 4.44 -3.54
N ILE A 27 -0.28 5.42 -4.34
CA ILE A 27 1.02 5.32 -5.05
C ILE A 27 2.12 5.55 -4.00
N PRO A 28 2.99 4.53 -3.68
CA PRO A 28 4.00 4.66 -2.60
C PRO A 28 5.20 5.57 -3.00
N GLY A 29 5.21 6.00 -4.28
CA GLY A 29 6.31 6.80 -4.83
C GLY A 29 7.36 5.90 -5.48
N LYS A 30 7.66 4.77 -4.81
CA LYS A 30 8.57 3.73 -5.32
C LYS A 30 7.80 2.74 -6.25
N PRO A 31 8.50 2.06 -7.21
CA PRO A 31 7.89 0.99 -8.03
C PRO A 31 7.51 -0.25 -7.18
N VAL A 32 6.43 -0.98 -7.56
CA VAL A 32 5.95 -2.17 -6.81
C VAL A 32 5.72 -3.39 -7.77
N LEU A 33 4.93 -3.18 -8.83
CA LEU A 33 4.57 -4.24 -9.81
C LEU A 33 4.27 -3.57 -11.16
N GLU A 34 5.30 -3.09 -11.86
CA GLU A 34 5.17 -2.60 -13.25
C GLU A 34 4.79 -3.78 -14.16
N THR A 35 5.46 -4.92 -13.93
CA THR A 35 5.39 -6.09 -14.79
C THR A 35 3.98 -6.76 -14.81
N ARG A 36 3.22 -6.64 -13.71
CA ARG A 36 1.93 -7.35 -13.56
C ARG A 36 1.02 -6.67 -12.52
N THR A 37 -0.15 -7.28 -12.28
CA THR A 37 -1.08 -6.91 -11.21
C THR A 37 -1.41 -8.15 -10.35
N MET A 38 -1.63 -7.94 -9.04
CA MET A 38 -1.93 -9.03 -8.08
C MET A 38 -2.99 -8.55 -7.08
N ASP A 39 -4.16 -9.23 -7.05
CA ASP A 39 -5.27 -8.87 -6.15
C ASP A 39 -5.37 -9.87 -4.99
N PHE A 40 -5.68 -9.33 -3.80
CA PHE A 40 -5.80 -10.08 -2.55
C PHE A 40 -7.17 -9.74 -1.91
N PRO A 41 -8.25 -10.52 -2.26
CA PRO A 41 -9.61 -10.28 -1.71
C PRO A 41 -9.68 -10.57 -0.19
N THR A 42 -8.84 -11.53 0.25
CA THR A 42 -8.77 -11.98 1.64
C THR A 42 -7.33 -11.78 2.18
N PRO A 43 -7.13 -11.68 3.54
CA PRO A 43 -5.78 -11.74 4.16
C PRO A 43 -5.08 -13.10 3.91
N ALA A 44 -5.91 -14.14 3.64
CA ALA A 44 -5.43 -15.52 3.39
C ALA A 44 -4.58 -15.60 2.11
N ALA A 45 -5.04 -14.92 1.03
CA ALA A 45 -4.35 -14.89 -0.27
C ALA A 45 -3.12 -13.95 -0.26
N ALA A 46 -3.07 -13.05 0.74
CA ALA A 46 -2.03 -11.99 0.85
C ALA A 46 -0.62 -12.52 1.14
N PHE A 47 -0.49 -13.83 1.51
CA PHE A 47 0.80 -14.47 1.89
C PHE A 47 1.90 -14.31 0.81
N ARG A 48 1.46 -14.15 -0.46
CA ARG A 48 2.35 -14.03 -1.64
C ARG A 48 3.21 -12.75 -1.60
N SER A 49 2.74 -11.75 -0.83
CA SER A 49 3.34 -10.42 -0.78
C SER A 49 3.31 -9.89 0.68
N PRO A 50 4.49 -9.78 1.37
CA PRO A 50 4.54 -9.36 2.79
C PRO A 50 3.90 -7.98 3.07
N LEU A 51 3.96 -7.05 2.08
CA LEU A 51 3.37 -5.70 2.23
C LEU A 51 1.84 -5.77 2.36
N ALA A 52 1.20 -6.63 1.53
CA ALA A 52 -0.26 -6.82 1.54
C ALA A 52 -0.73 -7.32 2.91
N ARG A 53 0.04 -8.26 3.49
CA ARG A 53 -0.18 -8.82 4.84
C ARG A 53 -0.15 -7.70 5.89
N GLN A 54 0.87 -6.83 5.77
CA GLN A 54 1.11 -5.72 6.70
C GLN A 54 0.06 -4.58 6.56
N LEU A 55 -0.53 -4.45 5.36
CA LEU A 55 -1.65 -3.53 5.11
C LEU A 55 -2.94 -4.04 5.79
N PHE A 56 -3.17 -5.37 5.71
CA PHE A 56 -4.33 -6.03 6.37
C PHE A 56 -4.26 -5.97 7.92
N ARG A 57 -3.07 -5.62 8.47
CA ARG A 57 -2.90 -5.37 9.95
C ARG A 57 -3.84 -4.27 10.46
N ILE A 58 -4.18 -3.32 9.58
CA ILE A 58 -4.89 -2.08 9.92
C ILE A 58 -6.41 -2.34 9.94
N GLU A 59 -7.08 -1.95 11.05
CA GLU A 59 -8.55 -2.07 11.17
C GLU A 59 -9.20 -1.07 10.18
N GLY A 60 -9.78 -1.63 9.12
CA GLY A 60 -10.35 -0.83 8.03
C GLY A 60 -10.07 -1.45 6.67
N VAL A 61 -8.92 -2.14 6.54
CA VAL A 61 -8.48 -2.73 5.27
C VAL A 61 -9.22 -4.07 5.01
N LYS A 62 -10.14 -4.04 4.05
CA LYS A 62 -11.00 -5.16 3.65
C LYS A 62 -10.32 -6.03 2.58
N SER A 63 -9.66 -5.35 1.63
CA SER A 63 -8.98 -5.98 0.49
C SER A 63 -7.80 -5.11 0.05
N VAL A 64 -6.73 -5.77 -0.42
CA VAL A 64 -5.54 -5.10 -0.98
C VAL A 64 -5.39 -5.50 -2.46
N PHE A 65 -5.05 -4.53 -3.30
CA PHE A 65 -4.72 -4.72 -4.71
C PHE A 65 -3.37 -4.04 -4.98
N PHE A 66 -2.53 -4.66 -5.80
CA PHE A 66 -1.30 -4.06 -6.28
C PHE A 66 -1.40 -3.85 -7.80
N GLY A 67 -1.20 -2.59 -8.20
CA GLY A 67 -1.27 -2.16 -9.60
C GLY A 67 0.09 -1.73 -10.11
N PRO A 68 0.23 -1.34 -11.43
CA PRO A 68 1.51 -0.86 -12.02
C PRO A 68 2.17 0.28 -11.22
N ASP A 69 3.08 -0.13 -10.32
CA ASP A 69 3.91 0.76 -9.46
C ASP A 69 3.04 1.62 -8.51
N SER A 70 1.92 1.02 -8.09
CA SER A 70 0.92 1.66 -7.23
C SER A 70 0.18 0.59 -6.42
N ILE A 71 -0.53 1.03 -5.37
CA ILE A 71 -1.38 0.16 -4.52
C ILE A 71 -2.82 0.71 -4.57
N THR A 72 -3.82 -0.16 -4.38
CA THR A 72 -5.24 0.21 -4.31
C THR A 72 -5.90 -0.60 -3.19
N VAL A 73 -6.33 0.09 -2.11
CA VAL A 73 -6.89 -0.55 -0.90
C VAL A 73 -8.41 -0.27 -0.83
N THR A 74 -9.18 -1.26 -0.36
CA THR A 74 -10.62 -1.12 -0.12
C THR A 74 -10.91 -1.11 1.40
N LYS A 75 -11.88 -0.27 1.81
CA LYS A 75 -12.34 -0.17 3.21
C LYS A 75 -13.47 -1.20 3.49
N GLU A 76 -13.65 -1.58 4.77
CA GLU A 76 -14.68 -2.57 5.19
C GLU A 76 -16.10 -2.03 4.90
N ASN A 77 -16.34 -0.80 5.33
CA ASN A 77 -17.63 -0.11 5.16
C ASN A 77 -17.36 1.35 4.76
N GLU A 78 -18.33 1.97 4.04
CA GLU A 78 -18.15 3.32 3.44
C GLU A 78 -18.15 4.45 4.49
N GLU A 79 -18.52 4.12 5.74
CA GLU A 79 -18.49 5.08 6.87
C GLU A 79 -17.02 5.37 7.25
N LEU A 80 -16.15 4.35 7.08
CA LEU A 80 -14.71 4.45 7.36
C LEU A 80 -14.07 5.51 6.45
N ASP A 81 -13.43 6.49 7.07
CA ASP A 81 -12.71 7.55 6.37
C ASP A 81 -11.25 7.13 6.12
N TRP A 82 -10.71 7.49 4.93
CA TRP A 82 -9.35 7.10 4.51
C TRP A 82 -8.26 7.77 5.35
N ASN A 83 -8.52 8.99 5.87
CA ASN A 83 -7.52 9.78 6.64
C ASN A 83 -7.24 9.12 8.01
N LEU A 84 -8.18 8.26 8.46
CA LEU A 84 -7.99 7.45 9.68
C LEU A 84 -6.90 6.39 9.42
N LEU A 85 -7.04 5.71 8.27
CA LEU A 85 -6.13 4.64 7.84
C LEU A 85 -4.79 5.21 7.34
N LYS A 86 -4.78 6.42 6.73
CA LYS A 86 -3.58 7.00 6.08
C LYS A 86 -2.30 6.97 6.95
N PRO A 87 -2.26 7.50 8.23
CA PRO A 87 -1.01 7.50 9.05
C PRO A 87 -0.46 6.06 9.28
N ASP A 88 -1.41 5.11 9.36
CA ASP A 88 -1.12 3.69 9.55
C ASP A 88 -0.58 3.05 8.26
N ILE A 89 -1.22 3.36 7.11
CA ILE A 89 -0.86 2.85 5.77
C ILE A 89 0.53 3.40 5.36
N TYR A 90 0.78 4.67 5.70
CA TYR A 90 2.04 5.36 5.43
C TYR A 90 3.16 4.73 6.27
N ALA A 91 2.90 4.55 7.57
CA ALA A 91 3.86 3.92 8.50
C ALA A 91 4.25 2.50 8.03
N THR A 92 3.24 1.72 7.59
CA THR A 92 3.41 0.34 7.07
C THR A 92 4.31 0.30 5.82
N ILE A 93 3.92 1.05 4.77
CA ILE A 93 4.59 1.03 3.46
C ILE A 93 6.03 1.58 3.56
N MET A 94 6.18 2.76 4.21
CA MET A 94 7.49 3.43 4.33
C MET A 94 8.49 2.57 5.15
N ASP A 95 7.98 1.90 6.22
CA ASP A 95 8.78 0.94 7.04
C ASP A 95 9.24 -0.28 6.20
N PHE A 96 8.31 -0.82 5.38
CA PHE A 96 8.53 -2.00 4.52
C PHE A 96 9.72 -1.78 3.56
N PHE A 97 9.68 -0.65 2.84
CA PHE A 97 10.71 -0.28 1.84
C PHE A 97 12.02 0.21 2.52
N ALA A 98 11.90 0.80 3.73
CA ALA A 98 13.08 1.23 4.53
C ALA A 98 13.87 0.02 5.06
N SER A 99 13.14 -1.09 5.27
CA SER A 99 13.75 -2.39 5.66
C SER A 99 14.28 -3.12 4.41
N GLY A 100 13.70 -2.78 3.24
CA GLY A 100 14.13 -3.31 1.95
C GLY A 100 13.65 -4.74 1.71
N LEU A 101 12.38 -4.97 2.02
CA LEU A 101 11.73 -6.29 1.86
C LEU A 101 11.24 -6.48 0.40
N PRO A 102 11.22 -7.75 -0.14
CA PRO A 102 10.65 -8.03 -1.48
C PRO A 102 9.12 -7.79 -1.49
N LEU A 103 8.65 -7.00 -2.47
CA LEU A 103 7.23 -6.58 -2.58
C LEU A 103 6.32 -7.82 -2.66
N VAL A 104 6.69 -8.74 -3.55
CA VAL A 104 6.00 -10.02 -3.79
C VAL A 104 7.05 -11.15 -3.77
N THR A 105 6.98 -12.03 -2.75
CA THR A 105 7.91 -13.17 -2.60
C THR A 105 7.65 -14.25 -3.69
N GLU A 106 6.37 -14.49 -4.00
CA GLU A 106 5.95 -15.46 -5.03
C GLU A 106 4.73 -14.91 -5.79
N GLU A 107 4.77 -14.95 -7.14
CA GLU A 107 3.70 -14.40 -8.00
C GLU A 107 3.07 -15.53 -8.86
N MET A 1 31.65 -5.23 3.55
CA MET A 1 31.61 -4.09 2.61
C MET A 1 30.26 -3.39 2.76
N GLY A 2 29.18 -4.14 2.48
CA GLY A 2 27.81 -3.64 2.59
C GLY A 2 27.34 -2.97 1.30
N HIS A 3 26.08 -3.24 0.90
CA HIS A 3 25.47 -2.64 -0.32
C HIS A 3 25.17 -1.14 -0.09
N HIS A 4 26.26 -0.35 -0.14
CA HIS A 4 26.28 1.10 0.18
C HIS A 4 25.45 1.91 -0.83
N HIS A 5 24.38 2.58 -0.36
CA HIS A 5 23.55 3.45 -1.19
C HIS A 5 23.25 4.75 -0.44
N HIS A 6 23.55 5.88 -1.12
CA HIS A 6 23.31 7.24 -0.60
C HIS A 6 21.92 7.76 -1.02
N HIS A 7 21.18 6.94 -1.80
CA HIS A 7 19.82 7.29 -2.25
C HIS A 7 18.84 7.28 -1.06
N HIS A 8 18.73 8.45 -0.40
CA HIS A 8 17.68 8.73 0.59
C HIS A 8 16.49 9.28 -0.19
N SER A 9 15.59 8.36 -0.57
CA SER A 9 14.42 8.65 -1.40
C SER A 9 13.48 9.65 -0.71
N HIS A 10 12.95 10.60 -1.49
CA HIS A 10 11.82 11.45 -1.07
C HIS A 10 10.56 10.58 -1.10
N MET A 11 10.39 9.81 -0.01
CA MET A 11 9.41 8.73 0.12
C MET A 11 8.04 9.31 0.55
N PHE A 12 7.47 10.15 -0.33
CA PHE A 12 6.19 10.80 -0.12
C PHE A 12 5.14 10.11 -1.02
N ILE A 13 4.09 9.59 -0.39
CA ILE A 13 3.02 8.84 -1.05
C ILE A 13 1.90 9.81 -1.44
N GLN A 14 1.48 9.76 -2.70
CA GLN A 14 0.39 10.58 -3.24
C GLN A 14 -0.89 9.72 -3.36
N THR A 15 -2.04 10.31 -3.06
CA THR A 15 -3.33 9.62 -3.10
C THR A 15 -4.09 10.01 -4.38
N GLN A 16 -4.59 8.99 -5.08
CA GLN A 16 -5.33 9.12 -6.35
C GLN A 16 -6.68 8.44 -6.17
N ASP A 17 -7.77 9.14 -6.50
CA ASP A 17 -9.13 8.59 -6.39
C ASP A 17 -9.38 7.53 -7.45
N THR A 18 -10.28 6.60 -7.13
CA THR A 18 -10.68 5.47 -7.99
C THR A 18 -12.21 5.57 -8.26
N PRO A 19 -12.78 4.86 -9.30
CA PRO A 19 -14.25 4.88 -9.60
C PRO A 19 -15.16 4.43 -8.43
N ASN A 20 -14.57 3.94 -7.32
CA ASN A 20 -15.30 3.62 -6.08
C ASN A 20 -14.72 4.43 -4.91
N PRO A 21 -15.57 5.17 -4.10
CA PRO A 21 -15.10 5.94 -2.90
C PRO A 21 -14.56 5.01 -1.80
N ASN A 22 -15.02 3.75 -1.83
CA ASN A 22 -14.60 2.70 -0.89
C ASN A 22 -13.14 2.25 -1.15
N SER A 23 -12.56 2.69 -2.28
CA SER A 23 -11.18 2.36 -2.65
C SER A 23 -10.38 3.65 -2.88
N LEU A 24 -9.10 3.62 -2.52
CA LEU A 24 -8.16 4.74 -2.74
C LEU A 24 -6.80 4.18 -3.16
N LYS A 25 -6.21 4.82 -4.18
CA LYS A 25 -4.98 4.36 -4.84
C LYS A 25 -3.78 5.17 -4.32
N PHE A 26 -2.93 4.53 -3.52
CA PHE A 26 -1.77 5.18 -2.86
C PHE A 26 -0.51 4.90 -3.69
N ILE A 27 -0.07 5.87 -4.52
CA ILE A 27 1.16 5.73 -5.33
C ILE A 27 2.35 6.19 -4.48
N PRO A 28 3.27 5.26 -4.05
CA PRO A 28 4.51 5.63 -3.34
C PRO A 28 5.54 6.31 -4.27
N GLY A 29 5.40 6.05 -5.58
CA GLY A 29 6.29 6.59 -6.60
C GLY A 29 7.37 5.62 -7.04
N LYS A 30 7.41 4.43 -6.40
CA LYS A 30 8.38 3.36 -6.73
C LYS A 30 7.65 2.15 -7.34
N PRO A 31 8.31 1.38 -8.28
CA PRO A 31 7.75 0.13 -8.85
C PRO A 31 7.49 -0.93 -7.77
N VAL A 32 6.25 -0.95 -7.26
CA VAL A 32 5.79 -1.97 -6.31
C VAL A 32 5.42 -3.21 -7.09
N LEU A 33 4.75 -2.96 -8.20
CA LEU A 33 4.65 -3.86 -9.31
C LEU A 33 4.99 -3.02 -10.54
N GLU A 34 5.83 -3.57 -11.35
CA GLU A 34 6.20 -3.02 -12.66
C GLU A 34 5.79 -4.01 -13.77
N THR A 35 5.86 -5.31 -13.45
CA THR A 35 5.68 -6.38 -14.45
C THR A 35 4.22 -6.90 -14.48
N ARG A 36 3.38 -6.54 -13.49
CA ARG A 36 2.03 -7.17 -13.33
C ARG A 36 1.09 -6.36 -12.41
N THR A 37 -0.09 -6.97 -12.13
CA THR A 37 -1.02 -6.54 -11.07
C THR A 37 -1.32 -7.77 -10.16
N MET A 38 -1.44 -7.54 -8.83
CA MET A 38 -1.66 -8.62 -7.83
C MET A 38 -2.87 -8.26 -6.96
N ASP A 39 -4.01 -8.90 -7.22
CA ASP A 39 -5.24 -8.70 -6.44
C ASP A 39 -5.30 -9.66 -5.25
N PHE A 40 -5.64 -9.10 -4.08
CA PHE A 40 -5.84 -9.86 -2.83
C PHE A 40 -7.18 -9.41 -2.20
N PRO A 41 -8.33 -10.07 -2.55
CA PRO A 41 -9.66 -9.68 -2.01
C PRO A 41 -9.85 -10.13 -0.54
N THR A 42 -9.12 -11.19 -0.15
CA THR A 42 -9.20 -11.79 1.19
C THR A 42 -7.80 -11.80 1.85
N PRO A 43 -7.72 -11.68 3.22
CA PRO A 43 -6.44 -11.89 3.97
C PRO A 43 -5.80 -13.28 3.68
N ALA A 44 -6.67 -14.27 3.39
CA ALA A 44 -6.27 -15.65 3.07
C ALA A 44 -5.43 -15.72 1.78
N ALA A 45 -5.72 -14.82 0.82
CA ALA A 45 -5.01 -14.76 -0.48
C ALA A 45 -3.65 -14.02 -0.35
N ALA A 46 -3.54 -13.16 0.69
CA ALA A 46 -2.38 -12.26 0.88
C ALA A 46 -1.10 -12.96 1.37
N PHE A 47 -1.17 -14.29 1.58
CA PHE A 47 -0.05 -15.10 2.12
C PHE A 47 1.22 -15.07 1.23
N ARG A 48 1.10 -14.64 -0.03
CA ARG A 48 2.23 -14.58 -0.98
C ARG A 48 2.94 -13.21 -0.96
N SER A 49 2.47 -12.26 -0.13
CA SER A 49 3.02 -10.89 -0.06
C SER A 49 3.08 -10.42 1.42
N PRO A 50 4.26 -9.93 1.92
CA PRO A 50 4.40 -9.46 3.32
C PRO A 50 3.67 -8.13 3.53
N LEU A 51 3.75 -7.24 2.51
CA LEU A 51 3.16 -5.91 2.58
C LEU A 51 1.63 -6.00 2.57
N ALA A 52 1.07 -6.90 1.73
CA ALA A 52 -0.39 -7.14 1.65
C ALA A 52 -0.93 -7.57 3.02
N ARG A 53 -0.22 -8.53 3.66
CA ARG A 53 -0.53 -9.00 5.03
C ARG A 53 -0.54 -7.84 6.03
N GLN A 54 0.47 -6.95 5.93
CA GLN A 54 0.63 -5.79 6.83
C GLN A 54 -0.50 -4.76 6.63
N LEU A 55 -0.98 -4.65 5.38
CA LEU A 55 -2.08 -3.75 5.04
C LEU A 55 -3.41 -4.32 5.57
N PHE A 56 -3.57 -5.66 5.56
CA PHE A 56 -4.74 -6.35 6.17
C PHE A 56 -4.71 -6.25 7.72
N ARG A 57 -3.51 -5.94 8.30
CA ARG A 57 -3.37 -5.67 9.76
C ARG A 57 -3.96 -4.29 10.13
N ILE A 58 -4.10 -3.40 9.12
CA ILE A 58 -4.60 -2.04 9.30
C ILE A 58 -6.12 -2.11 9.44
N GLU A 59 -6.62 -1.67 10.60
CA GLU A 59 -8.04 -1.79 10.95
C GLU A 59 -8.91 -0.98 9.98
N GLY A 60 -9.62 -1.70 9.10
CA GLY A 60 -10.50 -1.09 8.11
C GLY A 60 -10.27 -1.60 6.70
N VAL A 61 -9.16 -2.32 6.46
CA VAL A 61 -8.82 -2.82 5.12
C VAL A 61 -9.57 -4.13 4.82
N LYS A 62 -10.44 -4.07 3.79
CA LYS A 62 -11.21 -5.21 3.28
C LYS A 62 -10.35 -6.01 2.28
N SER A 63 -9.62 -5.27 1.42
CA SER A 63 -8.89 -5.84 0.28
C SER A 63 -7.67 -4.98 -0.06
N VAL A 64 -6.63 -5.65 -0.58
CA VAL A 64 -5.40 -5.01 -1.09
C VAL A 64 -5.25 -5.37 -2.58
N PHE A 65 -4.98 -4.38 -3.40
CA PHE A 65 -4.69 -4.55 -4.83
C PHE A 65 -3.40 -3.80 -5.15
N PHE A 66 -2.38 -4.52 -5.58
CA PHE A 66 -1.15 -3.91 -6.06
C PHE A 66 -1.24 -3.71 -7.59
N GLY A 67 -0.82 -2.53 -8.02
CA GLY A 67 -0.82 -2.12 -9.41
C GLY A 67 0.53 -1.54 -9.81
N PRO A 68 0.72 -1.11 -11.09
CA PRO A 68 1.99 -0.54 -11.58
C PRO A 68 2.38 0.74 -10.80
N ASP A 69 3.35 0.60 -9.87
CA ASP A 69 3.89 1.69 -9.02
C ASP A 69 2.85 2.25 -8.03
N SER A 70 1.75 1.51 -7.85
CA SER A 70 0.59 1.96 -7.09
C SER A 70 0.14 0.86 -6.12
N ILE A 71 -0.32 1.26 -4.94
CA ILE A 71 -0.86 0.34 -3.92
C ILE A 71 -2.28 0.81 -3.60
N THR A 72 -3.28 0.12 -4.13
CA THR A 72 -4.69 0.50 -4.00
C THR A 72 -5.32 -0.30 -2.85
N VAL A 73 -5.81 0.39 -1.83
CA VAL A 73 -6.41 -0.22 -0.64
C VAL A 73 -7.93 0.03 -0.69
N THR A 74 -8.72 -0.95 -0.26
CA THR A 74 -10.19 -0.84 -0.17
C THR A 74 -10.62 -1.02 1.31
N LYS A 75 -11.61 -0.22 1.75
CA LYS A 75 -12.15 -0.25 3.12
C LYS A 75 -13.26 -1.31 3.24
N GLU A 76 -13.60 -1.71 4.47
CA GLU A 76 -14.63 -2.71 4.77
C GLU A 76 -16.04 -2.17 4.48
N ASN A 77 -16.37 -1.06 5.14
CA ASN A 77 -17.67 -0.40 5.04
C ASN A 77 -17.50 1.12 4.90
N GLU A 78 -18.56 1.77 4.43
CA GLU A 78 -18.57 3.22 4.06
C GLU A 78 -18.41 4.13 5.30
N GLU A 79 -18.52 3.53 6.50
CA GLU A 79 -18.32 4.20 7.80
C GLU A 79 -16.87 4.71 7.93
N LEU A 80 -15.94 3.94 7.37
CA LEU A 80 -14.50 4.14 7.54
C LEU A 80 -13.99 5.27 6.65
N ASP A 81 -13.43 6.28 7.28
CA ASP A 81 -12.77 7.38 6.57
C ASP A 81 -11.28 7.04 6.35
N TRP A 82 -10.72 7.48 5.22
CA TRP A 82 -9.35 7.14 4.82
C TRP A 82 -8.28 7.78 5.74
N ASN A 83 -8.59 8.94 6.37
CA ASN A 83 -7.65 9.61 7.30
C ASN A 83 -7.34 8.72 8.53
N LEU A 84 -8.21 7.74 8.82
CA LEU A 84 -8.01 6.77 9.92
C LEU A 84 -6.91 5.75 9.56
N LEU A 85 -6.98 5.21 8.33
CA LEU A 85 -6.08 4.14 7.85
C LEU A 85 -4.73 4.73 7.39
N LYS A 86 -4.77 5.91 6.72
CA LYS A 86 -3.58 6.56 6.10
C LYS A 86 -2.31 6.61 6.98
N PRO A 87 -2.35 7.05 8.31
CA PRO A 87 -1.13 7.08 9.16
C PRO A 87 -0.42 5.72 9.22
N ASP A 88 -1.20 4.62 9.32
CA ASP A 88 -0.65 3.25 9.35
C ASP A 88 -0.18 2.83 7.95
N ILE A 89 -0.93 3.23 6.89
CA ILE A 89 -0.60 2.86 5.48
C ILE A 89 0.76 3.46 5.08
N TYR A 90 0.95 4.76 5.41
CA TYR A 90 2.20 5.48 5.14
C TYR A 90 3.35 4.87 5.95
N ALA A 91 3.11 4.65 7.26
CA ALA A 91 4.09 4.04 8.18
C ALA A 91 4.58 2.68 7.65
N THR A 92 3.62 1.84 7.23
CA THR A 92 3.87 0.48 6.73
C THR A 92 4.73 0.48 5.44
N ILE A 93 4.32 1.29 4.45
CA ILE A 93 4.95 1.32 3.11
C ILE A 93 6.37 1.92 3.17
N MET A 94 6.51 3.09 3.83
CA MET A 94 7.82 3.77 3.97
C MET A 94 8.84 2.89 4.72
N ASP A 95 8.38 2.27 5.82
CA ASP A 95 9.17 1.32 6.65
C ASP A 95 9.59 0.07 5.84
N PHE A 96 8.66 -0.42 5.02
CA PHE A 96 8.85 -1.63 4.19
C PHE A 96 9.97 -1.40 3.15
N PHE A 97 9.96 -0.20 2.56
CA PHE A 97 10.94 0.23 1.54
C PHE A 97 12.28 0.59 2.21
N ALA A 98 12.19 1.14 3.43
CA ALA A 98 13.36 1.49 4.25
C ALA A 98 14.09 0.22 4.74
N SER A 99 13.32 -0.88 4.84
CA SER A 99 13.85 -2.20 5.18
C SER A 99 14.44 -2.87 3.92
N GLY A 100 13.77 -2.61 2.77
CA GLY A 100 14.19 -3.18 1.48
C GLY A 100 13.71 -4.61 1.29
N LEU A 101 12.50 -4.90 1.78
CA LEU A 101 11.87 -6.24 1.70
C LEU A 101 11.22 -6.44 0.31
N PRO A 102 11.18 -7.71 -0.23
CA PRO A 102 10.46 -8.01 -1.49
C PRO A 102 8.95 -7.74 -1.33
N LEU A 103 8.41 -6.90 -2.24
CA LEU A 103 7.02 -6.41 -2.22
C LEU A 103 6.03 -7.59 -2.09
N VAL A 104 6.23 -8.57 -2.96
CA VAL A 104 5.51 -9.85 -2.96
C VAL A 104 6.57 -10.95 -2.70
N THR A 105 6.36 -11.77 -1.65
CA THR A 105 7.31 -12.84 -1.22
C THR A 105 7.59 -13.84 -2.36
N GLU A 106 6.55 -14.05 -3.18
CA GLU A 106 6.63 -14.86 -4.41
C GLU A 106 5.50 -14.39 -5.35
N GLU A 107 5.86 -14.09 -6.60
CA GLU A 107 4.92 -13.59 -7.62
C GLU A 107 4.66 -14.71 -8.67
N MET A 1 6.82 27.46 22.17
CA MET A 1 5.77 27.73 21.16
C MET A 1 6.36 27.50 19.75
N GLY A 2 5.90 26.45 19.07
CA GLY A 2 6.35 26.10 17.73
C GLY A 2 5.80 24.76 17.29
N HIS A 3 5.56 24.60 15.98
CA HIS A 3 5.03 23.36 15.38
C HIS A 3 5.43 23.26 13.90
N HIS A 4 6.75 23.35 13.66
CA HIS A 4 7.35 23.19 12.33
C HIS A 4 7.89 21.76 12.22
N HIS A 5 6.98 20.81 11.91
CA HIS A 5 7.34 19.40 11.70
C HIS A 5 7.77 19.20 10.25
N HIS A 6 9.09 19.29 10.00
CA HIS A 6 9.68 19.18 8.66
C HIS A 6 9.91 17.69 8.27
N HIS A 7 9.42 16.73 9.13
CA HIS A 7 9.63 15.27 8.93
C HIS A 7 9.35 14.85 7.46
N HIS A 8 10.45 14.61 6.73
CA HIS A 8 10.40 14.31 5.30
C HIS A 8 10.72 12.84 5.10
N SER A 9 9.74 12.10 4.57
CA SER A 9 9.91 10.70 4.21
C SER A 9 10.94 10.56 3.07
N HIS A 10 11.71 9.47 3.12
CA HIS A 10 12.65 9.10 2.05
C HIS A 10 11.87 8.50 0.86
N MET A 11 10.62 8.11 1.11
CA MET A 11 9.61 7.78 0.09
C MET A 11 8.69 9.00 -0.10
N PHE A 12 7.63 8.85 -0.90
CA PHE A 12 6.54 9.83 -1.00
C PHE A 12 5.27 9.10 -1.44
N ILE A 13 4.21 9.14 -0.61
CA ILE A 13 2.96 8.44 -0.91
C ILE A 13 1.87 9.47 -1.21
N GLN A 14 1.46 9.52 -2.48
CA GLN A 14 0.46 10.47 -2.98
C GLN A 14 -0.79 9.70 -3.42
N THR A 15 -1.96 10.26 -3.14
CA THR A 15 -3.26 9.58 -3.31
C THR A 15 -3.96 10.05 -4.60
N GLN A 16 -4.44 9.06 -5.38
CA GLN A 16 -5.28 9.29 -6.56
C GLN A 16 -6.68 8.81 -6.18
N ASP A 17 -7.66 9.69 -6.36
CA ASP A 17 -9.07 9.36 -6.12
C ASP A 17 -9.59 8.46 -7.24
N THR A 18 -10.57 7.62 -6.90
CA THR A 18 -11.11 6.60 -7.78
C THR A 18 -12.64 6.79 -7.85
N PRO A 19 -13.30 6.44 -9.02
CA PRO A 19 -14.79 6.44 -9.17
C PRO A 19 -15.55 5.82 -7.97
N ASN A 20 -14.94 4.80 -7.35
CA ASN A 20 -15.48 4.13 -6.15
C ASN A 20 -14.79 4.71 -4.89
N PRO A 21 -15.50 5.52 -4.03
CA PRO A 21 -14.95 6.06 -2.74
C PRO A 21 -14.63 4.96 -1.70
N ASN A 22 -15.07 3.72 -1.98
CA ASN A 22 -14.73 2.52 -1.18
C ASN A 22 -13.23 2.23 -1.28
N SER A 23 -12.62 2.66 -2.39
CA SER A 23 -11.21 2.45 -2.69
C SER A 23 -10.47 3.79 -2.78
N LEU A 24 -9.17 3.76 -2.46
CA LEU A 24 -8.26 4.89 -2.65
C LEU A 24 -6.90 4.33 -3.11
N LYS A 25 -6.34 4.95 -4.15
CA LYS A 25 -5.10 4.50 -4.78
C LYS A 25 -3.90 5.24 -4.15
N PHE A 26 -2.99 4.47 -3.52
CA PHE A 26 -1.78 5.00 -2.85
C PHE A 26 -0.56 4.71 -3.75
N ILE A 27 0.07 5.77 -4.28
CA ILE A 27 1.31 5.68 -5.08
C ILE A 27 2.49 5.78 -4.08
N PRO A 28 3.23 4.65 -3.84
CA PRO A 28 4.27 4.57 -2.77
C PRO A 28 5.54 5.42 -3.04
N GLY A 29 5.74 5.82 -4.30
CA GLY A 29 6.92 6.58 -4.73
C GLY A 29 7.73 5.80 -5.74
N LYS A 30 8.24 4.64 -5.30
CA LYS A 30 8.92 3.66 -6.18
C LYS A 30 7.92 2.54 -6.52
N PRO A 31 7.98 1.95 -7.77
CA PRO A 31 7.09 0.84 -8.19
C PRO A 31 7.04 -0.34 -7.19
N VAL A 32 5.92 -1.08 -7.20
CA VAL A 32 5.68 -2.22 -6.30
C VAL A 32 5.64 -3.46 -7.18
N LEU A 33 4.79 -3.38 -8.19
CA LEU A 33 4.72 -4.31 -9.28
C LEU A 33 4.96 -3.51 -10.55
N GLU A 34 5.44 -4.21 -11.53
CA GLU A 34 5.72 -3.68 -12.88
C GLU A 34 5.66 -4.83 -13.86
N THR A 35 6.29 -5.95 -13.47
CA THR A 35 6.35 -7.18 -14.28
C THR A 35 4.95 -7.88 -14.38
N ARG A 36 4.09 -7.67 -13.37
CA ARG A 36 2.76 -8.33 -13.30
C ARG A 36 1.80 -7.53 -12.40
N THR A 37 0.58 -8.08 -12.20
CA THR A 37 -0.43 -7.55 -11.26
C THR A 37 -0.88 -8.67 -10.31
N MET A 38 -1.21 -8.31 -9.05
CA MET A 38 -1.59 -9.27 -7.99
C MET A 38 -2.71 -8.68 -7.12
N ASP A 39 -3.93 -9.25 -7.24
CA ASP A 39 -5.10 -8.86 -6.43
C ASP A 39 -5.17 -9.72 -5.16
N PHE A 40 -5.58 -9.10 -4.06
CA PHE A 40 -5.78 -9.77 -2.75
C PHE A 40 -7.19 -9.41 -2.22
N PRO A 41 -8.27 -10.09 -2.71
CA PRO A 41 -9.65 -9.81 -2.23
C PRO A 41 -9.86 -10.30 -0.78
N THR A 42 -9.07 -11.31 -0.38
CA THR A 42 -9.10 -11.90 0.96
C THR A 42 -7.69 -11.82 1.59
N PRO A 43 -7.57 -11.67 2.95
CA PRO A 43 -6.27 -11.75 3.67
C PRO A 43 -5.60 -13.15 3.57
N ALA A 44 -6.36 -14.15 3.06
CA ALA A 44 -5.87 -15.52 2.86
C ALA A 44 -4.90 -15.60 1.65
N ALA A 45 -5.20 -14.80 0.59
CA ALA A 45 -4.37 -14.73 -0.62
C ALA A 45 -3.11 -13.87 -0.41
N ALA A 46 -3.13 -13.05 0.67
CA ALA A 46 -2.11 -12.03 0.96
C ALA A 46 -0.72 -12.60 1.34
N PHE A 47 -0.64 -13.93 1.59
CA PHE A 47 0.63 -14.60 1.99
C PHE A 47 1.79 -14.39 0.98
N ARG A 48 1.42 -14.22 -0.31
CA ARG A 48 2.37 -14.02 -1.41
C ARG A 48 3.17 -12.71 -1.27
N SER A 49 2.54 -11.67 -0.68
CA SER A 49 3.16 -10.35 -0.50
C SER A 49 3.17 -9.98 1.00
N PRO A 50 4.37 -9.80 1.64
CA PRO A 50 4.47 -9.34 3.05
C PRO A 50 3.72 -8.02 3.29
N LEU A 51 3.83 -7.09 2.31
CA LEU A 51 3.23 -5.75 2.40
C LEU A 51 1.70 -5.85 2.40
N ALA A 52 1.16 -6.85 1.64
CA ALA A 52 -0.29 -7.09 1.56
C ALA A 52 -0.85 -7.46 2.93
N ARG A 53 -0.18 -8.42 3.61
CA ARG A 53 -0.57 -8.85 4.98
C ARG A 53 -0.47 -7.69 5.98
N GLN A 54 0.54 -6.83 5.80
CA GLN A 54 0.76 -5.66 6.67
C GLN A 54 -0.37 -4.62 6.52
N LEU A 55 -0.91 -4.52 5.29
CA LEU A 55 -2.06 -3.64 5.00
C LEU A 55 -3.36 -4.26 5.54
N PHE A 56 -3.45 -5.61 5.53
CA PHE A 56 -4.60 -6.35 6.11
C PHE A 56 -4.55 -6.36 7.65
N ARG A 57 -3.39 -6.01 8.25
CA ARG A 57 -3.28 -5.80 9.71
C ARG A 57 -4.09 -4.58 10.17
N ILE A 58 -4.35 -3.65 9.23
CA ILE A 58 -4.97 -2.34 9.52
C ILE A 58 -6.50 -2.53 9.60
N GLU A 59 -7.06 -2.31 10.79
CA GLU A 59 -8.48 -2.52 11.09
C GLU A 59 -9.35 -1.49 10.34
N GLY A 60 -9.74 -1.86 9.12
CA GLY A 60 -10.49 -0.99 8.22
C GLY A 60 -10.38 -1.46 6.78
N VAL A 61 -9.35 -2.26 6.48
CA VAL A 61 -9.06 -2.77 5.13
C VAL A 61 -9.84 -4.08 4.87
N LYS A 62 -10.68 -4.06 3.82
CA LYS A 62 -11.44 -5.24 3.38
C LYS A 62 -10.62 -6.07 2.39
N SER A 63 -9.98 -5.36 1.46
CA SER A 63 -9.30 -5.95 0.31
C SER A 63 -8.19 -5.01 -0.16
N VAL A 64 -7.11 -5.57 -0.69
CA VAL A 64 -6.00 -4.79 -1.27
C VAL A 64 -5.74 -5.28 -2.71
N PHE A 65 -5.36 -4.35 -3.59
CA PHE A 65 -4.98 -4.64 -4.98
C PHE A 65 -3.59 -4.04 -5.20
N PHE A 66 -2.63 -4.88 -5.57
CA PHE A 66 -1.30 -4.43 -6.01
C PHE A 66 -1.29 -4.34 -7.54
N GLY A 67 -0.94 -3.15 -8.04
CA GLY A 67 -0.95 -2.84 -9.47
C GLY A 67 0.41 -2.31 -9.93
N PRO A 68 0.56 -2.01 -11.26
CA PRO A 68 1.83 -1.48 -11.80
C PRO A 68 2.08 -0.04 -11.30
N ASP A 69 3.24 0.13 -10.61
CA ASP A 69 3.77 1.42 -10.07
C ASP A 69 3.08 1.83 -8.74
N SER A 70 1.89 1.30 -8.46
CA SER A 70 1.02 1.82 -7.40
C SER A 70 0.17 0.71 -6.75
N ILE A 71 -0.44 1.06 -5.60
CA ILE A 71 -1.32 0.17 -4.82
C ILE A 71 -2.70 0.83 -4.75
N THR A 72 -3.75 0.02 -4.60
CA THR A 72 -5.13 0.48 -4.35
C THR A 72 -5.71 -0.32 -3.18
N VAL A 73 -6.08 0.38 -2.08
CA VAL A 73 -6.63 -0.26 -0.87
C VAL A 73 -8.14 0.03 -0.83
N THR A 74 -8.92 -0.97 -0.41
CA THR A 74 -10.38 -0.86 -0.27
C THR A 74 -10.76 -1.01 1.21
N LYS A 75 -11.65 -0.14 1.71
CA LYS A 75 -12.18 -0.17 3.07
C LYS A 75 -13.29 -1.24 3.18
N GLU A 76 -13.77 -1.50 4.40
CA GLU A 76 -14.87 -2.46 4.64
C GLU A 76 -16.24 -1.80 4.40
N ASN A 77 -16.47 -0.63 5.01
CA ASN A 77 -17.80 0.02 5.01
C ASN A 77 -17.69 1.56 5.07
N GLU A 78 -18.84 2.22 4.91
CA GLU A 78 -18.96 3.68 4.72
C GLU A 78 -18.71 4.49 6.02
N GLU A 79 -18.62 3.81 7.17
CA GLU A 79 -18.24 4.45 8.44
C GLU A 79 -16.73 4.76 8.46
N LEU A 80 -15.95 3.89 7.78
CA LEU A 80 -14.48 3.92 7.86
C LEU A 80 -13.88 5.06 7.03
N ASP A 81 -13.44 6.08 7.77
CA ASP A 81 -12.76 7.26 7.23
C ASP A 81 -11.31 6.92 6.87
N TRP A 82 -10.90 7.25 5.62
CA TRP A 82 -9.55 6.98 5.11
C TRP A 82 -8.46 7.62 5.98
N ASN A 83 -8.71 8.82 6.52
CA ASN A 83 -7.70 9.60 7.30
C ASN A 83 -7.27 8.85 8.59
N LEU A 84 -8.11 7.89 9.05
CA LEU A 84 -7.77 7.01 10.20
C LEU A 84 -6.74 5.96 9.77
N LEU A 85 -6.96 5.35 8.59
CA LEU A 85 -6.10 4.29 8.04
C LEU A 85 -4.77 4.87 7.52
N LYS A 86 -4.86 6.05 6.85
CA LYS A 86 -3.74 6.70 6.12
C LYS A 86 -2.39 6.71 6.92
N PRO A 87 -2.31 7.24 8.21
CA PRO A 87 -1.01 7.31 8.93
C PRO A 87 -0.36 5.93 9.10
N ASP A 88 -1.21 4.90 9.24
CA ASP A 88 -0.77 3.51 9.44
C ASP A 88 -0.35 2.89 8.09
N ILE A 89 -1.10 3.21 7.01
CA ILE A 89 -0.80 2.74 5.62
C ILE A 89 0.53 3.33 5.15
N TYR A 90 0.73 4.63 5.48
CA TYR A 90 1.95 5.36 5.15
C TYR A 90 3.12 4.75 5.91
N ALA A 91 2.94 4.58 7.24
CA ALA A 91 3.96 3.99 8.13
C ALA A 91 4.39 2.60 7.64
N THR A 92 3.40 1.80 7.20
CA THR A 92 3.59 0.45 6.65
C THR A 92 4.54 0.47 5.44
N ILE A 93 4.12 1.23 4.40
CA ILE A 93 4.76 1.25 3.07
C ILE A 93 6.15 1.95 3.12
N MET A 94 6.22 3.09 3.83
CA MET A 94 7.49 3.86 3.98
C MET A 94 8.55 3.01 4.71
N ASP A 95 8.13 2.35 5.83
CA ASP A 95 9.02 1.46 6.63
C ASP A 95 9.45 0.22 5.81
N PHE A 96 8.53 -0.27 4.97
CA PHE A 96 8.73 -1.44 4.10
C PHE A 96 9.89 -1.20 3.11
N PHE A 97 9.80 -0.07 2.38
CA PHE A 97 10.82 0.34 1.39
C PHE A 97 12.11 0.82 2.09
N ALA A 98 11.96 1.39 3.31
CA ALA A 98 13.08 1.83 4.15
C ALA A 98 13.96 0.65 4.56
N SER A 99 13.31 -0.49 4.88
CA SER A 99 13.99 -1.74 5.23
C SER A 99 14.39 -2.49 3.94
N GLY A 100 13.73 -2.14 2.83
CA GLY A 100 13.98 -2.73 1.52
C GLY A 100 13.52 -4.18 1.45
N LEU A 101 12.37 -4.47 2.11
CA LEU A 101 11.79 -5.84 2.18
C LEU A 101 11.34 -6.32 0.78
N PRO A 102 11.35 -7.67 0.51
CA PRO A 102 10.82 -8.24 -0.76
C PRO A 102 9.31 -7.97 -0.88
N LEU A 103 8.94 -7.15 -1.87
CA LEU A 103 7.55 -6.73 -2.15
C LEU A 103 6.63 -7.97 -2.28
N VAL A 104 7.05 -8.93 -3.12
CA VAL A 104 6.41 -10.23 -3.27
C VAL A 104 7.47 -11.33 -3.06
N THR A 105 7.13 -12.32 -2.25
CA THR A 105 7.98 -13.48 -1.96
C THR A 105 7.60 -14.66 -2.87
N GLU A 106 6.36 -15.16 -2.75
CA GLU A 106 5.92 -16.39 -3.44
C GLU A 106 5.30 -16.11 -4.81
N GLU A 107 6.04 -16.48 -5.87
CA GLU A 107 5.58 -16.47 -7.27
C GLU A 107 4.96 -17.84 -7.63
N MET A 1 23.32 33.89 3.90
CA MET A 1 23.75 33.09 5.08
C MET A 1 22.60 32.18 5.53
N GLY A 2 22.95 30.99 6.09
CA GLY A 2 21.97 30.03 6.56
C GLY A 2 22.49 28.60 6.53
N HIS A 3 21.76 27.68 7.20
CA HIS A 3 22.06 26.25 7.22
C HIS A 3 20.89 25.49 6.55
N HIS A 4 21.15 24.84 5.41
CA HIS A 4 20.09 24.15 4.62
C HIS A 4 19.81 22.73 5.15
N HIS A 5 18.56 22.23 4.98
CA HIS A 5 18.16 20.88 5.44
C HIS A 5 18.74 19.80 4.50
N HIS A 6 19.48 18.84 5.06
CA HIS A 6 19.96 17.64 4.31
C HIS A 6 18.86 16.56 4.33
N HIS A 7 18.90 15.65 3.34
CA HIS A 7 17.85 14.64 3.14
C HIS A 7 18.39 13.39 2.43
N HIS A 8 17.66 12.26 2.60
CA HIS A 8 17.91 11.04 1.83
C HIS A 8 17.14 11.12 0.49
N SER A 9 15.79 11.09 0.57
CA SER A 9 14.91 11.02 -0.62
C SER A 9 13.56 11.74 -0.39
N HIS A 10 13.08 11.71 0.87
CA HIS A 10 11.71 12.16 1.24
C HIS A 10 10.66 11.32 0.49
N MET A 11 10.84 9.99 0.56
CA MET A 11 9.93 9.04 -0.08
C MET A 11 8.63 8.92 0.75
N PHE A 12 7.65 9.75 0.41
CA PHE A 12 6.30 9.74 1.03
C PHE A 12 5.27 9.26 0.00
N ILE A 13 4.07 8.92 0.49
CA ILE A 13 2.99 8.34 -0.34
C ILE A 13 1.97 9.43 -0.70
N GLN A 14 1.65 9.54 -1.99
CA GLN A 14 0.62 10.48 -2.48
C GLN A 14 -0.68 9.68 -2.75
N THR A 15 -1.84 10.24 -2.38
CA THR A 15 -3.15 9.59 -2.56
C THR A 15 -3.91 10.21 -3.73
N GLN A 16 -4.42 9.34 -4.63
CA GLN A 16 -5.11 9.75 -5.86
C GLN A 16 -6.53 9.18 -5.85
N ASP A 17 -7.50 9.95 -6.37
CA ASP A 17 -8.92 9.56 -6.36
C ASP A 17 -9.15 8.35 -7.30
N THR A 18 -9.92 7.38 -6.82
CA THR A 18 -10.13 6.07 -7.47
C THR A 18 -11.65 5.88 -7.71
N PRO A 19 -12.08 5.28 -8.88
CA PRO A 19 -13.52 5.24 -9.30
C PRO A 19 -14.45 4.60 -8.27
N ASN A 20 -13.97 3.52 -7.63
CA ASN A 20 -14.74 2.78 -6.61
C ASN A 20 -14.73 3.58 -5.27
N PRO A 21 -15.92 3.99 -4.71
CA PRO A 21 -16.01 4.81 -3.46
C PRO A 21 -15.30 4.20 -2.23
N ASN A 22 -15.23 2.86 -2.14
CA ASN A 22 -14.55 2.16 -1.02
C ASN A 22 -13.03 2.00 -1.27
N SER A 23 -12.58 2.30 -2.49
CA SER A 23 -11.17 2.09 -2.90
C SER A 23 -10.45 3.44 -3.06
N LEU A 24 -9.21 3.53 -2.56
CA LEU A 24 -8.32 4.69 -2.74
C LEU A 24 -6.94 4.21 -3.18
N LYS A 25 -6.31 4.96 -4.08
CA LYS A 25 -5.02 4.61 -4.66
C LYS A 25 -3.88 5.32 -3.89
N PHE A 26 -2.94 4.52 -3.39
CA PHE A 26 -1.76 4.99 -2.64
C PHE A 26 -0.51 4.75 -3.51
N ILE A 27 0.02 5.84 -4.10
CA ILE A 27 1.23 5.76 -4.93
C ILE A 27 2.46 5.92 -4.00
N PRO A 28 3.33 4.86 -3.85
CA PRO A 28 4.58 4.96 -3.04
C PRO A 28 5.71 5.70 -3.78
N GLY A 29 5.46 5.98 -5.07
CA GLY A 29 6.39 6.67 -5.95
C GLY A 29 6.97 5.73 -6.98
N LYS A 30 7.34 4.51 -6.55
CA LYS A 30 8.00 3.51 -7.41
C LYS A 30 6.97 2.50 -7.98
N PRO A 31 7.25 1.93 -9.20
CA PRO A 31 6.46 0.81 -9.75
C PRO A 31 6.62 -0.47 -8.90
N VAL A 32 5.56 -0.82 -8.15
CA VAL A 32 5.55 -2.01 -7.28
C VAL A 32 5.34 -3.29 -8.10
N LEU A 33 4.49 -3.20 -9.15
CA LEU A 33 4.22 -4.34 -10.07
C LEU A 33 4.27 -3.89 -11.54
N GLU A 34 5.48 -3.67 -12.04
CA GLU A 34 5.71 -3.44 -13.47
C GLU A 34 5.34 -4.72 -14.26
N THR A 35 5.83 -5.86 -13.74
CA THR A 35 5.77 -7.16 -14.44
C THR A 35 4.33 -7.73 -14.58
N ARG A 36 3.41 -7.33 -13.66
CA ARG A 36 2.04 -7.90 -13.61
C ARG A 36 1.09 -7.05 -12.76
N THR A 37 -0.08 -7.61 -12.46
CA THR A 37 -1.04 -7.09 -11.46
C THR A 37 -1.43 -8.24 -10.51
N MET A 38 -1.67 -7.93 -9.23
CA MET A 38 -2.01 -8.94 -8.18
C MET A 38 -3.09 -8.37 -7.26
N ASP A 39 -4.14 -9.15 -7.00
CA ASP A 39 -5.23 -8.76 -6.11
C ASP A 39 -5.27 -9.71 -4.92
N PHE A 40 -5.60 -9.15 -3.75
CA PHE A 40 -5.72 -9.89 -2.49
C PHE A 40 -7.11 -9.57 -1.89
N PRO A 41 -8.16 -10.40 -2.18
CA PRO A 41 -9.52 -10.19 -1.64
C PRO A 41 -9.59 -10.45 -0.12
N THR A 42 -8.82 -11.45 0.36
CA THR A 42 -8.84 -11.91 1.75
C THR A 42 -7.42 -11.83 2.37
N PRO A 43 -7.31 -11.64 3.73
CA PRO A 43 -6.01 -11.67 4.45
C PRO A 43 -5.21 -12.97 4.21
N ALA A 44 -5.92 -14.10 4.06
CA ALA A 44 -5.32 -15.42 3.79
C ALA A 44 -4.56 -15.43 2.45
N ALA A 45 -5.21 -14.87 1.40
CA ALA A 45 -4.64 -14.77 0.04
C ALA A 45 -3.39 -13.87 -0.02
N ALA A 46 -3.24 -12.97 0.98
CA ALA A 46 -2.14 -12.00 1.06
C ALA A 46 -0.76 -12.65 1.34
N PHE A 47 -0.72 -14.00 1.55
CA PHE A 47 0.53 -14.76 1.84
C PHE A 47 1.60 -14.57 0.74
N ARG A 48 1.16 -14.14 -0.46
CA ARG A 48 2.02 -13.96 -1.63
C ARG A 48 2.94 -12.72 -1.50
N SER A 49 2.48 -11.68 -0.82
CA SER A 49 3.20 -10.40 -0.70
C SER A 49 3.18 -9.91 0.76
N PRO A 50 4.38 -9.67 1.39
CA PRO A 50 4.48 -9.32 2.83
C PRO A 50 3.79 -7.99 3.16
N LEU A 51 3.88 -7.02 2.22
CA LEU A 51 3.28 -5.70 2.39
C LEU A 51 1.74 -5.80 2.43
N ALA A 52 1.19 -6.72 1.60
CA ALA A 52 -0.25 -6.99 1.56
C ALA A 52 -0.74 -7.49 2.92
N ARG A 53 0.04 -8.42 3.53
CA ARG A 53 -0.24 -8.98 4.86
C ARG A 53 -0.31 -7.87 5.93
N GLN A 54 0.70 -6.97 5.87
CA GLN A 54 0.87 -5.85 6.81
C GLN A 54 -0.31 -4.86 6.72
N LEU A 55 -0.80 -4.63 5.49
CA LEU A 55 -1.97 -3.76 5.24
C LEU A 55 -3.26 -4.39 5.79
N PHE A 56 -3.38 -5.73 5.72
CA PHE A 56 -4.54 -6.46 6.31
C PHE A 56 -4.46 -6.51 7.85
N ARG A 57 -3.27 -6.28 8.43
CA ARG A 57 -3.09 -6.14 9.89
C ARG A 57 -3.73 -4.83 10.41
N ILE A 58 -3.96 -3.88 9.49
CA ILE A 58 -4.59 -2.59 9.78
C ILE A 58 -6.11 -2.77 9.76
N GLU A 59 -6.80 -2.29 10.81
CA GLU A 59 -8.27 -2.39 10.91
C GLU A 59 -8.93 -1.51 9.84
N GLY A 60 -10.01 -2.02 9.24
CA GLY A 60 -10.77 -1.31 8.21
C GLY A 60 -10.43 -1.73 6.80
N VAL A 61 -9.29 -2.42 6.62
CA VAL A 61 -8.84 -2.87 5.29
C VAL A 61 -9.57 -4.17 4.91
N LYS A 62 -10.48 -4.06 3.94
CA LYS A 62 -11.29 -5.18 3.43
C LYS A 62 -10.48 -6.02 2.44
N SER A 63 -9.81 -5.33 1.53
CA SER A 63 -9.09 -5.93 0.40
C SER A 63 -7.93 -5.01 -0.02
N VAL A 64 -6.89 -5.60 -0.64
CA VAL A 64 -5.72 -4.86 -1.14
C VAL A 64 -5.45 -5.27 -2.60
N PHE A 65 -5.15 -4.30 -3.45
CA PHE A 65 -4.80 -4.52 -4.86
C PHE A 65 -3.46 -3.84 -5.13
N PHE A 66 -2.50 -4.61 -5.63
CA PHE A 66 -1.22 -4.10 -6.11
C PHE A 66 -1.32 -3.86 -7.63
N GLY A 67 -1.05 -2.60 -8.02
CA GLY A 67 -1.08 -2.16 -9.42
C GLY A 67 0.32 -1.79 -9.90
N PRO A 68 0.47 -1.37 -11.20
CA PRO A 68 1.79 -1.00 -11.79
C PRO A 68 2.64 -0.05 -10.93
N ASP A 69 2.21 1.21 -10.80
CA ASP A 69 2.99 2.28 -10.12
C ASP A 69 2.38 2.65 -8.76
N SER A 70 1.39 1.86 -8.31
CA SER A 70 0.58 2.22 -7.12
C SER A 70 -0.03 0.99 -6.45
N ILE A 71 -0.61 1.20 -5.26
CA ILE A 71 -1.32 0.18 -4.48
C ILE A 71 -2.69 0.75 -4.07
N THR A 72 -3.77 0.18 -4.59
CA THR A 72 -5.13 0.58 -4.24
C THR A 72 -5.59 -0.27 -3.05
N VAL A 73 -6.00 0.37 -1.95
CA VAL A 73 -6.51 -0.31 -0.75
C VAL A 73 -8.02 -0.05 -0.67
N THR A 74 -8.79 -1.07 -0.28
CA THR A 74 -10.24 -1.00 -0.14
C THR A 74 -10.60 -1.05 1.36
N LYS A 75 -11.45 -0.12 1.79
CA LYS A 75 -12.04 -0.10 3.15
C LYS A 75 -13.22 -1.08 3.20
N GLU A 76 -13.67 -1.46 4.41
CA GLU A 76 -14.79 -2.38 4.60
C GLU A 76 -16.12 -1.77 4.14
N ASN A 77 -16.28 -0.46 4.37
CA ASN A 77 -17.53 0.26 4.07
C ASN A 77 -17.26 1.78 4.12
N GLU A 78 -18.10 2.57 3.40
CA GLU A 78 -17.91 4.04 3.22
C GLU A 78 -17.94 4.83 4.55
N GLU A 79 -18.40 4.18 5.63
CA GLU A 79 -18.36 4.73 7.01
C GLU A 79 -16.93 5.13 7.38
N LEU A 80 -15.97 4.25 7.03
CA LEU A 80 -14.56 4.41 7.35
C LEU A 80 -13.96 5.54 6.52
N ASP A 81 -13.50 6.56 7.22
CA ASP A 81 -12.83 7.71 6.60
C ASP A 81 -11.33 7.40 6.50
N TRP A 82 -10.71 7.71 5.35
CA TRP A 82 -9.31 7.34 5.08
C TRP A 82 -8.31 8.04 6.02
N ASN A 83 -8.69 9.18 6.64
CA ASN A 83 -7.81 9.93 7.57
C ASN A 83 -7.41 9.05 8.79
N LEU A 84 -8.23 8.02 9.08
CA LEU A 84 -8.01 7.07 10.16
C LEU A 84 -6.92 6.05 9.77
N LEU A 85 -7.03 5.50 8.54
CA LEU A 85 -6.15 4.41 8.06
C LEU A 85 -4.81 4.95 7.53
N LYS A 86 -4.85 6.09 6.82
CA LYS A 86 -3.69 6.69 6.11
C LYS A 86 -2.40 6.79 6.96
N PRO A 87 -2.41 7.35 8.23
CA PRO A 87 -1.17 7.47 9.05
C PRO A 87 -0.50 6.09 9.30
N ASP A 88 -1.35 5.05 9.47
CA ASP A 88 -0.89 3.68 9.70
C ASP A 88 -0.33 3.09 8.38
N ILE A 89 -1.06 3.34 7.26
CA ILE A 89 -0.69 2.84 5.91
C ILE A 89 0.63 3.48 5.43
N TYR A 90 0.82 4.77 5.77
CA TYR A 90 2.04 5.51 5.45
C TYR A 90 3.22 4.92 6.22
N ALA A 91 3.02 4.73 7.54
CA ALA A 91 4.03 4.13 8.43
C ALA A 91 4.46 2.75 7.91
N THR A 92 3.46 1.92 7.57
CA THR A 92 3.65 0.52 7.15
C THR A 92 4.42 0.40 5.82
N ILE A 93 3.94 1.10 4.77
CA ILE A 93 4.50 0.99 3.40
C ILE A 93 5.91 1.62 3.31
N MET A 94 6.08 2.82 3.90
CA MET A 94 7.39 3.52 3.90
C MET A 94 8.44 2.73 4.72
N ASP A 95 8.00 2.13 5.85
CA ASP A 95 8.83 1.25 6.70
C ASP A 95 9.28 -0.01 5.93
N PHE A 96 8.33 -0.56 5.15
CA PHE A 96 8.54 -1.78 4.34
C PHE A 96 9.69 -1.56 3.32
N PHE A 97 9.61 -0.42 2.59
CA PHE A 97 10.62 -0.04 1.59
C PHE A 97 11.95 0.40 2.26
N ALA A 98 11.84 1.04 3.43
CA ALA A 98 13.01 1.48 4.23
C ALA A 98 13.78 0.29 4.83
N SER A 99 13.04 -0.81 5.09
CA SER A 99 13.61 -2.06 5.58
C SER A 99 14.25 -2.85 4.41
N GLY A 100 13.76 -2.60 3.19
CA GLY A 100 14.26 -3.25 1.97
C GLY A 100 13.72 -4.66 1.81
N LEU A 101 12.44 -4.85 2.20
CA LEU A 101 11.76 -6.14 2.11
C LEU A 101 11.23 -6.38 0.67
N PRO A 102 11.21 -7.66 0.17
CA PRO A 102 10.70 -7.98 -1.19
C PRO A 102 9.18 -7.71 -1.29
N LEU A 103 8.80 -6.85 -2.25
CA LEU A 103 7.41 -6.40 -2.48
C LEU A 103 6.48 -7.61 -2.67
N VAL A 104 6.95 -8.57 -3.47
CA VAL A 104 6.26 -9.83 -3.75
C VAL A 104 7.25 -10.99 -3.51
N THR A 105 6.99 -11.80 -2.48
CA THR A 105 7.78 -13.00 -2.19
C THR A 105 7.44 -14.14 -3.17
N GLU A 106 6.16 -14.19 -3.59
CA GLU A 106 5.64 -15.21 -4.51
C GLU A 106 4.39 -14.67 -5.20
N GLU A 107 4.13 -15.09 -6.43
CA GLU A 107 2.95 -14.68 -7.22
C GLU A 107 2.18 -15.92 -7.74
N MET A 1 17.48 4.51 -20.44
CA MET A 1 16.41 4.73 -19.42
C MET A 1 17.02 4.81 -18.01
N GLY A 2 18.16 4.13 -17.82
CA GLY A 2 18.87 4.09 -16.55
C GLY A 2 19.73 5.32 -16.32
N HIS A 3 19.20 6.29 -15.55
CA HIS A 3 19.93 7.49 -15.12
C HIS A 3 19.36 7.93 -13.75
N HIS A 4 19.58 7.08 -12.74
CA HIS A 4 19.09 7.31 -11.37
C HIS A 4 19.80 8.51 -10.74
N HIS A 5 18.99 9.49 -10.28
CA HIS A 5 19.48 10.69 -9.59
C HIS A 5 19.86 10.31 -8.15
N HIS A 6 21.17 10.36 -7.84
CA HIS A 6 21.75 9.86 -6.58
C HIS A 6 21.18 10.59 -5.33
N HIS A 7 20.75 11.85 -5.53
CA HIS A 7 20.07 12.65 -4.49
C HIS A 7 18.77 13.24 -5.06
N HIS A 8 17.86 12.34 -5.45
CA HIS A 8 16.46 12.65 -5.77
C HIS A 8 15.67 11.33 -5.81
N SER A 9 14.97 11.04 -4.73
CA SER A 9 14.09 9.87 -4.64
C SER A 9 12.95 10.23 -3.67
N HIS A 10 12.05 11.12 -4.15
CA HIS A 10 10.94 11.65 -3.36
C HIS A 10 9.93 10.53 -3.01
N MET A 11 10.01 10.07 -1.75
CA MET A 11 9.17 8.98 -1.20
C MET A 11 7.85 9.55 -0.61
N PHE A 12 7.56 10.84 -0.94
CA PHE A 12 6.27 11.48 -0.63
C PHE A 12 5.15 10.70 -1.36
N ILE A 13 4.33 9.99 -0.57
CA ILE A 13 3.28 9.10 -1.11
C ILE A 13 2.06 9.95 -1.47
N GLN A 14 1.59 9.86 -2.72
CA GLN A 14 0.42 10.63 -3.17
C GLN A 14 -0.83 9.72 -3.19
N THR A 15 -1.98 10.30 -2.86
CA THR A 15 -3.28 9.63 -2.93
C THR A 15 -4.00 10.11 -4.21
N GLN A 16 -4.43 9.16 -5.05
CA GLN A 16 -5.02 9.44 -6.37
C GLN A 16 -6.41 8.78 -6.50
N ASP A 17 -7.24 9.38 -7.37
CA ASP A 17 -8.66 9.00 -7.55
C ASP A 17 -8.83 7.56 -8.07
N THR A 18 -9.84 6.89 -7.51
CA THR A 18 -10.36 5.60 -8.00
C THR A 18 -11.90 5.73 -8.22
N PRO A 19 -12.47 5.07 -9.30
CA PRO A 19 -13.96 5.06 -9.56
C PRO A 19 -14.80 4.69 -8.32
N ASN A 20 -14.32 3.70 -7.56
CA ASN A 20 -14.93 3.27 -6.29
C ASN A 20 -14.41 4.17 -5.14
N PRO A 21 -15.30 4.93 -4.42
CA PRO A 21 -14.88 5.80 -3.28
C PRO A 21 -14.41 4.97 -2.05
N ASN A 22 -14.84 3.69 -1.99
CA ASN A 22 -14.43 2.75 -0.92
C ASN A 22 -12.99 2.26 -1.14
N SER A 23 -12.41 2.59 -2.29
CA SER A 23 -11.01 2.31 -2.61
C SER A 23 -10.24 3.64 -2.74
N LEU A 24 -8.92 3.58 -2.54
CA LEU A 24 -8.01 4.72 -2.75
C LEU A 24 -6.65 4.23 -3.24
N LYS A 25 -6.07 4.97 -4.19
CA LYS A 25 -4.79 4.63 -4.82
C LYS A 25 -3.63 5.35 -4.08
N PHE A 26 -2.64 4.57 -3.61
CA PHE A 26 -1.44 5.10 -2.92
C PHE A 26 -0.19 4.85 -3.80
N ILE A 27 0.38 5.92 -4.39
CA ILE A 27 1.64 5.82 -5.17
C ILE A 27 2.80 6.14 -4.22
N PRO A 28 3.68 5.15 -3.87
CA PRO A 28 4.81 5.38 -2.93
C PRO A 28 6.08 5.93 -3.59
N GLY A 29 5.96 6.42 -4.84
CA GLY A 29 7.09 6.93 -5.62
C GLY A 29 7.74 5.84 -6.47
N LYS A 30 7.86 4.64 -5.88
CA LYS A 30 8.37 3.44 -6.57
C LYS A 30 7.21 2.64 -7.18
N PRO A 31 7.33 2.17 -8.46
CA PRO A 31 6.35 1.24 -9.08
C PRO A 31 6.39 -0.15 -8.40
N VAL A 32 5.32 -0.49 -7.67
CA VAL A 32 5.25 -1.72 -6.86
C VAL A 32 5.13 -2.99 -7.75
N LEU A 33 4.16 -2.99 -8.68
CA LEU A 33 4.00 -4.03 -9.70
C LEU A 33 3.63 -3.33 -11.01
N GLU A 34 4.61 -2.99 -11.83
CA GLU A 34 4.40 -2.35 -13.15
C GLU A 34 4.52 -3.40 -14.26
N THR A 35 5.30 -4.47 -13.99
CA THR A 35 5.53 -5.61 -14.92
C THR A 35 4.33 -6.59 -14.89
N ARG A 36 3.57 -6.54 -13.79
CA ARG A 36 2.38 -7.39 -13.58
C ARG A 36 1.36 -6.64 -12.71
N THR A 37 0.21 -7.29 -12.46
CA THR A 37 -0.81 -6.83 -11.49
C THR A 37 -1.21 -8.04 -10.64
N MET A 38 -1.44 -7.84 -9.33
CA MET A 38 -1.79 -8.94 -8.40
C MET A 38 -2.78 -8.43 -7.34
N ASP A 39 -3.94 -9.10 -7.27
CA ASP A 39 -4.99 -8.82 -6.29
C ASP A 39 -4.87 -9.80 -5.12
N PHE A 40 -5.04 -9.27 -3.90
CA PHE A 40 -5.09 -10.04 -2.65
C PHE A 40 -6.40 -9.68 -1.92
N PRO A 41 -7.55 -10.28 -2.35
CA PRO A 41 -8.88 -9.92 -1.81
C PRO A 41 -9.13 -10.47 -0.39
N THR A 42 -8.40 -11.54 -0.05
CA THR A 42 -8.51 -12.24 1.23
C THR A 42 -7.17 -12.14 1.99
N PRO A 43 -7.18 -11.94 3.36
CA PRO A 43 -5.93 -11.99 4.17
C PRO A 43 -5.23 -13.36 4.11
N ALA A 44 -6.01 -14.42 3.83
CA ALA A 44 -5.50 -15.79 3.67
C ALA A 44 -4.60 -15.91 2.43
N ALA A 45 -4.98 -15.23 1.32
CA ALA A 45 -4.19 -15.21 0.06
C ALA A 45 -3.04 -14.19 0.14
N ALA A 46 -3.15 -13.22 1.06
CA ALA A 46 -2.17 -12.12 1.23
C ALA A 46 -0.77 -12.61 1.67
N PHE A 47 -0.68 -13.87 2.15
CA PHE A 47 0.56 -14.49 2.70
C PHE A 47 1.80 -14.36 1.76
N ARG A 48 1.54 -14.14 0.46
CA ARG A 48 2.60 -14.02 -0.56
C ARG A 48 3.29 -12.65 -0.48
N SER A 49 2.49 -11.57 -0.44
CA SER A 49 2.99 -10.20 -0.34
C SER A 49 3.10 -9.78 1.13
N PRO A 50 4.33 -9.49 1.66
CA PRO A 50 4.52 -9.04 3.06
C PRO A 50 3.79 -7.71 3.34
N LEU A 51 3.76 -6.84 2.31
CA LEU A 51 3.09 -5.52 2.38
C LEU A 51 1.58 -5.71 2.54
N ALA A 52 1.01 -6.66 1.76
CA ALA A 52 -0.45 -6.95 1.78
C ALA A 52 -0.86 -7.46 3.17
N ARG A 53 -0.02 -8.35 3.75
CA ARG A 53 -0.20 -8.91 5.11
C ARG A 53 -0.30 -7.79 6.16
N GLN A 54 0.66 -6.83 6.10
CA GLN A 54 0.75 -5.71 7.04
C GLN A 54 -0.44 -4.71 6.87
N LEU A 55 -0.94 -4.59 5.63
CA LEU A 55 -2.12 -3.75 5.33
C LEU A 55 -3.41 -4.38 5.92
N PHE A 56 -3.51 -5.72 5.87
CA PHE A 56 -4.63 -6.47 6.52
C PHE A 56 -4.52 -6.46 8.07
N ARG A 57 -3.34 -6.08 8.61
CA ARG A 57 -3.17 -5.87 10.07
C ARG A 57 -3.76 -4.51 10.52
N ILE A 58 -4.10 -3.65 9.53
CA ILE A 58 -4.78 -2.38 9.77
C ILE A 58 -6.30 -2.67 9.74
N GLU A 59 -6.94 -2.56 10.92
CA GLU A 59 -8.36 -2.87 11.09
C GLU A 59 -9.21 -1.75 10.44
N GLY A 60 -9.54 -2.00 9.17
CA GLY A 60 -10.18 -1.04 8.30
C GLY A 60 -10.04 -1.45 6.84
N VAL A 61 -8.98 -2.22 6.54
CA VAL A 61 -8.66 -2.69 5.17
C VAL A 61 -9.38 -4.02 4.87
N LYS A 62 -10.30 -3.99 3.89
CA LYS A 62 -11.09 -5.16 3.47
C LYS A 62 -10.29 -6.03 2.49
N SER A 63 -9.58 -5.37 1.59
CA SER A 63 -8.84 -6.03 0.50
C SER A 63 -7.71 -5.12 0.01
N VAL A 64 -6.64 -5.77 -0.47
CA VAL A 64 -5.47 -5.09 -1.05
C VAL A 64 -5.37 -5.48 -2.54
N PHE A 65 -5.08 -4.49 -3.38
CA PHE A 65 -4.81 -4.68 -4.81
C PHE A 65 -3.51 -3.94 -5.14
N PHE A 66 -2.66 -4.54 -5.96
CA PHE A 66 -1.46 -3.89 -6.48
C PHE A 66 -1.61 -3.69 -8.00
N GLY A 67 -1.50 -2.43 -8.41
CA GLY A 67 -1.66 -2.03 -9.80
C GLY A 67 -0.35 -1.49 -10.36
N PRO A 68 -0.31 -1.12 -11.68
CA PRO A 68 0.91 -0.58 -12.29
C PRO A 68 1.28 0.79 -11.67
N ASP A 69 2.48 0.83 -11.06
CA ASP A 69 3.10 2.07 -10.50
C ASP A 69 2.42 2.56 -9.21
N SER A 70 1.47 1.78 -8.67
CA SER A 70 0.60 2.23 -7.56
C SER A 70 0.00 1.06 -6.77
N ILE A 71 -0.56 1.38 -5.59
CA ILE A 71 -1.26 0.45 -4.70
C ILE A 71 -2.73 0.90 -4.65
N THR A 72 -3.64 -0.02 -4.36
CA THR A 72 -5.08 0.28 -4.18
C THR A 72 -5.55 -0.45 -2.93
N VAL A 73 -5.96 0.31 -1.91
CA VAL A 73 -6.46 -0.22 -0.64
C VAL A 73 -7.97 0.01 -0.60
N THR A 74 -8.74 -0.99 -0.15
CA THR A 74 -10.19 -0.89 0.00
C THR A 74 -10.56 -0.95 1.50
N LYS A 75 -11.56 -0.16 1.91
CA LYS A 75 -12.08 -0.14 3.29
C LYS A 75 -13.19 -1.22 3.45
N GLU A 76 -13.44 -1.65 4.70
CA GLU A 76 -14.47 -2.67 5.02
C GLU A 76 -15.88 -2.12 4.78
N ASN A 77 -16.15 -0.96 5.37
CA ASN A 77 -17.45 -0.29 5.33
C ASN A 77 -17.24 1.21 5.12
N GLU A 78 -18.25 1.89 4.58
CA GLU A 78 -18.15 3.30 4.13
C GLU A 78 -18.22 4.30 5.31
N GLU A 79 -18.41 3.78 6.53
CA GLU A 79 -18.36 4.58 7.77
C GLU A 79 -16.88 4.81 8.18
N LEU A 80 -15.98 3.95 7.66
CA LEU A 80 -14.53 4.10 7.83
C LEU A 80 -14.03 5.21 6.90
N ASP A 81 -13.53 6.28 7.50
CA ASP A 81 -12.97 7.42 6.76
C ASP A 81 -11.48 7.17 6.46
N TRP A 82 -11.03 7.57 5.24
CA TRP A 82 -9.65 7.31 4.76
C TRP A 82 -8.57 8.01 5.62
N ASN A 83 -8.87 9.20 6.20
CA ASN A 83 -7.90 9.98 7.02
C ASN A 83 -7.40 9.16 8.23
N LEU A 84 -8.20 8.18 8.65
CA LEU A 84 -7.88 7.29 9.79
C LEU A 84 -6.82 6.25 9.37
N LEU A 85 -7.04 5.62 8.19
CA LEU A 85 -6.18 4.53 7.68
C LEU A 85 -4.86 5.07 7.08
N LYS A 86 -4.92 6.24 6.40
CA LYS A 86 -3.76 6.84 5.68
C LYS A 86 -2.43 6.86 6.48
N PRO A 87 -2.36 7.40 7.76
CA PRO A 87 -1.07 7.45 8.53
C PRO A 87 -0.52 6.03 8.83
N ASP A 88 -1.45 5.07 8.99
CA ASP A 88 -1.14 3.65 9.21
C ASP A 88 -0.56 3.03 7.94
N ILE A 89 -1.20 3.33 6.78
CA ILE A 89 -0.80 2.82 5.47
C ILE A 89 0.57 3.41 5.04
N TYR A 90 0.81 4.69 5.37
CA TYR A 90 2.11 5.36 5.10
C TYR A 90 3.19 4.71 5.97
N ALA A 91 2.87 4.49 7.26
CA ALA A 91 3.79 3.85 8.22
C ALA A 91 4.16 2.43 7.76
N THR A 92 3.15 1.68 7.25
CA THR A 92 3.31 0.32 6.72
C THR A 92 4.23 0.28 5.47
N ILE A 93 3.97 1.19 4.51
CA ILE A 93 4.74 1.29 3.25
C ILE A 93 6.21 1.66 3.57
N MET A 94 6.40 2.74 4.34
CA MET A 94 7.74 3.26 4.70
C MET A 94 8.56 2.23 5.49
N ASP A 95 7.90 1.54 6.44
CA ASP A 95 8.48 0.43 7.23
C ASP A 95 8.94 -0.74 6.32
N PHE A 96 8.05 -1.11 5.38
CA PHE A 96 8.24 -2.24 4.43
C PHE A 96 9.49 -2.01 3.53
N PHE A 97 9.55 -0.81 2.93
CA PHE A 97 10.65 -0.42 2.02
C PHE A 97 11.97 -0.16 2.81
N ALA A 98 11.84 0.24 4.09
CA ALA A 98 13.00 0.43 5.00
C ALA A 98 13.54 -0.93 5.51
N SER A 99 12.64 -1.92 5.58
CA SER A 99 12.98 -3.30 6.00
C SER A 99 13.74 -4.03 4.88
N GLY A 100 13.52 -3.57 3.63
CA GLY A 100 14.15 -4.18 2.46
C GLY A 100 13.47 -5.46 2.03
N LEU A 101 12.14 -5.51 2.16
CA LEU A 101 11.31 -6.66 1.76
C LEU A 101 10.85 -6.52 0.30
N PRO A 102 10.91 -7.62 -0.53
CA PRO A 102 10.33 -7.62 -1.90
C PRO A 102 8.79 -7.48 -1.84
N LEU A 103 8.20 -6.83 -2.86
CA LEU A 103 6.75 -6.51 -2.90
C LEU A 103 5.92 -7.79 -2.69
N VAL A 104 6.26 -8.84 -3.44
CA VAL A 104 5.73 -10.20 -3.24
C VAL A 104 6.95 -11.14 -3.18
N THR A 105 6.95 -12.10 -2.23
CA THR A 105 8.08 -13.03 -2.02
C THR A 105 8.28 -13.94 -3.25
N GLU A 106 7.16 -14.46 -3.79
CA GLU A 106 7.15 -15.24 -5.06
C GLU A 106 6.42 -14.45 -6.16
N GLU A 107 6.19 -15.11 -7.32
CA GLU A 107 5.31 -14.61 -8.39
C GLU A 107 4.42 -15.79 -8.86
N MET A 1 12.97 23.66 -5.00
CA MET A 1 12.95 22.89 -6.25
C MET A 1 14.37 22.86 -6.87
N GLY A 2 14.93 24.07 -7.10
CA GLY A 2 16.22 24.25 -7.76
C GLY A 2 16.19 23.72 -9.18
N HIS A 3 16.96 22.66 -9.43
CA HIS A 3 16.89 21.86 -10.65
C HIS A 3 16.06 20.60 -10.34
N HIS A 4 15.17 20.21 -11.29
CA HIS A 4 14.23 19.07 -11.12
C HIS A 4 14.99 17.69 -11.15
N HIS A 5 15.73 17.41 -10.07
CA HIS A 5 16.58 16.20 -9.96
C HIS A 5 16.94 16.01 -8.47
N HIS A 6 17.17 17.14 -7.78
CA HIS A 6 17.33 17.20 -6.30
C HIS A 6 16.03 17.78 -5.68
N HIS A 7 14.88 17.45 -6.32
CA HIS A 7 13.54 17.81 -5.83
C HIS A 7 13.25 17.03 -4.52
N HIS A 8 12.89 17.78 -3.46
CA HIS A 8 12.64 17.23 -2.11
C HIS A 8 11.32 16.40 -2.09
N SER A 9 11.46 15.15 -2.53
CA SER A 9 10.41 14.14 -2.57
C SER A 9 11.07 12.80 -2.90
N HIS A 10 11.73 12.22 -1.89
CA HIS A 10 12.45 10.93 -2.02
C HIS A 10 11.44 9.80 -2.24
N MET A 11 10.41 9.76 -1.39
CA MET A 11 9.32 8.79 -1.49
C MET A 11 8.06 9.34 -0.80
N PHE A 12 7.49 10.40 -1.38
CA PHE A 12 6.17 10.93 -0.99
C PHE A 12 5.06 10.05 -1.62
N ILE A 13 4.04 9.71 -0.83
CA ILE A 13 2.91 8.88 -1.29
C ILE A 13 1.71 9.79 -1.57
N GLN A 14 1.35 9.91 -2.86
CA GLN A 14 0.30 10.85 -3.34
C GLN A 14 -0.97 10.04 -3.70
N THR A 15 -2.14 10.59 -3.39
CA THR A 15 -3.43 9.88 -3.55
C THR A 15 -4.16 10.32 -4.83
N GLN A 16 -4.81 9.36 -5.52
CA GLN A 16 -5.56 9.58 -6.77
C GLN A 16 -7.02 9.12 -6.59
N ASP A 17 -7.95 9.87 -7.23
CA ASP A 17 -9.39 9.54 -7.28
C ASP A 17 -9.61 8.13 -7.86
N THR A 18 -10.27 7.27 -7.08
CA THR A 18 -10.50 5.86 -7.44
C THR A 18 -11.98 5.65 -7.86
N PRO A 19 -12.27 4.82 -8.92
CA PRO A 19 -13.65 4.61 -9.44
C PRO A 19 -14.57 3.94 -8.39
N ASN A 20 -13.97 3.12 -7.51
CA ASN A 20 -14.63 2.56 -6.32
C ASN A 20 -14.42 3.56 -5.13
N PRO A 21 -15.51 4.15 -4.56
CA PRO A 21 -15.43 5.05 -3.36
C PRO A 21 -14.92 4.32 -2.09
N ASN A 22 -15.16 2.99 -2.04
CA ASN A 22 -14.66 2.12 -0.95
C ASN A 22 -13.15 1.84 -1.10
N SER A 23 -12.56 2.27 -2.22
CA SER A 23 -11.12 2.14 -2.49
C SER A 23 -10.48 3.53 -2.59
N LEU A 24 -9.21 3.62 -2.18
CA LEU A 24 -8.36 4.78 -2.46
C LEU A 24 -7.02 4.29 -3.00
N LYS A 25 -6.62 4.88 -4.13
CA LYS A 25 -5.38 4.56 -4.80
C LYS A 25 -4.25 5.43 -4.23
N PHE A 26 -3.26 4.76 -3.63
CA PHE A 26 -2.05 5.38 -3.09
C PHE A 26 -0.92 5.15 -4.10
N ILE A 27 -0.21 6.19 -4.48
CA ILE A 27 0.98 6.08 -5.36
C ILE A 27 2.22 6.33 -4.48
N PRO A 28 2.91 5.25 -3.99
CA PRO A 28 4.18 5.38 -3.21
C PRO A 28 5.34 5.92 -4.08
N GLY A 29 5.12 5.94 -5.41
CA GLY A 29 6.09 6.45 -6.38
C GLY A 29 7.11 5.41 -6.82
N LYS A 30 7.36 4.41 -5.94
CA LYS A 30 8.23 3.27 -6.23
C LYS A 30 7.40 2.14 -6.88
N PRO A 31 7.94 1.51 -7.98
CA PRO A 31 7.22 0.43 -8.71
C PRO A 31 7.02 -0.83 -7.85
N VAL A 32 5.85 -0.91 -7.17
CA VAL A 32 5.48 -2.07 -6.34
C VAL A 32 5.24 -3.30 -7.23
N LEU A 33 4.54 -3.11 -8.37
CA LEU A 33 4.41 -4.11 -9.44
C LEU A 33 4.42 -3.40 -10.81
N GLU A 34 5.62 -3.04 -11.29
CA GLU A 34 5.78 -2.45 -12.65
C GLU A 34 5.53 -3.51 -13.73
N THR A 35 5.85 -4.77 -13.40
CA THR A 35 5.83 -5.91 -14.32
C THR A 35 4.40 -6.47 -14.51
N ARG A 36 3.50 -6.22 -13.52
CA ARG A 36 2.16 -6.84 -13.49
C ARG A 36 1.20 -6.06 -12.57
N THR A 37 0.05 -6.66 -12.29
CA THR A 37 -0.92 -6.22 -11.27
C THR A 37 -1.41 -7.46 -10.50
N MET A 38 -1.71 -7.31 -9.19
CA MET A 38 -2.16 -8.42 -8.30
C MET A 38 -3.18 -7.89 -7.29
N ASP A 39 -4.22 -8.68 -6.99
CA ASP A 39 -5.28 -8.31 -6.03
C ASP A 39 -5.41 -9.37 -4.94
N PHE A 40 -5.80 -8.92 -3.74
CA PHE A 40 -6.05 -9.76 -2.56
C PHE A 40 -7.37 -9.30 -1.92
N PRO A 41 -8.54 -9.91 -2.31
CA PRO A 41 -9.86 -9.54 -1.75
C PRO A 41 -10.04 -10.03 -0.30
N THR A 42 -9.18 -10.98 0.11
CA THR A 42 -9.20 -11.60 1.44
C THR A 42 -7.77 -11.59 2.05
N PRO A 43 -7.63 -11.54 3.42
CA PRO A 43 -6.32 -11.65 4.11
C PRO A 43 -5.61 -13.00 3.85
N ALA A 44 -6.39 -14.07 3.61
CA ALA A 44 -5.85 -15.44 3.42
C ALA A 44 -5.00 -15.55 2.14
N ALA A 45 -5.48 -14.91 1.05
CA ALA A 45 -4.78 -14.90 -0.25
C ALA A 45 -3.49 -14.04 -0.22
N ALA A 46 -3.42 -13.13 0.77
CA ALA A 46 -2.34 -12.11 0.88
C ALA A 46 -0.96 -12.68 1.24
N PHE A 47 -0.86 -14.00 1.51
CA PHE A 47 0.40 -14.68 1.88
C PHE A 47 1.46 -14.63 0.74
N ARG A 48 1.01 -14.29 -0.48
CA ARG A 48 1.91 -14.12 -1.65
C ARG A 48 2.80 -12.87 -1.51
N SER A 49 2.42 -11.93 -0.64
CA SER A 49 3.10 -10.63 -0.47
C SER A 49 3.19 -10.28 1.04
N PRO A 50 4.42 -9.94 1.57
CA PRO A 50 4.58 -9.55 2.99
C PRO A 50 3.86 -8.23 3.31
N LEU A 51 3.96 -7.24 2.39
CA LEU A 51 3.35 -5.92 2.57
C LEU A 51 1.82 -6.01 2.62
N ALA A 52 1.25 -6.93 1.80
CA ALA A 52 -0.19 -7.20 1.79
C ALA A 52 -0.65 -7.67 3.18
N ARG A 53 0.09 -8.65 3.74
CA ARG A 53 -0.15 -9.18 5.08
C ARG A 53 -0.09 -8.08 6.16
N GLN A 54 0.90 -7.17 6.01
CA GLN A 54 1.12 -6.04 6.95
C GLN A 54 -0.05 -5.02 6.88
N LEU A 55 -0.56 -4.78 5.67
CA LEU A 55 -1.70 -3.88 5.45
C LEU A 55 -3.01 -4.49 6.02
N PHE A 56 -3.13 -5.84 5.99
CA PHE A 56 -4.27 -6.57 6.59
C PHE A 56 -4.15 -6.68 8.13
N ARG A 57 -3.03 -6.20 8.70
CA ARG A 57 -2.87 -6.03 10.16
C ARG A 57 -3.48 -4.69 10.62
N ILE A 58 -3.75 -3.79 9.65
CA ILE A 58 -4.36 -2.48 9.90
C ILE A 58 -5.88 -2.66 9.93
N GLU A 59 -6.51 -2.30 11.06
CA GLU A 59 -7.97 -2.42 11.23
C GLU A 59 -8.68 -1.38 10.37
N GLY A 60 -9.48 -1.87 9.42
CA GLY A 60 -10.15 -1.04 8.43
C GLY A 60 -9.87 -1.51 7.00
N VAL A 61 -8.76 -2.23 6.80
CA VAL A 61 -8.35 -2.74 5.48
C VAL A 61 -9.03 -4.10 5.19
N LYS A 62 -9.92 -4.10 4.19
CA LYS A 62 -10.67 -5.28 3.76
C LYS A 62 -9.98 -5.97 2.57
N SER A 63 -9.29 -5.19 1.73
CA SER A 63 -8.61 -5.70 0.52
C SER A 63 -7.37 -4.86 0.19
N VAL A 64 -6.39 -5.49 -0.47
CA VAL A 64 -5.14 -4.85 -0.93
C VAL A 64 -4.92 -5.20 -2.42
N PHE A 65 -4.57 -4.19 -3.21
CA PHE A 65 -4.23 -4.32 -4.64
C PHE A 65 -2.87 -3.66 -4.89
N PHE A 66 -2.00 -4.32 -5.66
CA PHE A 66 -0.72 -3.77 -6.13
C PHE A 66 -0.77 -3.59 -7.66
N GLY A 67 -0.11 -2.53 -8.12
CA GLY A 67 -0.05 -2.14 -9.53
C GLY A 67 1.20 -1.33 -9.84
N PRO A 68 1.42 -0.91 -11.13
CA PRO A 68 2.63 -0.14 -11.51
C PRO A 68 2.75 1.20 -10.72
N ASP A 69 3.65 1.16 -9.70
CA ASP A 69 4.01 2.33 -8.84
C ASP A 69 2.85 2.75 -7.91
N SER A 70 1.85 1.87 -7.72
CA SER A 70 0.63 2.22 -6.99
C SER A 70 0.04 1.02 -6.23
N ILE A 71 -0.44 1.27 -4.99
CA ILE A 71 -1.13 0.31 -4.13
C ILE A 71 -2.55 0.85 -3.86
N THR A 72 -3.60 0.15 -4.32
CA THR A 72 -4.99 0.55 -4.08
C THR A 72 -5.55 -0.30 -2.92
N VAL A 73 -5.95 0.36 -1.82
CA VAL A 73 -6.49 -0.29 -0.61
C VAL A 73 -8.01 -0.11 -0.58
N THR A 74 -8.74 -1.12 -0.09
CA THR A 74 -10.20 -1.08 0.08
C THR A 74 -10.54 -1.13 1.58
N LYS A 75 -11.57 -0.37 1.99
CA LYS A 75 -12.03 -0.27 3.38
C LYS A 75 -13.07 -1.38 3.69
N GLU A 76 -13.27 -1.65 5.00
CA GLU A 76 -14.29 -2.61 5.49
C GLU A 76 -15.70 -2.12 5.12
N ASN A 77 -16.06 -0.94 5.64
CA ASN A 77 -17.39 -0.35 5.47
C ASN A 77 -17.25 1.11 5.01
N GLU A 78 -18.30 1.61 4.33
CA GLU A 78 -18.29 2.92 3.63
C GLU A 78 -18.09 4.12 4.61
N GLU A 79 -18.51 3.92 5.88
CA GLU A 79 -18.45 4.96 6.93
C GLU A 79 -16.99 5.23 7.34
N LEU A 80 -16.07 4.27 7.05
CA LEU A 80 -14.63 4.45 7.32
C LEU A 80 -14.06 5.55 6.44
N ASP A 81 -13.61 6.62 7.09
CA ASP A 81 -12.95 7.75 6.44
C ASP A 81 -11.48 7.41 6.25
N TRP A 82 -10.95 7.66 5.04
CA TRP A 82 -9.58 7.25 4.68
C TRP A 82 -8.51 7.92 5.53
N ASN A 83 -8.76 9.17 6.03
CA ASN A 83 -7.78 9.95 6.82
C ASN A 83 -7.37 9.20 8.11
N LEU A 84 -8.22 8.25 8.55
CA LEU A 84 -7.97 7.41 9.71
C LEU A 84 -6.91 6.31 9.37
N LEU A 85 -7.09 5.66 8.21
CA LEU A 85 -6.23 4.54 7.75
C LEU A 85 -4.90 5.04 7.15
N LYS A 86 -4.90 6.22 6.50
CA LYS A 86 -3.74 6.74 5.74
C LYS A 86 -2.42 6.82 6.56
N PRO A 87 -2.38 7.37 7.84
CA PRO A 87 -1.14 7.35 8.68
C PRO A 87 -0.59 5.92 8.89
N ASP A 88 -1.51 4.96 9.08
CA ASP A 88 -1.19 3.54 9.29
C ASP A 88 -0.56 2.94 8.02
N ILE A 89 -1.25 3.15 6.88
CA ILE A 89 -0.85 2.63 5.56
C ILE A 89 0.52 3.20 5.13
N TYR A 90 0.74 4.49 5.41
CA TYR A 90 2.01 5.18 5.06
C TYR A 90 3.16 4.66 5.93
N ALA A 91 2.91 4.51 7.24
CA ALA A 91 3.92 3.97 8.20
C ALA A 91 4.35 2.55 7.80
N THR A 92 3.36 1.74 7.39
CA THR A 92 3.56 0.35 6.94
C THR A 92 4.41 0.27 5.65
N ILE A 93 4.04 1.09 4.63
CA ILE A 93 4.72 1.12 3.32
C ILE A 93 6.19 1.58 3.47
N MET A 94 6.38 2.76 4.12
CA MET A 94 7.72 3.37 4.28
C MET A 94 8.65 2.46 5.11
N ASP A 95 8.11 1.83 6.17
CA ASP A 95 8.83 0.84 7.01
C ASP A 95 9.27 -0.38 6.19
N PHE A 96 8.33 -0.90 5.37
CA PHE A 96 8.54 -2.09 4.52
C PHE A 96 9.70 -1.88 3.52
N PHE A 97 9.75 -0.67 2.92
CA PHE A 97 10.80 -0.28 1.95
C PHE A 97 12.11 0.08 2.67
N ALA A 98 12.01 0.64 3.89
CA ALA A 98 13.18 0.94 4.74
C ALA A 98 13.83 -0.38 5.24
N SER A 99 13.01 -1.43 5.32
CA SER A 99 13.46 -2.79 5.63
C SER A 99 14.04 -3.45 4.37
N GLY A 100 13.43 -3.16 3.22
CA GLY A 100 13.88 -3.67 1.92
C GLY A 100 13.47 -5.11 1.66
N LEU A 101 12.28 -5.50 2.18
CA LEU A 101 11.68 -6.84 1.92
C LEU A 101 11.12 -6.88 0.47
N PRO A 102 11.11 -8.08 -0.21
CA PRO A 102 10.46 -8.24 -1.54
C PRO A 102 8.95 -7.96 -1.47
N LEU A 103 8.44 -7.13 -2.41
CA LEU A 103 7.03 -6.70 -2.46
C LEU A 103 6.09 -7.92 -2.55
N VAL A 104 6.43 -8.83 -3.46
CA VAL A 104 5.71 -10.10 -3.69
C VAL A 104 6.75 -11.23 -3.67
N THR A 105 6.63 -12.13 -2.70
CA THR A 105 7.58 -13.24 -2.50
C THR A 105 7.21 -14.47 -3.34
N GLU A 106 5.89 -14.75 -3.42
CA GLU A 106 5.37 -15.98 -4.05
C GLU A 106 4.34 -15.67 -5.14
N GLU A 107 4.08 -16.67 -5.99
CA GLU A 107 3.04 -16.63 -7.02
C GLU A 107 2.57 -18.08 -7.34
N MET A 1 17.67 4.75 -3.17
CA MET A 1 17.88 5.62 -4.35
C MET A 1 16.60 6.45 -4.62
N GLY A 2 16.64 7.28 -5.68
CA GLY A 2 15.44 7.97 -6.17
C GLY A 2 15.11 9.26 -5.46
N HIS A 3 15.86 9.61 -4.40
CA HIS A 3 15.71 10.90 -3.70
C HIS A 3 16.29 12.01 -4.61
N HIS A 4 15.41 12.50 -5.51
CA HIS A 4 15.75 13.45 -6.60
C HIS A 4 16.37 14.78 -6.11
N HIS A 5 16.09 15.16 -4.86
CA HIS A 5 16.53 16.44 -4.29
C HIS A 5 16.72 16.30 -2.77
N HIS A 6 17.85 16.82 -2.27
CA HIS A 6 18.12 16.96 -0.83
C HIS A 6 17.07 17.93 -0.22
N HIS A 7 16.20 17.36 0.62
CA HIS A 7 15.03 18.05 1.20
C HIS A 7 14.45 17.15 2.31
N HIS A 8 14.27 15.87 1.96
CA HIS A 8 13.79 14.82 2.86
C HIS A 8 14.31 13.48 2.31
N SER A 9 15.41 12.97 2.88
CA SER A 9 16.05 11.72 2.45
C SER A 9 15.31 10.51 3.06
N HIS A 10 14.06 10.35 2.63
CA HIS A 10 13.11 9.33 3.09
C HIS A 10 12.00 9.17 2.05
N MET A 11 11.27 8.07 2.16
CA MET A 11 10.15 7.75 1.29
C MET A 11 8.89 8.53 1.75
N PHE A 12 8.07 8.95 0.77
CA PHE A 12 6.76 9.57 1.01
C PHE A 12 5.74 8.99 0.00
N ILE A 13 4.45 9.05 0.37
CA ILE A 13 3.35 8.51 -0.46
C ILE A 13 2.39 9.64 -0.89
N GLN A 14 1.93 9.57 -2.14
CA GLN A 14 0.86 10.45 -2.68
C GLN A 14 -0.36 9.58 -3.01
N THR A 15 -1.57 10.17 -2.95
CA THR A 15 -2.83 9.43 -3.17
C THR A 15 -3.54 9.94 -4.43
N GLN A 16 -4.15 9.02 -5.19
CA GLN A 16 -4.96 9.34 -6.36
C GLN A 16 -6.38 8.86 -6.09
N ASP A 17 -7.37 9.74 -6.32
CA ASP A 17 -8.79 9.46 -6.07
C ASP A 17 -9.30 8.38 -7.03
N THR A 18 -10.31 7.64 -6.58
CA THR A 18 -10.90 6.52 -7.32
C THR A 18 -12.44 6.72 -7.39
N PRO A 19 -13.14 6.18 -8.44
CA PRO A 19 -14.62 6.34 -8.59
C PRO A 19 -15.41 5.63 -7.47
N ASN A 20 -14.78 4.64 -6.83
CA ASN A 20 -15.34 3.91 -5.68
C ASN A 20 -14.85 4.55 -4.36
N PRO A 21 -15.78 5.12 -3.51
CA PRO A 21 -15.42 5.66 -2.15
C PRO A 21 -14.78 4.60 -1.20
N ASN A 22 -15.12 3.31 -1.41
CA ASN A 22 -14.49 2.18 -0.66
C ASN A 22 -12.99 2.06 -0.98
N SER A 23 -12.59 2.46 -2.20
CA SER A 23 -11.20 2.35 -2.65
C SER A 23 -10.48 3.71 -2.59
N LEU A 24 -9.15 3.64 -2.47
CA LEU A 24 -8.24 4.79 -2.73
C LEU A 24 -6.90 4.24 -3.21
N LYS A 25 -6.33 4.86 -4.26
CA LYS A 25 -5.02 4.47 -4.78
C LYS A 25 -3.92 5.24 -4.01
N PHE A 26 -2.93 4.48 -3.53
CA PHE A 26 -1.74 5.00 -2.86
C PHE A 26 -0.54 4.74 -3.78
N ILE A 27 0.00 5.80 -4.41
CA ILE A 27 1.23 5.72 -5.21
C ILE A 27 2.41 5.84 -4.23
N PRO A 28 3.20 4.74 -3.99
CA PRO A 28 4.30 4.73 -2.98
C PRO A 28 5.51 5.60 -3.40
N GLY A 29 5.53 5.99 -4.69
CA GLY A 29 6.69 6.65 -5.28
C GLY A 29 7.81 5.68 -5.59
N LYS A 30 7.49 4.37 -5.54
CA LYS A 30 8.44 3.26 -5.71
C LYS A 30 7.77 2.09 -6.47
N PRO A 31 8.55 1.28 -7.26
CA PRO A 31 8.03 0.11 -8.00
C PRO A 31 7.48 -0.99 -7.06
N VAL A 32 6.28 -1.53 -7.38
CA VAL A 32 5.66 -2.61 -6.59
C VAL A 32 5.35 -3.83 -7.50
N LEU A 33 4.84 -3.57 -8.72
CA LEU A 33 4.36 -4.65 -9.62
C LEU A 33 4.32 -4.19 -11.08
N GLU A 34 5.49 -3.87 -11.64
CA GLU A 34 5.63 -3.62 -13.09
C GLU A 34 5.36 -4.90 -13.91
N THR A 35 5.79 -6.05 -13.34
CA THR A 35 5.75 -7.36 -14.02
C THR A 35 4.31 -7.86 -14.24
N ARG A 36 3.47 -7.77 -13.20
CA ARG A 36 2.11 -8.34 -13.20
C ARG A 36 1.16 -7.49 -12.34
N THR A 37 -0.12 -7.84 -12.35
CA THR A 37 -1.12 -7.31 -11.40
C THR A 37 -1.61 -8.44 -10.50
N MET A 38 -1.96 -8.10 -9.24
CA MET A 38 -2.47 -9.06 -8.24
C MET A 38 -3.48 -8.34 -7.35
N ASP A 39 -4.54 -9.05 -6.97
CA ASP A 39 -5.53 -8.56 -6.00
C ASP A 39 -5.65 -9.60 -4.90
N PHE A 40 -5.86 -9.12 -3.69
CA PHE A 40 -5.96 -9.93 -2.49
C PHE A 40 -7.36 -9.68 -1.91
N PRO A 41 -8.36 -10.54 -2.30
CA PRO A 41 -9.76 -10.41 -1.78
C PRO A 41 -9.86 -10.70 -0.28
N THR A 42 -8.94 -11.56 0.21
CA THR A 42 -8.92 -12.07 1.59
C THR A 42 -7.50 -11.91 2.20
N PRO A 43 -7.40 -11.79 3.58
CA PRO A 43 -6.08 -11.78 4.30
C PRO A 43 -5.18 -13.01 4.01
N ALA A 44 -5.83 -14.17 3.73
CA ALA A 44 -5.14 -15.42 3.39
C ALA A 44 -4.43 -15.30 2.03
N ALA A 45 -5.16 -14.74 1.04
CA ALA A 45 -4.66 -14.50 -0.33
C ALA A 45 -3.43 -13.55 -0.36
N ALA A 46 -3.28 -12.72 0.69
CA ALA A 46 -2.20 -11.73 0.83
C ALA A 46 -0.79 -12.34 1.05
N PHE A 47 -0.71 -13.70 1.17
CA PHE A 47 0.57 -14.44 1.39
C PHE A 47 1.64 -14.14 0.32
N ARG A 48 1.19 -13.67 -0.86
CA ARG A 48 2.07 -13.41 -2.02
C ARG A 48 3.04 -12.24 -1.73
N SER A 49 2.48 -11.14 -1.23
CA SER A 49 3.23 -9.91 -0.95
C SER A 49 3.20 -9.63 0.58
N PRO A 50 4.39 -9.59 1.28
CA PRO A 50 4.45 -9.31 2.75
C PRO A 50 3.83 -7.96 3.13
N LEU A 51 3.95 -6.95 2.23
CA LEU A 51 3.35 -5.62 2.44
C LEU A 51 1.82 -5.73 2.43
N ALA A 52 1.27 -6.62 1.57
CA ALA A 52 -0.18 -6.87 1.47
C ALA A 52 -0.72 -7.40 2.80
N ARG A 53 0.02 -8.36 3.41
CA ARG A 53 -0.29 -8.91 4.75
C ARG A 53 -0.37 -7.79 5.80
N GLN A 54 0.63 -6.88 5.76
CA GLN A 54 0.75 -5.75 6.71
C GLN A 54 -0.38 -4.71 6.51
N LEU A 55 -0.86 -4.59 5.25
CA LEU A 55 -1.98 -3.70 4.90
C LEU A 55 -3.32 -4.30 5.35
N PHE A 56 -3.40 -5.64 5.43
CA PHE A 56 -4.56 -6.34 6.03
C PHE A 56 -4.54 -6.27 7.57
N ARG A 57 -3.35 -5.99 8.15
CA ARG A 57 -3.21 -5.75 9.60
C ARG A 57 -3.79 -4.36 9.98
N ILE A 58 -3.98 -3.48 8.98
CA ILE A 58 -4.59 -2.16 9.19
C ILE A 58 -6.10 -2.35 9.38
N GLU A 59 -6.59 -1.94 10.56
CA GLU A 59 -8.00 -2.06 10.94
C GLU A 59 -8.88 -1.26 9.96
N GLY A 60 -9.75 -1.98 9.25
CA GLY A 60 -10.70 -1.37 8.32
C GLY A 60 -10.43 -1.72 6.88
N VAL A 61 -9.47 -2.64 6.61
CA VAL A 61 -9.14 -3.10 5.24
C VAL A 61 -9.85 -4.44 4.91
N LYS A 62 -10.63 -4.43 3.82
CA LYS A 62 -11.34 -5.62 3.29
C LYS A 62 -10.46 -6.36 2.28
N SER A 63 -9.82 -5.60 1.40
CA SER A 63 -9.12 -6.11 0.23
C SER A 63 -8.04 -5.10 -0.19
N VAL A 64 -6.96 -5.60 -0.79
CA VAL A 64 -5.86 -4.76 -1.32
C VAL A 64 -5.56 -5.17 -2.75
N PHE A 65 -5.31 -4.19 -3.62
CA PHE A 65 -4.98 -4.42 -5.03
C PHE A 65 -3.58 -3.83 -5.30
N PHE A 66 -2.65 -4.70 -5.69
CA PHE A 66 -1.32 -4.30 -6.15
C PHE A 66 -1.35 -4.22 -7.69
N GLY A 67 -1.24 -2.99 -8.18
CA GLY A 67 -1.26 -2.66 -9.60
C GLY A 67 0.12 -2.23 -10.08
N PRO A 68 0.31 -1.90 -11.41
CA PRO A 68 1.61 -1.48 -11.96
C PRO A 68 2.22 -0.27 -11.21
N ASP A 69 3.06 -0.61 -10.20
CA ASP A 69 3.87 0.34 -9.39
C ASP A 69 3.01 1.35 -8.59
N SER A 70 1.80 0.89 -8.22
CA SER A 70 0.83 1.65 -7.42
C SER A 70 -0.09 0.66 -6.68
N ILE A 71 -0.60 1.02 -5.50
CA ILE A 71 -1.34 0.10 -4.62
C ILE A 71 -2.69 0.72 -4.22
N THR A 72 -3.79 0.21 -4.79
CA THR A 72 -5.14 0.67 -4.46
C THR A 72 -5.69 -0.21 -3.32
N VAL A 73 -5.91 0.39 -2.14
CA VAL A 73 -6.38 -0.31 -0.94
C VAL A 73 -7.90 -0.09 -0.85
N THR A 74 -8.64 -1.10 -0.38
CA THR A 74 -10.10 -1.04 -0.25
C THR A 74 -10.49 -1.31 1.21
N LYS A 75 -11.33 -0.42 1.76
CA LYS A 75 -11.87 -0.52 3.13
C LYS A 75 -13.03 -1.53 3.16
N GLU A 76 -13.49 -1.86 4.38
CA GLU A 76 -14.62 -2.79 4.59
C GLU A 76 -15.95 -2.12 4.24
N ASN A 77 -16.27 -1.06 4.96
CA ASN A 77 -17.54 -0.32 4.86
C ASN A 77 -17.25 1.17 4.71
N GLU A 78 -18.15 1.92 4.03
CA GLU A 78 -17.91 3.35 3.68
C GLU A 78 -18.06 4.30 4.90
N GLU A 79 -18.37 3.73 6.08
CA GLU A 79 -18.37 4.47 7.36
C GLU A 79 -16.92 4.74 7.81
N LEU A 80 -15.98 3.92 7.31
CA LEU A 80 -14.55 4.08 7.54
C LEU A 80 -14.04 5.22 6.66
N ASP A 81 -13.56 6.27 7.30
CA ASP A 81 -12.99 7.43 6.59
C ASP A 81 -11.50 7.18 6.30
N TRP A 82 -11.06 7.49 5.07
CA TRP A 82 -9.68 7.18 4.60
C TRP A 82 -8.60 7.88 5.44
N ASN A 83 -8.90 9.09 5.97
CA ASN A 83 -7.94 9.89 6.78
C ASN A 83 -7.53 9.15 8.07
N LEU A 84 -8.37 8.21 8.52
CA LEU A 84 -8.10 7.37 9.72
C LEU A 84 -7.01 6.32 9.38
N LEU A 85 -7.16 5.66 8.22
CA LEU A 85 -6.26 4.60 7.76
C LEU A 85 -4.94 5.16 7.19
N LYS A 86 -5.01 6.35 6.53
CA LYS A 86 -3.86 6.98 5.81
C LYS A 86 -2.53 7.01 6.62
N PRO A 87 -2.45 7.65 7.86
CA PRO A 87 -1.16 7.79 8.58
C PRO A 87 -0.54 6.41 8.95
N ASP A 88 -1.42 5.41 9.21
CA ASP A 88 -1.01 4.06 9.58
C ASP A 88 -0.51 3.28 8.35
N ILE A 89 -1.26 3.38 7.22
CA ILE A 89 -0.90 2.76 5.91
C ILE A 89 0.42 3.38 5.38
N TYR A 90 0.58 4.70 5.61
CA TYR A 90 1.80 5.45 5.25
C TYR A 90 3.00 4.91 6.04
N ALA A 91 2.85 4.82 7.36
CA ALA A 91 3.91 4.34 8.27
C ALA A 91 4.35 2.91 7.89
N THR A 92 3.36 2.06 7.56
CA THR A 92 3.57 0.65 7.16
C THR A 92 4.40 0.53 5.85
N ILE A 93 3.93 1.23 4.78
CA ILE A 93 4.53 1.13 3.43
C ILE A 93 5.93 1.80 3.38
N MET A 94 6.05 3.02 3.96
CA MET A 94 7.33 3.76 4.01
C MET A 94 8.41 2.96 4.78
N ASP A 95 7.99 2.34 5.91
CA ASP A 95 8.87 1.47 6.73
C ASP A 95 9.34 0.23 5.93
N PHE A 96 8.40 -0.38 5.18
CA PHE A 96 8.62 -1.62 4.41
C PHE A 96 9.76 -1.43 3.39
N PHE A 97 9.65 -0.36 2.60
CA PHE A 97 10.65 -0.02 1.56
C PHE A 97 11.94 0.55 2.17
N ALA A 98 11.84 1.17 3.36
CA ALA A 98 13.01 1.64 4.12
C ALA A 98 13.84 0.45 4.63
N SER A 99 13.12 -0.65 4.96
CA SER A 99 13.74 -1.92 5.38
C SER A 99 14.28 -2.67 4.15
N GLY A 100 13.69 -2.35 2.98
CA GLY A 100 14.08 -2.96 1.71
C GLY A 100 13.64 -4.40 1.59
N LEU A 101 12.51 -4.73 2.25
CA LEU A 101 11.92 -6.08 2.23
C LEU A 101 11.37 -6.38 0.83
N PRO A 102 11.60 -7.62 0.28
CA PRO A 102 10.99 -8.07 -1.00
C PRO A 102 9.48 -7.80 -1.07
N LEU A 103 9.07 -6.94 -2.02
CA LEU A 103 7.67 -6.55 -2.21
C LEU A 103 6.83 -7.79 -2.54
N VAL A 104 7.36 -8.64 -3.42
CA VAL A 104 6.70 -9.85 -3.91
C VAL A 104 7.67 -11.02 -3.73
N THR A 105 7.36 -11.91 -2.79
CA THR A 105 8.11 -13.16 -2.55
C THR A 105 7.45 -14.30 -3.35
N GLU A 106 6.13 -14.41 -3.19
CA GLU A 106 5.27 -15.38 -3.92
C GLU A 106 4.36 -14.61 -4.89
N GLU A 107 3.84 -15.30 -5.92
CA GLU A 107 2.92 -14.69 -6.89
C GLU A 107 1.94 -15.77 -7.45
N MET A 1 33.54 17.36 6.40
CA MET A 1 33.09 16.67 7.62
C MET A 1 32.14 17.58 8.41
N GLY A 2 30.92 17.08 8.68
CA GLY A 2 29.91 17.85 9.43
C GLY A 2 28.61 18.02 8.66
N HIS A 3 28.68 17.85 7.32
CA HIS A 3 27.50 17.91 6.43
C HIS A 3 26.54 16.76 6.80
N HIS A 4 25.33 17.11 7.30
CA HIS A 4 24.47 16.20 8.10
C HIS A 4 24.20 14.83 7.42
N HIS A 5 23.92 14.84 6.09
CA HIS A 5 23.71 13.61 5.27
C HIS A 5 22.81 12.57 5.99
N HIS A 6 21.54 12.95 6.18
CA HIS A 6 20.56 12.12 6.87
C HIS A 6 19.36 11.91 5.94
N HIS A 7 19.37 10.78 5.23
CA HIS A 7 18.29 10.37 4.33
C HIS A 7 16.98 10.15 5.12
N HIS A 8 16.04 11.11 4.98
CA HIS A 8 14.69 10.99 5.54
C HIS A 8 13.95 9.88 4.79
N SER A 9 13.85 8.70 5.40
CA SER A 9 13.22 7.52 4.79
C SER A 9 11.69 7.59 5.00
N HIS A 10 11.10 8.61 4.36
CA HIS A 10 9.65 8.84 4.32
C HIS A 10 9.27 9.06 2.86
N MET A 11 8.95 7.96 2.19
CA MET A 11 8.56 7.94 0.77
C MET A 11 7.28 8.76 0.58
N PHE A 12 7.36 9.77 -0.30
CA PHE A 12 6.28 10.72 -0.55
C PHE A 12 5.16 10.05 -1.37
N ILE A 13 4.14 9.56 -0.65
CA ILE A 13 3.05 8.76 -1.24
C ILE A 13 1.87 9.70 -1.55
N GLN A 14 1.50 9.78 -2.83
CA GLN A 14 0.43 10.66 -3.31
C GLN A 14 -0.87 9.85 -3.42
N THR A 15 -2.00 10.45 -3.01
CA THR A 15 -3.31 9.79 -3.07
C THR A 15 -4.08 10.28 -4.30
N GLN A 16 -4.67 9.32 -5.00
CA GLN A 16 -5.48 9.54 -6.21
C GLN A 16 -6.84 8.88 -5.95
N ASP A 17 -7.93 9.63 -6.14
CA ASP A 17 -9.28 9.09 -6.01
C ASP A 17 -9.63 8.22 -7.22
N THR A 18 -10.61 7.36 -7.02
CA THR A 18 -11.05 6.37 -8.00
C THR A 18 -12.61 6.44 -8.12
N PRO A 19 -13.24 5.92 -9.22
CA PRO A 19 -14.72 5.94 -9.41
C PRO A 19 -15.53 5.41 -8.21
N ASN A 20 -14.93 4.46 -7.46
CA ASN A 20 -15.48 3.93 -6.21
C ASN A 20 -14.72 4.54 -5.01
N PRO A 21 -15.38 5.40 -4.14
CA PRO A 21 -14.73 5.99 -2.92
C PRO A 21 -14.38 4.94 -1.84
N ASN A 22 -14.87 3.70 -2.04
CA ASN A 22 -14.54 2.54 -1.20
C ASN A 22 -13.09 2.10 -1.41
N SER A 23 -12.50 2.50 -2.55
CA SER A 23 -11.09 2.25 -2.88
C SER A 23 -10.36 3.59 -3.05
N LEU A 24 -9.11 3.67 -2.58
CA LEU A 24 -8.24 4.84 -2.77
C LEU A 24 -6.88 4.35 -3.24
N LYS A 25 -6.33 5.01 -4.27
CA LYS A 25 -5.05 4.62 -4.86
C LYS A 25 -3.90 5.43 -4.24
N PHE A 26 -2.92 4.71 -3.69
CA PHE A 26 -1.72 5.27 -3.02
C PHE A 26 -0.49 4.98 -3.91
N ILE A 27 -0.01 5.98 -4.64
CA ILE A 27 1.20 5.85 -5.47
C ILE A 27 2.43 6.11 -4.57
N PRO A 28 3.27 5.08 -4.25
CA PRO A 28 4.44 5.26 -3.34
C PRO A 28 5.68 5.85 -4.05
N GLY A 29 5.52 6.16 -5.34
CA GLY A 29 6.61 6.68 -6.17
C GLY A 29 7.29 5.57 -6.95
N LYS A 30 7.71 4.51 -6.23
CA LYS A 30 8.35 3.33 -6.84
C LYS A 30 7.29 2.39 -7.50
N PRO A 31 7.60 1.81 -8.70
CA PRO A 31 6.75 0.76 -9.31
C PRO A 31 6.77 -0.54 -8.47
N VAL A 32 5.73 -0.73 -7.65
CA VAL A 32 5.58 -1.93 -6.81
C VAL A 32 5.35 -3.19 -7.67
N LEU A 33 4.45 -3.09 -8.69
CA LEU A 33 4.22 -4.14 -9.69
C LEU A 33 4.05 -3.52 -11.10
N GLU A 34 5.17 -3.13 -11.73
CA GLU A 34 5.18 -2.68 -13.14
C GLU A 34 5.00 -3.88 -14.08
N THR A 35 5.48 -5.05 -13.62
CA THR A 35 5.54 -6.29 -14.40
C THR A 35 4.19 -7.03 -14.44
N ARG A 36 3.33 -6.78 -13.43
CA ARG A 36 2.12 -7.60 -13.17
C ARG A 36 1.11 -6.84 -12.29
N THR A 37 0.05 -7.54 -11.86
CA THR A 37 -0.92 -7.08 -10.85
C THR A 37 -1.23 -8.23 -9.87
N MET A 38 -1.59 -7.88 -8.63
CA MET A 38 -2.03 -8.85 -7.59
C MET A 38 -3.15 -8.19 -6.75
N ASP A 39 -4.22 -8.95 -6.49
CA ASP A 39 -5.37 -8.50 -5.68
C ASP A 39 -5.61 -9.53 -4.56
N PHE A 40 -5.91 -9.02 -3.37
CA PHE A 40 -6.04 -9.81 -2.13
C PHE A 40 -7.40 -9.49 -1.49
N PRO A 41 -8.46 -10.30 -1.76
CA PRO A 41 -9.79 -10.12 -1.13
C PRO A 41 -9.82 -10.60 0.34
N THR A 42 -8.82 -11.42 0.73
CA THR A 42 -8.70 -12.00 2.08
C THR A 42 -7.25 -11.80 2.63
N PRO A 43 -7.05 -11.73 3.99
CA PRO A 43 -5.70 -11.71 4.61
C PRO A 43 -4.89 -13.00 4.35
N ALA A 44 -5.61 -14.09 4.02
CA ALA A 44 -4.99 -15.38 3.64
C ALA A 44 -4.29 -15.26 2.28
N ALA A 45 -5.04 -14.71 1.29
CA ALA A 45 -4.55 -14.47 -0.10
C ALA A 45 -3.33 -13.55 -0.14
N ALA A 46 -3.18 -12.72 0.90
CA ALA A 46 -2.07 -11.76 1.07
C ALA A 46 -0.69 -12.42 1.29
N PHE A 47 -0.63 -13.78 1.31
CA PHE A 47 0.63 -14.57 1.46
C PHE A 47 1.70 -14.19 0.40
N ARG A 48 1.23 -13.70 -0.76
CA ARG A 48 2.10 -13.37 -1.91
C ARG A 48 3.10 -12.24 -1.62
N SER A 49 2.75 -11.37 -0.65
CA SER A 49 3.52 -10.18 -0.33
C SER A 49 3.51 -9.95 1.20
N PRO A 50 4.70 -9.65 1.83
CA PRO A 50 4.77 -9.25 3.25
C PRO A 50 4.00 -7.94 3.49
N LEU A 51 4.10 -7.01 2.49
CA LEU A 51 3.47 -5.68 2.54
C LEU A 51 1.94 -5.82 2.55
N ALA A 52 1.42 -6.79 1.78
CA ALA A 52 -0.02 -7.06 1.67
C ALA A 52 -0.62 -7.43 3.04
N ARG A 53 0.05 -8.38 3.73
CA ARG A 53 -0.35 -8.82 5.08
C ARG A 53 -0.25 -7.69 6.12
N GLN A 54 0.77 -6.82 5.97
CA GLN A 54 1.00 -5.67 6.86
C GLN A 54 -0.08 -4.57 6.66
N LEU A 55 -0.59 -4.46 5.42
CA LEU A 55 -1.71 -3.55 5.10
C LEU A 55 -3.04 -4.10 5.68
N PHE A 56 -3.15 -5.44 5.78
CA PHE A 56 -4.29 -6.10 6.49
C PHE A 56 -4.16 -5.98 8.03
N ARG A 57 -2.95 -5.69 8.53
CA ARG A 57 -2.74 -5.38 9.98
C ARG A 57 -3.36 -4.02 10.36
N ILE A 58 -3.71 -3.22 9.34
CA ILE A 58 -4.39 -1.93 9.49
C ILE A 58 -5.91 -2.16 9.51
N GLU A 59 -6.59 -1.69 10.56
CA GLU A 59 -8.04 -1.78 10.68
C GLU A 59 -8.71 -0.91 9.61
N GLY A 60 -9.77 -1.44 9.00
CA GLY A 60 -10.50 -0.76 7.95
C GLY A 60 -10.24 -1.36 6.58
N VAL A 61 -9.12 -2.10 6.43
CA VAL A 61 -8.73 -2.69 5.14
C VAL A 61 -9.50 -3.99 4.88
N LYS A 62 -10.29 -3.97 3.80
CA LYS A 62 -11.01 -5.15 3.26
C LYS A 62 -10.12 -5.93 2.30
N SER A 63 -9.41 -5.18 1.45
CA SER A 63 -8.66 -5.74 0.32
C SER A 63 -7.48 -4.84 -0.03
N VAL A 64 -6.46 -5.48 -0.62
CA VAL A 64 -5.23 -4.79 -1.09
C VAL A 64 -5.01 -5.15 -2.56
N PHE A 65 -4.70 -4.14 -3.37
CA PHE A 65 -4.39 -4.32 -4.80
C PHE A 65 -3.06 -3.63 -5.09
N PHE A 66 -2.06 -4.42 -5.51
CA PHE A 66 -0.81 -3.89 -6.04
C PHE A 66 -0.91 -3.86 -7.57
N GLY A 67 -0.73 -2.66 -8.12
CA GLY A 67 -0.84 -2.40 -9.54
C GLY A 67 0.40 -1.68 -10.08
N PRO A 68 0.46 -1.42 -11.42
CA PRO A 68 1.56 -0.65 -12.05
C PRO A 68 1.75 0.75 -11.42
N ASP A 69 2.88 0.90 -10.69
CA ASP A 69 3.34 2.16 -10.07
C ASP A 69 2.48 2.62 -8.88
N SER A 70 1.52 1.79 -8.44
CA SER A 70 0.50 2.21 -7.46
C SER A 70 0.01 1.04 -6.58
N ILE A 71 -0.55 1.40 -5.40
CA ILE A 71 -1.15 0.44 -4.44
C ILE A 71 -2.57 0.95 -4.12
N THR A 72 -3.61 0.32 -4.67
CA THR A 72 -4.99 0.71 -4.39
C THR A 72 -5.52 -0.17 -3.24
N VAL A 73 -5.87 0.47 -2.10
CA VAL A 73 -6.41 -0.22 -0.92
C VAL A 73 -7.94 -0.01 -0.92
N THR A 74 -8.70 -1.02 -0.51
CA THR A 74 -10.16 -0.93 -0.39
C THR A 74 -10.55 -1.06 1.09
N LYS A 75 -11.43 -0.16 1.56
CA LYS A 75 -11.99 -0.18 2.92
C LYS A 75 -13.08 -1.25 3.02
N GLU A 76 -13.52 -1.56 4.25
CA GLU A 76 -14.57 -2.57 4.49
C GLU A 76 -15.94 -2.05 4.07
N ASN A 77 -16.30 -0.90 4.63
CA ASN A 77 -17.60 -0.25 4.41
C ASN A 77 -17.45 1.27 4.58
N GLU A 78 -18.46 2.02 4.09
CA GLU A 78 -18.45 3.50 4.03
C GLU A 78 -18.56 4.15 5.42
N GLU A 79 -18.80 3.32 6.45
CA GLU A 79 -18.72 3.72 7.87
C GLU A 79 -17.31 4.29 8.18
N LEU A 80 -16.31 3.65 7.57
CA LEU A 80 -14.89 3.92 7.76
C LEU A 80 -14.41 4.97 6.77
N ASP A 81 -13.85 6.05 7.28
CA ASP A 81 -13.24 7.12 6.45
C ASP A 81 -11.73 6.84 6.25
N TRP A 82 -11.15 7.36 5.16
CA TRP A 82 -9.73 7.12 4.81
C TRP A 82 -8.74 7.80 5.77
N ASN A 83 -9.17 8.85 6.50
CA ASN A 83 -8.30 9.56 7.50
C ASN A 83 -7.80 8.60 8.60
N LEU A 84 -8.57 7.54 8.86
CA LEU A 84 -8.27 6.56 9.91
C LEU A 84 -7.09 5.68 9.47
N LEU A 85 -7.11 5.28 8.18
CA LEU A 85 -6.16 4.31 7.59
C LEU A 85 -4.88 5.00 7.08
N LYS A 86 -5.01 6.20 6.46
CA LYS A 86 -3.89 6.92 5.77
C LYS A 86 -2.54 6.94 6.55
N PRO A 87 -2.46 7.41 7.86
CA PRO A 87 -1.18 7.45 8.63
C PRO A 87 -0.57 6.04 8.80
N ASP A 88 -1.46 5.05 8.97
CA ASP A 88 -1.10 3.64 9.13
C ASP A 88 -0.53 3.07 7.81
N ILE A 89 -1.20 3.41 6.68
CA ILE A 89 -0.85 2.90 5.33
C ILE A 89 0.52 3.46 4.89
N TYR A 90 0.76 4.77 5.14
CA TYR A 90 2.04 5.42 4.80
C TYR A 90 3.17 4.79 5.64
N ALA A 91 2.92 4.66 6.96
CA ALA A 91 3.89 4.07 7.91
C ALA A 91 4.27 2.63 7.51
N THR A 92 3.26 1.82 7.16
CA THR A 92 3.42 0.40 6.78
C THR A 92 4.24 0.21 5.47
N ILE A 93 3.88 1.00 4.43
CA ILE A 93 4.57 0.95 3.12
C ILE A 93 6.05 1.34 3.29
N MET A 94 6.30 2.49 3.94
CA MET A 94 7.66 3.02 4.16
C MET A 94 8.50 2.04 5.01
N ASP A 95 7.88 1.47 6.06
CA ASP A 95 8.52 0.51 6.99
C ASP A 95 8.95 -0.79 6.29
N PHE A 96 8.11 -1.23 5.33
CA PHE A 96 8.39 -2.40 4.47
C PHE A 96 9.67 -2.16 3.63
N PHE A 97 9.78 -0.95 3.05
CA PHE A 97 10.96 -0.54 2.27
C PHE A 97 12.18 -0.30 3.20
N ALA A 98 11.91 0.11 4.46
CA ALA A 98 12.95 0.32 5.50
C ALA A 98 13.52 -1.02 6.01
N SER A 99 12.68 -2.06 5.99
CA SER A 99 13.08 -3.43 6.34
C SER A 99 13.90 -4.05 5.19
N GLY A 100 13.62 -3.58 3.96
CA GLY A 100 14.34 -4.02 2.78
C GLY A 100 13.93 -5.41 2.32
N LEU A 101 12.60 -5.61 2.25
CA LEU A 101 12.00 -6.89 1.84
C LEU A 101 11.54 -6.81 0.37
N PRO A 102 11.67 -7.93 -0.42
CA PRO A 102 11.12 -7.99 -1.81
C PRO A 102 9.58 -7.89 -1.80
N LEU A 103 9.01 -7.19 -2.80
CA LEU A 103 7.55 -6.94 -2.90
C LEU A 103 6.80 -8.28 -2.97
N VAL A 104 7.24 -9.19 -3.85
CA VAL A 104 6.58 -10.51 -4.04
C VAL A 104 7.53 -11.62 -3.55
N THR A 105 7.13 -12.32 -2.49
CA THR A 105 7.89 -13.43 -1.91
C THR A 105 7.32 -14.79 -2.37
N GLU A 106 6.00 -14.84 -2.69
CA GLU A 106 5.33 -16.10 -3.06
C GLU A 106 4.15 -15.83 -4.02
N GLU A 107 3.60 -16.91 -4.63
CA GLU A 107 2.38 -16.87 -5.45
C GLU A 107 1.81 -18.32 -5.61
N MET A 1 28.62 9.06 -12.47
CA MET A 1 28.34 10.49 -12.71
C MET A 1 27.10 10.95 -11.92
N GLY A 2 26.06 10.07 -11.86
CA GLY A 2 24.80 10.39 -11.18
C GLY A 2 23.94 11.36 -11.98
N HIS A 3 23.12 10.81 -12.91
CA HIS A 3 22.23 11.61 -13.77
C HIS A 3 21.14 12.33 -12.95
N HIS A 4 20.57 11.64 -11.95
CA HIS A 4 19.54 12.24 -11.07
C HIS A 4 20.20 12.99 -9.88
N HIS A 5 21.40 12.48 -9.46
CA HIS A 5 22.25 13.04 -8.36
C HIS A 5 21.42 13.58 -7.18
N HIS A 6 20.61 12.68 -6.59
CA HIS A 6 19.61 13.03 -5.58
C HIS A 6 19.25 11.80 -4.74
N HIS A 7 19.47 11.89 -3.42
CA HIS A 7 18.95 10.90 -2.49
C HIS A 7 17.41 10.98 -2.48
N HIS A 8 16.75 9.83 -2.79
CA HIS A 8 15.28 9.74 -2.90
C HIS A 8 14.57 10.23 -1.61
N SER A 9 13.38 10.81 -1.79
CA SER A 9 12.51 11.23 -0.68
C SER A 9 12.13 10.03 0.20
N HIS A 10 11.89 10.29 1.50
CA HIS A 10 11.60 9.24 2.50
C HIS A 10 10.18 8.65 2.28
N MET A 11 10.08 7.80 1.23
CA MET A 11 8.83 7.22 0.69
C MET A 11 7.71 8.27 0.52
N PHE A 12 7.80 9.04 -0.59
CA PHE A 12 6.79 10.04 -0.97
C PHE A 12 5.55 9.31 -1.51
N ILE A 13 4.39 9.50 -0.86
CA ILE A 13 3.14 8.76 -1.17
C ILE A 13 2.03 9.76 -1.49
N GLN A 14 1.50 9.71 -2.72
CA GLN A 14 0.38 10.57 -3.16
C GLN A 14 -0.90 9.73 -3.29
N THR A 15 -2.05 10.35 -2.99
CA THR A 15 -3.36 9.71 -3.07
C THR A 15 -4.04 10.13 -4.39
N GLN A 16 -4.27 9.15 -5.27
CA GLN A 16 -4.84 9.35 -6.61
C GLN A 16 -6.35 9.07 -6.55
N ASP A 17 -7.12 9.97 -7.17
CA ASP A 17 -8.59 9.90 -7.21
C ASP A 17 -9.07 8.60 -7.89
N THR A 18 -9.95 7.86 -7.19
CA THR A 18 -10.52 6.57 -7.66
C THR A 18 -12.07 6.70 -7.66
N PRO A 19 -12.79 6.14 -8.70
CA PRO A 19 -14.26 6.35 -8.87
C PRO A 19 -15.10 5.86 -7.66
N ASN A 20 -14.63 4.80 -6.99
CA ASN A 20 -15.30 4.21 -5.81
C ASN A 20 -14.78 4.88 -4.52
N PRO A 21 -15.69 5.37 -3.59
CA PRO A 21 -15.29 5.87 -2.24
C PRO A 21 -14.61 4.78 -1.37
N ASN A 22 -15.01 3.50 -1.57
CA ASN A 22 -14.42 2.35 -0.85
C ASN A 22 -12.96 2.12 -1.29
N SER A 23 -12.65 2.50 -2.53
CA SER A 23 -11.31 2.35 -3.11
C SER A 23 -10.54 3.68 -2.98
N LEU A 24 -9.22 3.60 -2.76
CA LEU A 24 -8.31 4.76 -2.93
C LEU A 24 -6.91 4.24 -3.28
N LYS A 25 -6.25 4.93 -4.22
CA LYS A 25 -4.93 4.53 -4.74
C LYS A 25 -3.82 5.34 -4.04
N PHE A 26 -2.82 4.63 -3.52
CA PHE A 26 -1.65 5.22 -2.82
C PHE A 26 -0.38 4.90 -3.62
N ILE A 27 0.10 5.88 -4.40
CA ILE A 27 1.36 5.75 -5.19
C ILE A 27 2.54 5.99 -4.23
N PRO A 28 3.36 4.95 -3.87
CA PRO A 28 4.52 5.12 -2.98
C PRO A 28 5.78 5.60 -3.73
N GLY A 29 5.64 5.81 -5.06
CA GLY A 29 6.76 6.17 -5.93
C GLY A 29 7.46 4.96 -6.50
N LYS A 30 7.68 3.94 -5.66
CA LYS A 30 8.34 2.69 -6.05
C LYS A 30 7.41 1.80 -6.92
N PRO A 31 7.92 1.23 -8.06
CA PRO A 31 7.15 0.28 -8.89
C PRO A 31 6.92 -1.06 -8.16
N VAL A 32 5.77 -1.13 -7.44
CA VAL A 32 5.44 -2.32 -6.63
C VAL A 32 5.13 -3.53 -7.54
N LEU A 33 4.44 -3.27 -8.67
CA LEU A 33 4.23 -4.26 -9.74
C LEU A 33 4.17 -3.52 -11.09
N GLU A 34 5.34 -3.16 -11.61
CA GLU A 34 5.48 -2.58 -12.98
C GLU A 34 5.48 -3.72 -14.03
N THR A 35 5.55 -4.98 -13.58
CA THR A 35 5.50 -6.16 -14.47
C THR A 35 4.05 -6.68 -14.65
N ARG A 36 3.15 -6.42 -13.65
CA ARG A 36 1.77 -6.98 -13.65
C ARG A 36 0.86 -6.27 -12.64
N THR A 37 -0.30 -6.89 -12.35
CA THR A 37 -1.20 -6.52 -11.25
C THR A 37 -1.58 -7.79 -10.44
N MET A 38 -1.77 -7.65 -9.11
CA MET A 38 -2.11 -8.77 -8.21
C MET A 38 -3.10 -8.30 -7.13
N ASP A 39 -4.23 -9.00 -7.02
CA ASP A 39 -5.31 -8.69 -6.05
C ASP A 39 -5.26 -9.68 -4.88
N PHE A 40 -5.57 -9.18 -3.69
CA PHE A 40 -5.66 -9.97 -2.45
C PHE A 40 -6.99 -9.63 -1.76
N PRO A 41 -8.09 -10.40 -2.07
CA PRO A 41 -9.42 -10.14 -1.49
C PRO A 41 -9.55 -10.58 -0.01
N THR A 42 -8.67 -11.50 0.42
CA THR A 42 -8.67 -12.08 1.78
C THR A 42 -7.25 -12.01 2.42
N PRO A 43 -7.15 -11.89 3.79
CA PRO A 43 -5.85 -11.86 4.52
C PRO A 43 -5.00 -13.13 4.33
N ALA A 44 -5.69 -14.28 4.21
CA ALA A 44 -5.04 -15.59 4.08
C ALA A 44 -4.58 -15.88 2.64
N ALA A 45 -5.03 -15.05 1.66
CA ALA A 45 -4.55 -15.10 0.26
C ALA A 45 -3.34 -14.18 0.07
N ALA A 46 -3.14 -13.27 1.05
CA ALA A 46 -2.08 -12.26 1.03
C ALA A 46 -0.69 -12.82 1.42
N PHE A 47 -0.59 -14.15 1.69
CA PHE A 47 0.70 -14.83 2.01
C PHE A 47 1.74 -14.69 0.87
N ARG A 48 1.24 -14.39 -0.34
CA ARG A 48 2.05 -14.18 -1.55
C ARG A 48 2.94 -12.93 -1.47
N SER A 49 2.62 -12.01 -0.54
CA SER A 49 3.33 -10.74 -0.39
C SER A 49 3.29 -10.27 1.10
N PRO A 50 4.46 -9.90 1.70
CA PRO A 50 4.51 -9.46 3.12
C PRO A 50 3.72 -8.16 3.35
N LEU A 51 3.83 -7.23 2.38
CA LEU A 51 3.25 -5.88 2.50
C LEU A 51 1.71 -5.95 2.50
N ALA A 52 1.13 -6.90 1.75
CA ALA A 52 -0.34 -7.07 1.67
C ALA A 52 -0.90 -7.47 3.04
N ARG A 53 -0.24 -8.44 3.69
CA ARG A 53 -0.57 -8.89 5.07
C ARG A 53 -0.37 -7.76 6.09
N GLN A 54 0.66 -6.92 5.86
CA GLN A 54 1.00 -5.77 6.72
C GLN A 54 -0.11 -4.68 6.62
N LEU A 55 -0.71 -4.55 5.42
CA LEU A 55 -1.88 -3.68 5.18
C LEU A 55 -3.17 -4.34 5.72
N PHE A 56 -3.20 -5.68 5.79
CA PHE A 56 -4.30 -6.44 6.43
C PHE A 56 -4.18 -6.43 7.97
N ARG A 57 -3.11 -5.82 8.51
CA ARG A 57 -3.02 -5.55 9.97
C ARG A 57 -3.93 -4.37 10.36
N ILE A 58 -4.38 -3.59 9.36
CA ILE A 58 -5.21 -2.39 9.55
C ILE A 58 -6.67 -2.83 9.65
N GLU A 59 -7.38 -2.36 10.69
CA GLU A 59 -8.77 -2.79 10.97
C GLU A 59 -9.81 -2.06 10.08
N GLY A 60 -9.33 -1.40 9.01
CA GLY A 60 -10.19 -0.78 8.02
C GLY A 60 -10.15 -1.48 6.67
N VAL A 61 -9.03 -2.18 6.39
CA VAL A 61 -8.75 -2.77 5.07
C VAL A 61 -9.54 -4.09 4.88
N LYS A 62 -10.36 -4.14 3.83
CA LYS A 62 -11.08 -5.34 3.41
C LYS A 62 -10.27 -6.14 2.39
N SER A 63 -9.52 -5.41 1.53
CA SER A 63 -8.76 -6.01 0.43
C SER A 63 -7.62 -5.08 -0.02
N VAL A 64 -6.50 -5.71 -0.43
CA VAL A 64 -5.30 -5.03 -0.95
C VAL A 64 -5.17 -5.31 -2.45
N PHE A 65 -4.79 -4.29 -3.22
CA PHE A 65 -4.49 -4.43 -4.66
C PHE A 65 -3.15 -3.75 -4.95
N PHE A 66 -2.23 -4.47 -5.62
CA PHE A 66 -0.96 -3.91 -6.11
C PHE A 66 -1.04 -3.71 -7.64
N GLY A 67 -0.52 -2.57 -8.09
CA GLY A 67 -0.51 -2.18 -9.50
C GLY A 67 0.76 -1.41 -9.87
N PRO A 68 0.95 -1.01 -11.16
CA PRO A 68 2.14 -0.25 -11.62
C PRO A 68 2.37 1.04 -10.81
N ASP A 69 3.38 0.98 -9.88
CA ASP A 69 3.83 2.11 -9.03
C ASP A 69 2.73 2.58 -8.06
N SER A 70 1.74 1.71 -7.76
CA SER A 70 0.58 2.10 -6.95
C SER A 70 0.07 0.93 -6.09
N ILE A 71 -0.43 1.26 -4.90
CA ILE A 71 -1.06 0.32 -3.98
C ILE A 71 -2.47 0.83 -3.70
N THR A 72 -3.48 0.19 -4.29
CA THR A 72 -4.87 0.59 -4.13
C THR A 72 -5.47 -0.23 -2.97
N VAL A 73 -5.92 0.45 -1.93
CA VAL A 73 -6.53 -0.17 -0.75
C VAL A 73 -8.05 0.00 -0.82
N THR A 74 -8.79 -1.00 -0.39
CA THR A 74 -10.25 -0.94 -0.27
C THR A 74 -10.64 -1.15 1.21
N LYS A 75 -11.57 -0.32 1.71
CA LYS A 75 -12.09 -0.40 3.09
C LYS A 75 -13.24 -1.43 3.18
N GLU A 76 -13.67 -1.74 4.42
CA GLU A 76 -14.75 -2.72 4.66
C GLU A 76 -16.13 -2.18 4.27
N ASN A 77 -16.48 -1.02 4.84
CA ASN A 77 -17.77 -0.34 4.57
C ASN A 77 -17.54 1.16 4.34
N GLU A 78 -18.52 1.83 3.73
CA GLU A 78 -18.43 3.26 3.33
C GLU A 78 -18.53 4.21 4.55
N GLU A 79 -18.74 3.65 5.76
CA GLU A 79 -18.72 4.43 7.01
C GLU A 79 -17.27 4.69 7.47
N LEU A 80 -16.33 3.82 7.05
CA LEU A 80 -14.89 3.99 7.35
C LEU A 80 -14.32 5.18 6.59
N ASP A 81 -13.78 6.14 7.32
CA ASP A 81 -13.12 7.33 6.75
C ASP A 81 -11.63 7.04 6.47
N TRP A 82 -11.13 7.50 5.31
CA TRP A 82 -9.75 7.21 4.85
C TRP A 82 -8.69 7.81 5.79
N ASN A 83 -8.97 8.97 6.39
CA ASN A 83 -7.99 9.69 7.27
C ASN A 83 -7.59 8.83 8.50
N LEU A 84 -8.42 7.81 8.83
CA LEU A 84 -8.13 6.86 9.91
C LEU A 84 -7.05 5.84 9.44
N LEU A 85 -7.22 5.32 8.21
CA LEU A 85 -6.35 4.28 7.63
C LEU A 85 -4.99 4.87 7.14
N LYS A 86 -5.05 6.05 6.48
CA LYS A 86 -3.88 6.68 5.80
C LYS A 86 -2.59 6.70 6.65
N PRO A 87 -2.56 7.25 7.92
CA PRO A 87 -1.29 7.35 8.70
C PRO A 87 -0.66 5.97 8.94
N ASP A 88 -1.51 4.91 9.01
CA ASP A 88 -1.03 3.53 9.15
C ASP A 88 -0.53 2.97 7.80
N ILE A 89 -1.25 3.28 6.69
CA ILE A 89 -0.87 2.83 5.32
C ILE A 89 0.49 3.42 4.93
N TYR A 90 0.63 4.74 5.17
CA TYR A 90 1.88 5.48 5.01
C TYR A 90 3.00 4.87 5.86
N ALA A 91 2.72 4.65 7.17
CA ALA A 91 3.68 4.06 8.12
C ALA A 91 4.23 2.70 7.63
N THR A 92 3.29 1.78 7.33
CA THR A 92 3.54 0.41 6.84
C THR A 92 4.45 0.40 5.59
N ILE A 93 4.07 1.22 4.59
CA ILE A 93 4.81 1.37 3.33
C ILE A 93 6.24 1.89 3.59
N MET A 94 6.34 2.96 4.41
CA MET A 94 7.61 3.63 4.70
C MET A 94 8.62 2.65 5.34
N ASP A 95 8.15 1.90 6.35
CA ASP A 95 8.95 0.87 7.06
C ASP A 95 9.43 -0.24 6.10
N PHE A 96 8.49 -0.74 5.27
CA PHE A 96 8.69 -1.90 4.38
C PHE A 96 9.81 -1.64 3.33
N PHE A 97 9.67 -0.51 2.60
CA PHE A 97 10.61 -0.12 1.52
C PHE A 97 11.93 0.44 2.10
N ALA A 98 11.87 1.01 3.34
CA ALA A 98 13.08 1.45 4.07
C ALA A 98 13.94 0.26 4.49
N SER A 99 13.27 -0.87 4.81
CA SER A 99 13.94 -2.13 5.17
C SER A 99 14.41 -2.89 3.92
N GLY A 100 13.80 -2.55 2.77
CA GLY A 100 14.11 -3.19 1.50
C GLY A 100 13.64 -4.64 1.44
N LEU A 101 12.45 -4.88 2.01
CA LEU A 101 11.82 -6.22 2.02
C LEU A 101 11.20 -6.52 0.64
N PRO A 102 11.22 -7.80 0.15
CA PRO A 102 10.63 -8.17 -1.15
C PRO A 102 9.11 -7.92 -1.19
N LEU A 103 8.66 -7.12 -2.18
CA LEU A 103 7.24 -6.75 -2.38
C LEU A 103 6.38 -8.03 -2.50
N VAL A 104 6.86 -8.97 -3.33
CA VAL A 104 6.18 -10.23 -3.62
C VAL A 104 7.15 -11.39 -3.32
N THR A 105 6.75 -12.31 -2.44
CA THR A 105 7.54 -13.51 -2.09
C THR A 105 7.20 -14.71 -3.01
N GLU A 106 5.91 -14.82 -3.39
CA GLU A 106 5.42 -15.88 -4.31
C GLU A 106 4.15 -15.38 -5.03
N GLU A 107 3.61 -16.18 -5.96
CA GLU A 107 2.45 -15.79 -6.78
C GLU A 107 1.51 -17.01 -6.99
#